data_6NLK
#
_entry.id   6NLK
#
_cell.length_a   129.815
_cell.length_b   194.557
_cell.length_c   203.501
_cell.angle_alpha   90.000
_cell.angle_beta   90.000
_cell.angle_gamma   90.000
#
_symmetry.space_group_name_H-M   'C 2 2 21'
#
loop_
_entity.id
_entity.type
_entity.pdbx_description
1 polymer Ferroxidase
2 non-polymer 'FE (II) ION'
3 non-polymer 4-{[3-(4-hydroxyphenyl)propyl]amino}-1H-isoindole-1,3(2H)-dione
4 non-polymer 'PROTOPORPHYRIN IX CONTAINING FE'
5 non-polymer 'TETRAETHYLENE GLYCOL'
6 water water
#
_entity_poly.entity_id   1
_entity_poly.type   'polypeptide(L)'
_entity_poly.pdbx_seq_one_letter_code
;MKGDKKVIQHLNKILGNELIAINQYFLHSRMWNDWGLKRLGAHEYHESIDEMKHADKLIERILFLEGLPNLQDLGKLLIG
ENTQEMLQCDLNLELKATKDLREAIVHCEQVHDYVSRDLLKDILESEEEHIDYLETQLGLIQKVGLENYLQSHMHEDD
;
_entity_poly.pdbx_strand_id   A,B,C,D,E,F,G,H,I,J,K,L
#
loop_
_chem_comp.id
_chem_comp.type
_chem_comp.name
_chem_comp.formula
FE2 non-polymer 'FE (II) ION' 'Fe 2'
HEM non-polymer 'PROTOPORPHYRIN IX CONTAINING FE' 'C34 H32 Fe N4 O4'
KTG non-polymer 4-{[3-(4-hydroxyphenyl)propyl]amino}-1H-isoindole-1,3(2H)-dione 'C17 H16 N2 O3'
PG4 non-polymer 'TETRAETHYLENE GLYCOL' 'C8 H18 O5'
#
# COMPACT_ATOMS: atom_id res chain seq x y z
N MET A 1 1.72 50.56 27.14
CA MET A 1 0.34 50.70 27.71
C MET A 1 0.44 50.40 29.20
N LYS A 2 0.28 51.40 30.06
CA LYS A 2 0.64 51.20 31.47
C LYS A 2 -0.31 50.19 32.08
N GLY A 3 0.24 49.14 32.65
CA GLY A 3 -0.57 48.12 33.26
C GLY A 3 -0.81 48.35 34.74
N ASP A 4 -1.67 47.50 35.29
CA ASP A 4 -1.92 47.46 36.72
C ASP A 4 -0.67 47.03 37.46
N LYS A 5 -0.34 47.75 38.54
CA LYS A 5 0.92 47.49 39.22
C LYS A 5 0.97 46.07 39.81
N LYS A 6 -0.12 45.64 40.42
CA LYS A 6 -0.14 44.34 41.04
C LYS A 6 -0.17 43.22 40.00
N VAL A 7 -0.82 43.43 38.85
CA VAL A 7 -0.66 42.48 37.73
C VAL A 7 0.81 42.29 37.42
N ILE A 8 1.53 43.40 37.21
CA ILE A 8 2.93 43.28 36.87
C ILE A 8 3.69 42.55 37.96
N GLN A 9 3.36 42.80 39.22
CA GLN A 9 4.01 42.06 40.30
C GLN A 9 3.73 40.56 40.20
N HIS A 10 2.49 40.20 39.94
CA HIS A 10 2.17 38.79 39.71
C HIS A 10 2.95 38.24 38.53
N LEU A 11 2.94 38.95 37.39
CA LEU A 11 3.68 38.46 36.24
C LEU A 11 5.13 38.26 36.57
N ASN A 12 5.72 39.16 37.39
CA ASN A 12 7.12 38.96 37.77
C ASN A 12 7.30 37.78 38.71
N LYS A 13 6.31 37.49 39.55
CA LYS A 13 6.43 36.30 40.38
C LYS A 13 6.38 35.04 39.51
N ILE A 14 5.47 35.01 38.54
CA ILE A 14 5.42 33.87 37.62
C ILE A 14 6.74 33.77 36.86
N LEU A 15 7.23 34.89 36.33
CA LEU A 15 8.54 34.90 35.68
C LEU A 15 9.62 34.32 36.58
N GLY A 16 9.62 34.72 37.86
CA GLY A 16 10.63 34.21 38.78
C GLY A 16 10.57 32.69 38.92
N ASN A 17 9.35 32.14 39.00
CA ASN A 17 9.20 30.68 39.00
C ASN A 17 9.74 30.07 37.72
N GLU A 18 9.42 30.67 36.57
CA GLU A 18 9.90 30.09 35.31
C GLU A 18 11.41 30.11 35.24
N LEU A 19 12.04 31.16 35.78
CA LEU A 19 13.50 31.22 35.76
C LEU A 19 14.14 30.14 36.62
N ILE A 20 13.55 29.83 37.77
CA ILE A 20 14.03 28.70 38.56
C ILE A 20 13.91 27.42 37.75
N ALA A 21 12.74 27.22 37.15
CA ALA A 21 12.47 26.00 36.39
C ALA A 21 13.42 25.85 35.20
N ILE A 22 13.71 26.94 34.46
CA ILE A 22 14.69 26.86 33.37
C ILE A 22 15.95 26.18 33.85
N ASN A 23 16.57 26.72 34.92
CA ASN A 23 17.86 26.22 35.34
C ASN A 23 17.76 24.84 35.95
N GLN A 24 16.75 24.62 36.78
CA GLN A 24 16.57 23.30 37.40
C GLN A 24 16.42 22.22 36.34
N TYR A 25 15.55 22.44 35.37
CA TYR A 25 15.34 21.46 34.31
C TYR A 25 16.58 21.33 33.45
N PHE A 26 17.26 22.45 33.14
CA PHE A 26 18.47 22.33 32.35
C PHE A 26 19.52 21.50 33.06
N LEU A 27 19.71 21.72 34.37
CA LEU A 27 20.73 20.94 35.10
C LEU A 27 20.34 19.47 35.18
N HIS A 28 19.08 19.19 35.49
CA HIS A 28 18.61 17.80 35.52
C HIS A 28 18.83 17.14 34.17
N SER A 29 18.53 17.85 33.09
CA SER A 29 18.74 17.30 31.75
C SER A 29 20.19 16.89 31.56
N ARG A 30 21.11 17.78 31.89
CA ARG A 30 22.49 17.49 31.65
C ARG A 30 23.03 16.43 32.62
N MET A 31 22.53 16.38 33.85
CA MET A 31 22.85 15.27 34.75
C MET A 31 22.42 13.93 34.15
N TRP A 32 21.18 13.84 33.69
CA TRP A 32 20.73 12.59 33.07
C TRP A 32 21.57 12.24 31.86
N ASN A 33 21.95 13.22 31.03
CA ASN A 33 22.81 12.90 29.88
C ASN A 33 24.16 12.39 30.35
N ASP A 34 24.76 13.06 31.34
CA ASP A 34 26.03 12.61 31.88
C ASP A 34 25.94 11.16 32.34
N TRP A 35 24.82 10.77 32.94
CA TRP A 35 24.67 9.40 33.41
C TRP A 35 24.33 8.41 32.30
N GLY A 36 24.10 8.87 31.07
CA GLY A 36 23.77 7.93 30.00
C GLY A 36 22.29 7.70 29.80
N LEU A 37 21.44 8.48 30.45
CA LEU A 37 19.99 8.38 30.35
C LEU A 37 19.48 9.46 29.38
N LYS A 38 19.81 9.26 28.11
CA LYS A 38 19.69 10.34 27.14
C LYS A 38 18.23 10.64 26.79
N ARG A 39 17.33 9.67 26.91
CA ARG A 39 15.93 9.96 26.63
C ARG A 39 15.32 10.84 27.72
N LEU A 40 15.68 10.58 28.98
CA LEU A 40 15.35 11.50 30.06
C LEU A 40 16.00 12.85 29.84
N GLY A 41 17.30 12.86 29.47
CA GLY A 41 17.99 14.11 29.23
C GLY A 41 17.32 14.95 28.16
N ALA A 42 16.92 14.31 27.04
CA ALA A 42 16.27 15.03 25.98
C ALA A 42 14.90 15.56 26.39
N HIS A 43 14.12 14.75 27.09
CA HIS A 43 12.79 15.21 27.46
C HIS A 43 12.88 16.38 28.42
N GLU A 44 13.77 16.28 29.40
CA GLU A 44 13.98 17.37 30.36
C GLU A 44 14.54 18.62 29.69
N TYR A 45 15.41 18.45 28.69
CA TYR A 45 15.86 19.60 27.91
C TYR A 45 14.67 20.31 27.28
N HIS A 46 13.75 19.55 26.69
CA HIS A 46 12.59 20.18 26.08
C HIS A 46 11.68 20.82 27.12
N GLU A 47 11.62 20.30 28.35
CA GLU A 47 10.89 21.02 29.38
C GLU A 47 11.55 22.35 29.71
N SER A 48 12.87 22.37 29.79
CA SER A 48 13.58 23.62 30.04
CA SER A 48 13.58 23.62 30.04
C SER A 48 13.33 24.62 28.92
N ILE A 49 13.44 24.18 27.65
CA ILE A 49 13.14 25.07 26.52
C ILE A 49 11.73 25.65 26.64
N ASP A 50 10.75 24.82 27.01
CA ASP A 50 9.38 25.31 27.15
C ASP A 50 9.28 26.42 28.17
N GLU A 51 9.95 26.27 29.31
CA GLU A 51 9.94 27.33 30.31
C GLU A 51 10.63 28.57 29.78
N MET A 52 11.69 28.40 28.99
CA MET A 52 12.34 29.54 28.37
C MET A 52 11.34 30.31 27.52
N LYS A 53 10.53 29.60 26.73
CA LYS A 53 9.56 30.28 25.88
C LYS A 53 8.49 30.96 26.70
N HIS A 54 8.04 30.33 27.80
CA HIS A 54 7.09 31.02 28.69
C HIS A 54 7.72 32.29 29.29
N ALA A 55 8.97 32.20 29.73
CA ALA A 55 9.63 33.36 30.32
C ALA A 55 9.72 34.50 29.31
N ASP A 56 10.04 34.18 28.05
CA ASP A 56 10.05 35.16 26.98
C ASP A 56 8.72 35.90 26.86
N LYS A 57 7.60 35.15 26.80
CA LYS A 57 6.31 35.82 26.67
C LYS A 57 6.00 36.69 27.89
N LEU A 58 6.41 36.25 29.09
CA LEU A 58 6.17 37.07 30.27
C LEU A 58 6.99 38.35 30.21
N ILE A 59 8.26 38.23 29.82
CA ILE A 59 9.14 39.41 29.66
C ILE A 59 8.51 40.39 28.69
N GLU A 60 7.99 39.89 27.57
CA GLU A 60 7.42 40.76 26.55
C GLU A 60 6.15 41.45 27.05
N ARG A 61 5.31 40.72 27.77
CA ARG A 61 4.08 41.29 28.33
C ARG A 61 4.40 42.36 29.36
N ILE A 62 5.34 42.07 30.25
CA ILE A 62 5.70 43.02 31.31
C ILE A 62 6.22 44.31 30.66
N LEU A 63 7.12 44.18 29.68
CA LEU A 63 7.64 45.38 29.03
C LEU A 63 6.53 46.16 28.33
N PHE A 64 5.61 45.46 27.65
CA PHE A 64 4.51 46.14 27.00
C PHE A 64 3.67 46.93 27.99
N LEU A 65 3.43 46.36 29.18
CA LEU A 65 2.68 47.01 30.25
C LEU A 65 3.51 48.05 30.99
N GLU A 66 4.75 48.29 30.55
CA GLU A 66 5.61 49.37 31.07
C GLU A 66 6.13 49.04 32.46
N GLY A 67 6.32 47.74 32.72
CA GLY A 67 6.98 47.28 33.91
C GLY A 67 8.39 46.84 33.60
N LEU A 68 9.07 46.46 34.66
CA LEU A 68 10.45 46.01 34.60
C LEU A 68 10.46 44.51 34.88
N PRO A 69 10.78 43.67 33.90
CA PRO A 69 10.85 42.22 34.17
C PRO A 69 12.09 41.90 34.99
N ASN A 70 11.90 41.16 36.06
CA ASN A 70 12.97 40.88 37.01
C ASN A 70 13.68 39.59 36.58
N LEU A 71 14.83 39.73 35.95
CA LEU A 71 15.69 38.60 35.65
C LEU A 71 16.87 38.50 36.61
N GLN A 72 16.89 39.33 37.64
CA GLN A 72 18.04 39.36 38.54
C GLN A 72 17.89 38.43 39.73
N ASP A 73 16.68 38.33 40.30
CA ASP A 73 16.44 37.51 41.48
C ASP A 73 16.15 36.09 41.00
N LEU A 74 16.95 35.14 41.43
CA LEU A 74 16.73 33.73 41.14
C LEU A 74 16.49 33.02 42.46
N GLY A 75 15.34 32.38 42.60
CA GLY A 75 15.03 31.64 43.79
C GLY A 75 15.71 30.29 43.83
N LYS A 76 15.32 29.48 44.81
CA LYS A 76 16.04 28.25 45.13
C LYS A 76 15.76 27.16 44.09
N LEU A 77 16.83 26.66 43.46
CA LEU A 77 16.75 25.47 42.62
C LEU A 77 16.60 24.22 43.47
N LEU A 78 15.71 23.34 43.05
CA LEU A 78 15.50 22.06 43.73
C LEU A 78 16.17 20.96 42.93
N ILE A 79 17.39 20.59 43.31
CA ILE A 79 18.19 19.66 42.54
C ILE A 79 18.20 18.33 43.25
N GLY A 80 17.77 17.28 42.57
CA GLY A 80 17.81 15.95 43.14
C GLY A 80 19.15 15.27 42.91
N GLU A 81 19.35 14.15 43.61
CA GLU A 81 20.57 13.38 43.47
C GLU A 81 20.33 12.05 42.78
N ASN A 82 19.08 11.70 42.48
CA ASN A 82 18.79 10.51 41.70
C ASN A 82 17.51 10.75 40.93
N THR A 83 17.19 9.83 40.01
CA THR A 83 16.11 10.08 39.05
C THR A 83 14.80 10.37 39.77
N GLN A 84 14.43 9.52 40.72
CA GLN A 84 13.16 9.71 41.43
C GLN A 84 13.10 11.06 42.11
N GLU A 85 14.18 11.44 42.81
CA GLU A 85 14.21 12.72 43.51
C GLU A 85 14.17 13.90 42.55
N MET A 86 14.84 13.77 41.40
CA MET A 86 14.84 14.84 40.39
C MET A 86 13.43 15.07 39.86
N LEU A 87 12.73 13.99 39.50
CA LEU A 87 11.35 14.14 39.07
C LEU A 87 10.49 14.75 40.18
N GLN A 88 10.66 14.30 41.43
CA GLN A 88 9.85 14.86 42.50
C GLN A 88 10.18 16.33 42.74
N CYS A 89 11.46 16.71 42.62
CA CYS A 89 11.82 18.13 42.73
C CYS A 89 11.15 18.94 41.63
N ASP A 90 11.10 18.40 40.42
CA ASP A 90 10.39 19.08 39.34
C ASP A 90 8.91 19.22 39.68
N LEU A 91 8.31 18.16 40.19
CA LEU A 91 6.88 18.21 40.53
C LEU A 91 6.60 19.20 41.65
N ASN A 92 7.43 19.22 42.71
CA ASN A 92 7.24 20.19 43.79
C ASN A 92 7.26 21.61 43.23
N LEU A 93 8.20 21.89 42.31
CA LEU A 93 8.30 23.21 41.71
C LEU A 93 7.06 23.54 40.91
N GLU A 94 6.59 22.58 40.10
CA GLU A 94 5.42 22.82 39.26
C GLU A 94 4.17 23.08 40.10
N LEU A 95 4.06 22.41 41.24
CA LEU A 95 2.88 22.61 42.06
C LEU A 95 2.90 23.99 42.69
N LYS A 96 4.07 24.49 43.11
CA LYS A 96 4.18 25.89 43.49
C LYS A 96 3.84 26.82 42.31
N ALA A 97 4.33 26.49 41.11
CA ALA A 97 4.07 27.33 39.95
C ALA A 97 2.58 27.47 39.66
N THR A 98 1.83 26.37 39.70
CA THR A 98 0.41 26.46 39.35
C THR A 98 -0.38 27.20 40.42
N LYS A 99 -0.02 27.03 41.70
CA LYS A 99 -0.65 27.84 42.74
C LYS A 99 -0.48 29.34 42.44
N ASP A 100 0.75 29.76 42.17
CA ASP A 100 0.98 31.17 41.83
C ASP A 100 0.23 31.59 40.57
N LEU A 101 0.17 30.72 39.55
CA LEU A 101 -0.55 31.09 38.33
C LEU A 101 -2.02 31.34 38.63
N ARG A 102 -2.62 30.51 39.48
CA ARG A 102 -4.04 30.67 39.80
C ARG A 102 -4.31 32.01 40.51
N GLU A 103 -3.51 32.34 41.52
CA GLU A 103 -3.68 33.62 42.20
C GLU A 103 -3.50 34.79 41.24
N ALA A 104 -2.52 34.71 40.35
CA ALA A 104 -2.31 35.77 39.35
C ALA A 104 -3.53 35.94 38.45
N ILE A 105 -4.12 34.82 38.00
CA ILE A 105 -5.30 34.89 37.14
C ILE A 105 -6.46 35.55 37.88
N VAL A 106 -6.67 35.19 39.15
CA VAL A 106 -7.74 35.83 39.93
C VAL A 106 -7.59 37.35 39.87
N HIS A 107 -6.37 37.84 40.08
CA HIS A 107 -6.19 39.28 40.10
C HIS A 107 -6.35 39.88 38.71
N CYS A 108 -5.81 39.23 37.68
CA CYS A 108 -6.01 39.74 36.32
C CYS A 108 -7.49 39.89 36.02
N GLU A 109 -8.28 38.88 36.41
CA GLU A 109 -9.72 38.95 36.19
C GLU A 109 -10.33 40.12 36.93
N GLN A 110 -9.88 40.34 38.16
CA GLN A 110 -10.45 41.39 38.99
C GLN A 110 -10.23 42.76 38.36
N VAL A 111 -9.04 43.01 37.81
CA VAL A 111 -8.74 44.32 37.23
C VAL A 111 -8.97 44.36 35.72
N HIS A 112 -9.57 43.31 35.15
CA HIS A 112 -10.03 43.28 33.77
C HIS A 112 -8.87 43.24 32.77
N ASP A 113 -7.73 42.72 33.19
CA ASP A 113 -6.61 42.49 32.28
C ASP A 113 -6.77 41.08 31.68
N TYR A 114 -7.73 41.01 30.76
CA TYR A 114 -8.10 39.73 30.17
C TYR A 114 -7.00 39.16 29.28
N VAL A 115 -6.17 40.02 28.69
CA VAL A 115 -5.09 39.51 27.86
C VAL A 115 -4.02 38.86 28.71
N SER A 116 -3.63 39.51 29.81
CA SER A 116 -2.68 38.87 30.70
C SER A 116 -3.26 37.58 31.26
N ARG A 117 -4.56 37.57 31.59
CA ARG A 117 -5.18 36.34 32.04
C ARG A 117 -5.04 35.24 31.00
N ASP A 118 -5.28 35.56 29.72
CA ASP A 118 -5.22 34.56 28.67
C ASP A 118 -3.81 33.98 28.54
N LEU A 119 -2.77 34.83 28.63
CA LEU A 119 -1.39 34.34 28.62
C LEU A 119 -1.13 33.39 29.76
N LEU A 120 -1.54 33.78 30.97
CA LEU A 120 -1.34 32.94 32.15
C LEU A 120 -2.11 31.63 32.05
N LYS A 121 -3.30 31.67 31.46
CA LYS A 121 -4.04 30.42 31.28
C LYS A 121 -3.29 29.48 30.36
N ASP A 122 -2.70 30.03 29.27
CA ASP A 122 -1.93 29.20 28.35
C ASP A 122 -0.73 28.60 29.06
N ILE A 123 -0.03 29.38 29.87
CA ILE A 123 1.11 28.86 30.61
C ILE A 123 0.64 27.80 31.61
N LEU A 124 -0.51 28.05 32.25
CA LEU A 124 -1.03 27.09 33.21
C LEU A 124 -1.36 25.78 32.52
N GLU A 125 -1.86 25.85 31.29
CA GLU A 125 -2.13 24.63 30.55
C GLU A 125 -0.84 23.84 30.32
N SER A 126 0.24 24.54 29.93
CA SER A 126 1.55 23.91 29.78
CA SER A 126 1.53 23.89 29.77
C SER A 126 2.06 23.33 31.09
N GLU A 127 1.90 24.06 32.19
CA GLU A 127 2.42 23.54 33.44
C GLU A 127 1.62 22.32 33.91
N GLU A 128 0.30 22.31 33.68
CA GLU A 128 -0.48 21.12 34.02
C GLU A 128 -0.09 19.93 33.14
N GLU A 129 0.28 20.15 31.87
CA GLU A 129 0.83 19.05 31.07
C GLU A 129 2.11 18.53 31.69
N HIS A 130 2.98 19.42 32.15
CA HIS A 130 4.22 18.96 32.77
C HIS A 130 3.94 18.14 34.03
N ILE A 131 2.98 18.58 34.85
CA ILE A 131 2.58 17.82 36.02
C ILE A 131 2.11 16.42 35.60
N ASP A 132 1.29 16.35 34.56
CA ASP A 132 0.87 15.04 34.04
C ASP A 132 2.09 14.17 33.72
N TYR A 133 3.02 14.69 32.93
CA TYR A 133 4.22 13.94 32.60
C TYR A 133 4.93 13.45 33.87
N LEU A 134 5.13 14.35 34.83
CA LEU A 134 5.90 14.00 36.03
C LEU A 134 5.19 12.95 36.86
N GLU A 135 3.91 13.16 37.15
CA GLU A 135 3.16 12.16 37.89
C GLU A 135 3.22 10.82 37.18
N THR A 136 3.11 10.84 35.86
CA THR A 136 3.12 9.60 35.10
C THR A 136 4.47 8.90 35.22
N GLN A 137 5.56 9.66 35.15
CA GLN A 137 6.87 9.03 35.25
C GLN A 137 7.07 8.42 36.63
N LEU A 138 6.60 9.11 37.68
CA LEU A 138 6.72 8.56 39.02
C LEU A 138 5.87 7.28 39.14
N GLY A 139 4.69 7.26 38.52
CA GLY A 139 3.88 6.06 38.54
C GLY A 139 4.50 4.90 37.78
N LEU A 140 5.13 5.19 36.63
CA LEU A 140 5.78 4.12 35.86
C LEU A 140 6.94 3.51 36.63
N ILE A 141 7.71 4.33 37.32
CA ILE A 141 8.80 3.78 38.13
C ILE A 141 8.25 2.75 39.11
N GLN A 142 7.09 3.03 39.70
CA GLN A 142 6.48 2.08 40.63
C GLN A 142 6.03 0.83 39.90
N LYS A 143 5.42 0.99 38.70
CA LYS A 143 4.84 -0.14 37.99
C LYS A 143 5.89 -1.02 37.32
N VAL A 144 6.92 -0.44 36.69
CA VAL A 144 7.91 -1.25 35.97
C VAL A 144 9.21 -1.41 36.76
N GLY A 145 9.36 -0.71 37.87
CA GLY A 145 10.63 -0.73 38.61
C GLY A 145 11.63 0.24 38.04
N LEU A 146 12.46 0.79 38.94
CA LEU A 146 13.40 1.81 38.52
C LEU A 146 14.38 1.30 37.48
N GLU A 147 14.92 0.09 37.67
CA GLU A 147 15.92 -0.38 36.72
C GLU A 147 15.34 -0.48 35.31
N ASN A 148 14.13 -1.03 35.18
CA ASN A 148 13.47 -1.04 33.87
C ASN A 148 13.16 0.36 33.37
N TYR A 149 12.64 1.22 34.24
CA TYR A 149 12.33 2.59 33.83
C TYR A 149 13.57 3.26 33.26
N LEU A 150 14.70 3.16 33.98
CA LEU A 150 15.94 3.75 33.49
C LEU A 150 16.43 3.08 32.21
N GLN A 151 16.32 1.75 32.11
CA GLN A 151 16.72 1.04 30.91
C GLN A 151 16.00 1.63 29.70
N SER A 152 14.71 1.92 29.86
CA SER A 152 13.88 2.45 28.81
C SER A 152 14.17 3.91 28.49
N HIS A 153 15.06 4.55 29.24
CA HIS A 153 15.39 5.94 28.98
C HIS A 153 16.86 6.12 28.68
N MET A 154 17.56 5.03 28.36
CA MET A 154 18.97 5.12 27.96
C MET A 154 19.13 5.74 26.58
N HIS A 155 18.33 5.29 25.61
CA HIS A 155 18.50 5.65 24.21
C HIS A 155 17.39 6.60 23.79
N GLU A 156 17.74 7.59 22.99
CA GLU A 156 16.73 8.45 22.36
C GLU A 156 16.02 7.72 21.22
N MET B 1 -3.16 14.56 39.37
CA MET B 1 -3.28 15.89 40.06
C MET B 1 -4.68 15.97 40.66
N LYS B 2 -4.79 16.00 41.99
CA LYS B 2 -6.11 15.89 42.61
C LYS B 2 -6.98 17.09 42.25
N GLY B 3 -8.09 16.82 41.58
CA GLY B 3 -9.02 17.87 41.21
C GLY B 3 -10.09 18.11 42.26
N ASP B 4 -10.80 19.22 42.09
CA ASP B 4 -11.96 19.53 42.91
C ASP B 4 -13.06 18.49 42.68
N LYS B 5 -13.59 17.94 43.76
CA LYS B 5 -14.60 16.89 43.63
C LYS B 5 -15.83 17.38 42.88
N LYS B 6 -16.27 18.61 43.14
CA LYS B 6 -17.44 19.08 42.43
C LYS B 6 -17.15 19.39 40.96
N VAL B 7 -15.94 19.87 40.63
CA VAL B 7 -15.57 19.98 39.21
C VAL B 7 -15.73 18.62 38.51
N ILE B 8 -15.17 17.57 39.10
CA ILE B 8 -15.22 16.24 38.50
C ILE B 8 -16.66 15.79 38.32
N GLN B 9 -17.51 16.07 39.31
CA GLN B 9 -18.91 15.76 39.16
C GLN B 9 -19.52 16.51 37.98
N HIS B 10 -19.17 17.79 37.81
CA HIS B 10 -19.63 18.54 36.64
C HIS B 10 -19.12 17.90 35.36
N LEU B 11 -17.83 17.55 35.32
CA LEU B 11 -17.28 16.98 34.09
C LEU B 11 -17.98 15.67 33.74
N ASN B 12 -18.27 14.84 34.76
CA ASN B 12 -19.00 13.61 34.49
C ASN B 12 -20.43 13.88 34.02
N LYS B 13 -21.05 14.97 34.48
CA LYS B 13 -22.39 15.31 34.00
C LYS B 13 -22.35 15.74 32.52
N ILE B 14 -21.35 16.55 32.16
CA ILE B 14 -21.17 16.93 30.76
C ILE B 14 -20.88 15.70 29.91
N LEU B 15 -19.98 14.84 30.40
CA LEU B 15 -19.69 13.58 29.71
C LEU B 15 -20.97 12.77 29.50
N GLY B 16 -21.80 12.66 30.53
CA GLY B 16 -23.08 12.00 30.36
C GLY B 16 -23.90 12.59 29.23
N ASN B 17 -23.90 13.92 29.13
CA ASN B 17 -24.62 14.56 28.03
C ASN B 17 -24.01 14.21 26.69
N GLU B 18 -22.67 14.23 26.61
CA GLU B 18 -22.01 13.89 25.36
C GLU B 18 -22.33 12.45 24.96
N LEU B 19 -22.41 11.54 25.94
CA LEU B 19 -22.69 10.14 25.60
C LEU B 19 -24.10 9.95 25.04
N ILE B 20 -25.09 10.65 25.59
CA ILE B 20 -26.42 10.63 24.97
C ILE B 20 -26.31 11.11 23.52
N ALA B 21 -25.60 12.22 23.31
CA ALA B 21 -25.54 12.85 22.00
C ALA B 21 -24.83 11.96 20.98
N ILE B 22 -23.78 11.26 21.40
CA ILE B 22 -23.12 10.33 20.48
C ILE B 22 -24.12 9.37 19.87
N ASN B 23 -24.90 8.71 20.74
CA ASN B 23 -25.78 7.64 20.28
C ASN B 23 -26.99 8.19 19.55
N GLN B 24 -27.55 9.31 20.03
CA GLN B 24 -28.68 9.94 19.36
C GLN B 24 -28.32 10.41 17.95
N TYR B 25 -27.21 11.14 17.82
CA TYR B 25 -26.78 11.58 16.48
C TYR B 25 -26.39 10.40 15.60
N PHE B 26 -25.79 9.35 16.18
CA PHE B 26 -25.40 8.24 15.33
C PHE B 26 -26.62 7.50 14.79
N LEU B 27 -27.62 7.30 15.63
CA LEU B 27 -28.86 6.65 15.18
C LEU B 27 -29.58 7.52 14.16
N HIS B 28 -29.70 8.81 14.41
CA HIS B 28 -30.34 9.69 13.44
C HIS B 28 -29.62 9.67 12.10
N SER B 29 -28.28 9.69 12.14
CA SER B 29 -27.46 9.61 10.93
C SER B 29 -27.80 8.38 10.12
N ARG B 30 -27.80 7.21 10.76
CA ARG B 30 -28.04 5.97 10.04
C ARG B 30 -29.50 5.83 9.61
N MET B 31 -30.45 6.40 10.37
CA MET B 31 -31.83 6.50 9.87
C MET B 31 -31.89 7.31 8.57
N TRP B 32 -31.29 8.50 8.58
CA TRP B 32 -31.32 9.33 7.38
C TRP B 32 -30.64 8.62 6.23
N ASN B 33 -29.54 7.92 6.47
CA ASN B 33 -28.94 7.19 5.35
C ASN B 33 -29.86 6.09 4.84
N ASP B 34 -30.52 5.38 5.75
CA ASP B 34 -31.44 4.32 5.33
C ASP B 34 -32.55 4.88 4.44
N TRP B 35 -33.03 6.09 4.75
CA TRP B 35 -34.09 6.73 3.98
C TRP B 35 -33.60 7.36 2.68
N GLY B 36 -32.31 7.31 2.40
CA GLY B 36 -31.78 7.93 1.21
C GLY B 36 -31.46 9.40 1.34
N LEU B 37 -31.49 9.95 2.55
CA LEU B 37 -31.16 11.35 2.77
C LEU B 37 -29.70 11.46 3.21
N LYS B 38 -28.81 11.15 2.25
CA LYS B 38 -27.40 10.93 2.55
C LYS B 38 -26.68 12.18 3.03
N ARG B 39 -27.11 13.37 2.58
CA ARG B 39 -26.45 14.59 3.04
C ARG B 39 -26.71 14.82 4.52
N LEU B 40 -27.96 14.63 4.92
CA LEU B 40 -28.28 14.70 6.35
C LEU B 40 -27.55 13.60 7.11
N GLY B 41 -27.51 12.39 6.55
CA GLY B 41 -26.84 11.30 7.25
C GLY B 41 -25.37 11.59 7.49
N ALA B 42 -24.67 12.11 6.47
CA ALA B 42 -23.25 12.38 6.61
C ALA B 42 -22.99 13.52 7.58
N HIS B 43 -23.79 14.58 7.49
CA HIS B 43 -23.62 15.68 8.43
C HIS B 43 -23.87 15.23 9.85
N GLU B 44 -24.92 14.45 10.07
CA GLU B 44 -25.24 13.97 11.42
C GLU B 44 -24.16 13.00 11.93
N TYR B 45 -23.59 12.20 11.03
CA TYR B 45 -22.44 11.39 11.38
C TYR B 45 -21.30 12.25 11.92
N HIS B 46 -21.00 13.34 11.23
CA HIS B 46 -19.90 14.19 11.67
C HIS B 46 -20.22 14.84 13.00
N GLU B 47 -21.48 15.16 13.26
CA GLU B 47 -21.86 15.65 14.58
C GLU B 47 -21.59 14.59 15.66
N SER B 48 -21.96 13.32 15.40
CA SER B 48 -21.69 12.24 16.35
CA SER B 48 -21.70 12.28 16.39
C SER B 48 -20.21 12.11 16.64
N ILE B 49 -19.39 12.13 15.58
CA ILE B 49 -17.93 12.04 15.72
C ILE B 49 -17.43 13.18 16.60
N ASP B 50 -17.93 14.39 16.36
CA ASP B 50 -17.49 15.54 17.15
C ASP B 50 -17.80 15.35 18.63
N GLU B 51 -18.98 14.80 18.95
CA GLU B 51 -19.31 14.53 20.33
C GLU B 51 -18.40 13.46 20.92
N MET B 52 -18.05 12.46 20.11
CA MET B 52 -17.10 11.44 20.55
C MET B 52 -15.77 12.07 20.93
N LYS B 53 -15.30 13.04 20.12
CA LYS B 53 -14.05 13.70 20.44
C LYS B 53 -14.15 14.51 21.72
N HIS B 54 -15.27 15.20 21.95
CA HIS B 54 -15.48 15.88 23.24
C HIS B 54 -15.47 14.90 24.40
N ALA B 55 -16.18 13.78 24.26
CA ALA B 55 -16.20 12.80 25.34
C ALA B 55 -14.80 12.31 25.65
N ASP B 56 -13.99 12.06 24.61
CA ASP B 56 -12.59 11.66 24.82
C ASP B 56 -11.87 12.69 25.70
N LYS B 57 -11.97 13.98 25.35
CA LYS B 57 -11.25 15.00 26.12
C LYS B 57 -11.75 15.06 27.56
N LEU B 58 -13.06 14.91 27.77
CA LEU B 58 -13.60 14.89 29.14
C LEU B 58 -13.07 13.69 29.92
N ILE B 59 -13.03 12.52 29.29
CA ILE B 59 -12.53 11.33 29.96
C ILE B 59 -11.09 11.52 30.39
N GLU B 60 -10.28 12.06 29.48
CA GLU B 60 -8.87 12.30 29.74
C GLU B 60 -8.69 13.29 30.88
N ARG B 61 -9.50 14.35 30.90
CA ARG B 61 -9.37 15.36 31.96
C ARG B 61 -9.80 14.78 33.32
N ILE B 62 -10.92 14.04 33.36
CA ILE B 62 -11.35 13.43 34.61
C ILE B 62 -10.27 12.50 35.17
N LEU B 63 -9.66 11.68 34.31
CA LEU B 63 -8.61 10.77 34.76
C LEU B 63 -7.37 11.53 35.24
N PHE B 64 -6.95 12.55 34.50
CA PHE B 64 -5.86 13.39 34.98
C PHE B 64 -6.15 13.97 36.38
N LEU B 65 -7.38 14.40 36.63
CA LEU B 65 -7.77 14.94 37.94
C LEU B 65 -8.06 13.87 38.98
N GLU B 66 -7.78 12.60 38.66
CA GLU B 66 -7.88 11.47 39.59
C GLU B 66 -9.32 11.16 39.96
N GLY B 67 -10.25 11.44 39.04
CA GLY B 67 -11.62 10.98 39.17
C GLY B 67 -11.89 9.75 38.30
N LEU B 68 -13.13 9.30 38.34
CA LEU B 68 -13.55 8.10 37.62
C LEU B 68 -14.55 8.51 36.55
N PRO B 69 -14.20 8.43 35.26
CA PRO B 69 -15.15 8.86 34.22
C PRO B 69 -16.32 7.91 34.14
N ASN B 70 -17.53 8.44 34.10
CA ASN B 70 -18.72 7.57 34.14
C ASN B 70 -19.17 7.30 32.71
N LEU B 71 -18.87 6.11 32.20
CA LEU B 71 -19.34 5.68 30.89
C LEU B 71 -20.45 4.63 31.01
N GLN B 72 -20.95 4.41 32.23
CA GLN B 72 -21.90 3.35 32.51
C GLN B 72 -23.34 3.83 32.41
N ASP B 73 -23.60 5.06 32.84
CA ASP B 73 -24.95 5.57 32.97
C ASP B 73 -25.27 6.33 31.68
N LEU B 74 -26.25 5.84 30.95
CA LEU B 74 -26.65 6.44 29.69
C LEU B 74 -28.06 6.98 29.86
N GLY B 75 -28.20 8.30 29.70
CA GLY B 75 -29.49 8.95 29.82
C GLY B 75 -30.37 8.71 28.61
N LYS B 76 -31.52 9.37 28.62
CA LYS B 76 -32.58 9.13 27.64
C LYS B 76 -32.19 9.69 26.28
N LEU B 77 -32.20 8.83 25.27
CA LEU B 77 -32.05 9.29 23.89
C LEU B 77 -33.36 9.90 23.42
N LEU B 78 -33.25 10.99 22.66
CA LEU B 78 -34.40 11.67 22.06
C LEU B 78 -34.39 11.35 20.57
N ILE B 79 -35.15 10.34 20.17
CA ILE B 79 -35.15 9.87 18.80
C ILE B 79 -36.40 10.35 18.10
N GLY B 80 -36.24 10.98 16.94
CA GLY B 80 -37.40 11.40 16.19
C GLY B 80 -37.90 10.32 15.23
N GLU B 81 -39.10 10.55 14.69
CA GLU B 81 -39.67 9.61 13.73
C GLU B 81 -39.71 10.15 12.31
N ASN B 82 -39.40 11.43 12.11
CA ASN B 82 -39.24 12.02 10.79
C ASN B 82 -38.19 13.13 10.92
N THR B 83 -37.78 13.67 9.78
CA THR B 83 -36.67 14.63 9.75
C THR B 83 -36.93 15.81 10.69
N GLN B 84 -38.11 16.41 10.59
CA GLN B 84 -38.44 17.57 11.43
C GLN B 84 -38.31 17.24 12.92
N GLU B 85 -38.84 16.10 13.34
CA GLU B 85 -38.73 15.78 14.75
C GLU B 85 -37.30 15.47 15.14
N MET B 86 -36.55 14.82 14.26
CA MET B 86 -35.19 14.44 14.60
C MET B 86 -34.32 15.68 14.83
N LEU B 87 -34.47 16.69 13.96
CA LEU B 87 -33.75 17.93 14.14
C LEU B 87 -34.15 18.61 15.45
N GLN B 88 -35.43 18.60 15.78
CA GLN B 88 -35.87 19.26 17.00
C GLN B 88 -35.40 18.49 18.22
N CYS B 89 -35.36 17.15 18.13
CA CYS B 89 -34.81 16.36 19.24
C CYS B 89 -33.35 16.69 19.47
N ASP B 90 -32.59 16.86 18.39
CA ASP B 90 -31.20 17.29 18.53
C ASP B 90 -31.12 18.65 19.20
N LEU B 91 -31.97 19.59 18.77
CA LEU B 91 -31.93 20.93 19.34
C LEU B 91 -32.29 20.91 20.82
N ASN B 92 -33.31 20.11 21.19
CA ASN B 92 -33.69 20.04 22.59
C ASN B 92 -32.55 19.52 23.44
N LEU B 93 -31.84 18.51 22.92
CA LEU B 93 -30.69 17.97 23.65
C LEU B 93 -29.59 19.00 23.79
N GLU B 94 -29.27 19.72 22.70
CA GLU B 94 -28.18 20.69 22.73
C GLU B 94 -28.47 21.81 23.72
N LEU B 95 -29.73 22.23 23.81
CA LEU B 95 -30.07 23.30 24.73
C LEU B 95 -29.92 22.87 26.18
N LYS B 96 -30.22 21.61 26.50
CA LYS B 96 -29.86 21.11 27.83
C LYS B 96 -28.34 21.03 28.00
N ALA B 97 -27.63 20.66 26.94
CA ALA B 97 -26.18 20.54 27.03
C ALA B 97 -25.52 21.88 27.34
N THR B 98 -25.96 22.95 26.70
CA THR B 98 -25.32 24.24 26.94
C THR B 98 -25.67 24.78 28.32
N LYS B 99 -26.88 24.51 28.82
CA LYS B 99 -27.19 24.92 30.18
C LYS B 99 -26.25 24.27 31.18
N ASP B 100 -25.97 22.97 31.01
CA ASP B 100 -25.08 22.27 31.92
C ASP B 100 -23.63 22.76 31.79
N LEU B 101 -23.20 23.08 30.56
CA LEU B 101 -21.85 23.58 30.35
C LEU B 101 -21.65 24.91 31.09
N ARG B 102 -22.64 25.82 30.98
CA ARG B 102 -22.54 27.10 31.63
C ARG B 102 -22.43 26.92 33.14
N GLU B 103 -23.24 26.04 33.73
CA GLU B 103 -23.19 25.84 35.17
C GLU B 103 -21.87 25.22 35.62
N ALA B 104 -21.30 24.36 34.79
CA ALA B 104 -20.00 23.78 35.09
C ALA B 104 -18.89 24.81 35.02
N ILE B 105 -18.92 25.70 34.02
CA ILE B 105 -17.92 26.75 33.90
C ILE B 105 -17.97 27.67 35.12
N VAL B 106 -19.17 28.08 35.53
CA VAL B 106 -19.31 28.86 36.75
C VAL B 106 -18.54 28.20 37.89
N HIS B 107 -18.71 26.89 38.05
CA HIS B 107 -18.06 26.24 39.19
C HIS B 107 -16.54 26.15 39.01
N CYS B 108 -16.07 25.82 37.80
CA CYS B 108 -14.63 25.84 37.54
C CYS B 108 -14.00 27.18 37.87
N GLU B 109 -14.65 28.27 37.48
CA GLU B 109 -14.11 29.61 37.76
C GLU B 109 -14.00 29.82 39.26
N GLN B 110 -15.04 29.43 39.99
CA GLN B 110 -15.08 29.68 41.43
C GLN B 110 -13.94 28.98 42.16
N VAL B 111 -13.58 27.78 41.74
CA VAL B 111 -12.51 27.03 42.38
C VAL B 111 -11.18 27.18 41.64
N HIS B 112 -11.10 28.08 40.67
CA HIS B 112 -9.84 28.41 39.97
C HIS B 112 -9.31 27.27 39.11
N ASP B 113 -10.17 26.37 38.65
CA ASP B 113 -9.74 25.32 37.72
C ASP B 113 -9.90 25.88 36.31
N TYR B 114 -8.92 26.70 35.94
CA TYR B 114 -9.07 27.47 34.71
C TYR B 114 -8.85 26.61 33.47
N VAL B 115 -8.10 25.51 33.61
CA VAL B 115 -7.90 24.61 32.46
C VAL B 115 -9.18 23.84 32.16
N SER B 116 -9.87 23.32 33.19
CA SER B 116 -11.15 22.69 32.94
C SER B 116 -12.16 23.68 32.36
N ARG B 117 -12.16 24.91 32.85
CA ARG B 117 -13.01 25.94 32.25
C ARG B 117 -12.74 26.09 30.76
N ASP B 118 -11.46 26.17 30.38
CA ASP B 118 -11.10 26.39 28.98
C ASP B 118 -11.55 25.23 28.10
N LEU B 119 -11.40 24.00 28.58
CA LEU B 119 -11.94 22.83 27.88
C LEU B 119 -13.44 22.97 27.66
N LEU B 120 -14.18 23.26 28.73
CA LEU B 120 -15.63 23.38 28.64
C LEU B 120 -16.06 24.52 27.74
N LYS B 121 -15.31 25.63 27.75
CA LYS B 121 -15.60 26.74 26.84
C LYS B 121 -15.48 26.30 25.39
N ASP B 122 -14.41 25.57 25.07
CA ASP B 122 -14.22 25.03 23.74
C ASP B 122 -15.37 24.11 23.35
N ILE B 123 -15.81 23.25 24.28
CA ILE B 123 -16.94 22.36 23.97
C ILE B 123 -18.21 23.16 23.75
N LEU B 124 -18.43 24.17 24.59
CA LEU B 124 -19.57 25.06 24.45
C LEU B 124 -19.58 25.74 23.08
N GLU B 125 -18.43 26.22 22.60
CA GLU B 125 -18.36 26.81 21.27
C GLU B 125 -18.82 25.82 20.21
N SER B 126 -18.42 24.56 20.35
CA SER B 126 -18.90 23.52 19.44
CA SER B 126 -18.90 23.53 19.42
C SER B 126 -20.40 23.33 19.56
N GLU B 127 -20.91 23.27 20.79
CA GLU B 127 -22.34 23.03 20.91
C GLU B 127 -23.15 24.22 20.39
N GLU B 128 -22.66 25.47 20.57
CA GLU B 128 -23.37 26.60 20.00
C GLU B 128 -23.35 26.56 18.47
N GLU B 129 -22.26 26.06 17.87
CA GLU B 129 -22.23 25.90 16.42
C GLU B 129 -23.22 24.84 15.98
N HIS B 130 -23.41 23.79 16.79
CA HIS B 130 -24.44 22.81 16.45
C HIS B 130 -25.82 23.42 16.56
N ILE B 131 -26.06 24.26 17.58
CA ILE B 131 -27.36 24.91 17.69
C ILE B 131 -27.61 25.80 16.48
N ASP B 132 -26.60 26.56 16.05
CA ASP B 132 -26.74 27.38 14.85
C ASP B 132 -27.17 26.52 13.66
N TYR B 133 -26.47 25.41 13.43
CA TYR B 133 -26.83 24.51 12.34
C TYR B 133 -28.30 24.05 12.44
N LEU B 134 -28.73 23.62 13.63
CA LEU B 134 -30.06 23.06 13.80
C LEU B 134 -31.13 24.12 13.59
N GLU B 135 -30.96 25.29 14.24
CA GLU B 135 -31.90 26.39 14.03
C GLU B 135 -31.97 26.76 12.56
N THR B 136 -30.84 26.73 11.87
CA THR B 136 -30.80 27.06 10.44
C THR B 136 -31.56 26.04 9.61
N GLN B 137 -31.38 24.75 9.88
CA GLN B 137 -32.12 23.74 9.12
C GLN B 137 -33.63 23.87 9.34
N LEU B 138 -34.04 24.11 10.58
CA LEU B 138 -35.47 24.27 10.84
C LEU B 138 -36.02 25.49 10.14
N GLY B 139 -35.23 26.56 10.06
CA GLY B 139 -35.66 27.74 9.32
C GLY B 139 -35.77 27.47 7.83
N LEU B 140 -34.79 26.73 7.29
CA LEU B 140 -34.82 26.39 5.87
C LEU B 140 -36.04 25.57 5.52
N ILE B 141 -36.44 24.64 6.41
CA ILE B 141 -37.64 23.86 6.14
C ILE B 141 -38.83 24.79 5.91
N GLN B 142 -38.96 25.85 6.71
CA GLN B 142 -40.05 26.81 6.52
C GLN B 142 -39.88 27.61 5.22
N LYS B 143 -38.66 28.01 4.89
CA LYS B 143 -38.41 28.88 3.74
C LYS B 143 -38.56 28.14 2.42
N VAL B 144 -38.03 26.92 2.30
CA VAL B 144 -38.06 26.21 1.03
C VAL B 144 -39.17 25.16 0.95
N GLY B 145 -39.85 24.88 2.07
CA GLY B 145 -40.77 23.75 2.14
C GLY B 145 -40.09 22.42 2.41
N LEU B 146 -40.82 21.51 3.08
CA LEU B 146 -40.20 20.25 3.50
C LEU B 146 -39.75 19.41 2.31
N GLU B 147 -40.57 19.31 1.26
CA GLU B 147 -40.19 18.47 0.13
C GLU B 147 -38.88 18.94 -0.50
N ASN B 148 -38.74 20.25 -0.72
CA ASN B 148 -37.48 20.76 -1.28
C ASN B 148 -36.33 20.55 -0.31
N TYR B 149 -36.57 20.81 0.97
CA TYR B 149 -35.50 20.63 1.96
C TYR B 149 -34.96 19.21 1.93
N LEU B 150 -35.86 18.22 1.90
CA LEU B 150 -35.43 16.83 1.88
C LEU B 150 -34.77 16.51 0.54
N GLN B 151 -35.31 17.04 -0.55
CA GLN B 151 -34.68 16.82 -1.85
C GLN B 151 -33.23 17.28 -1.81
N SER B 152 -32.99 18.46 -1.25
CA SER B 152 -31.66 19.04 -1.16
C SER B 152 -30.71 18.21 -0.30
N HIS B 153 -31.24 17.23 0.43
CA HIS B 153 -30.38 16.43 1.30
C HIS B 153 -30.34 14.97 0.88
N MET B 154 -30.76 14.67 -0.35
CA MET B 154 -30.66 13.30 -0.86
C MET B 154 -29.22 12.95 -1.20
N HIS B 155 -28.55 13.82 -1.93
CA HIS B 155 -27.24 13.51 -2.50
C HIS B 155 -26.16 14.24 -1.71
N GLU B 156 -25.03 13.57 -1.53
CA GLU B 156 -23.84 14.23 -1.01
C GLU B 156 -23.16 15.06 -2.11
N MET C 1 -15.44 -31.19 -12.87
CA MET C 1 -15.74 -31.94 -11.61
C MET C 1 -17.25 -32.25 -11.56
N LYS C 2 -17.65 -33.49 -11.30
CA LYS C 2 -19.06 -33.82 -11.43
C LYS C 2 -19.85 -33.18 -10.31
N GLY C 3 -20.69 -32.22 -10.62
CA GLY C 3 -21.51 -31.58 -9.61
C GLY C 3 -22.83 -32.30 -9.39
N ASP C 4 -23.52 -31.90 -8.33
CA ASP C 4 -24.82 -32.45 -8.00
C ASP C 4 -25.87 -31.99 -9.01
N LYS C 5 -26.66 -32.95 -9.53
CA LYS C 5 -27.63 -32.61 -10.56
C LYS C 5 -28.60 -31.53 -10.09
N LYS C 6 -29.09 -31.63 -8.85
CA LYS C 6 -30.07 -30.63 -8.39
C LYS C 6 -29.40 -29.27 -8.11
N VAL C 7 -28.15 -29.25 -7.63
CA VAL C 7 -27.39 -28.00 -7.55
C VAL C 7 -27.38 -27.31 -8.90
N ILE C 8 -27.01 -28.06 -9.96
CA ILE C 8 -26.96 -27.48 -11.30
C ILE C 8 -28.33 -26.95 -11.72
N GLN C 9 -29.41 -27.69 -11.40
CA GLN C 9 -30.74 -27.16 -11.66
C GLN C 9 -30.98 -25.85 -10.91
N HIS C 10 -30.60 -25.78 -9.63
CA HIS C 10 -30.77 -24.52 -8.89
C HIS C 10 -29.93 -23.41 -9.53
N LEU C 11 -28.70 -23.73 -9.91
CA LEU C 11 -27.84 -22.71 -10.52
C LEU C 11 -28.43 -22.22 -11.83
N ASN C 12 -29.03 -23.12 -12.62
CA ASN C 12 -29.69 -22.68 -13.84
C ASN C 12 -30.91 -21.83 -13.55
N LYS C 13 -31.63 -22.10 -12.46
CA LYS C 13 -32.77 -21.26 -12.10
C LYS C 13 -32.33 -19.84 -11.74
N ILE C 14 -31.30 -19.73 -10.92
CA ILE C 14 -30.74 -18.42 -10.57
C ILE C 14 -30.26 -17.70 -11.82
N LEU C 15 -29.52 -18.39 -12.68
CA LEU C 15 -29.09 -17.82 -13.95
C LEU C 15 -30.29 -17.32 -14.75
N GLY C 16 -31.34 -18.14 -14.84
CA GLY C 16 -32.55 -17.70 -15.52
C GLY C 16 -33.10 -16.41 -14.94
N ASN C 17 -33.04 -16.26 -13.63
CA ASN C 17 -33.48 -15.01 -13.01
C ASN C 17 -32.57 -13.85 -13.41
N GLU C 18 -31.26 -14.07 -13.41
CA GLU C 18 -30.33 -13.01 -13.78
C GLU C 18 -30.52 -12.60 -15.25
N LEU C 19 -30.80 -13.55 -16.13
CA LEU C 19 -31.00 -13.22 -17.54
C LEU C 19 -32.22 -12.32 -17.73
N ILE C 20 -33.30 -12.56 -16.97
CA ILE C 20 -34.46 -11.67 -17.01
C ILE C 20 -34.06 -10.29 -16.54
N ALA C 21 -33.33 -10.24 -15.41
CA ALA C 21 -32.95 -8.97 -14.80
C ALA C 21 -32.05 -8.17 -15.73
N ILE C 22 -31.09 -8.83 -16.38
CA ILE C 22 -30.18 -8.12 -17.30
C ILE C 22 -30.99 -7.31 -18.31
N ASN C 23 -31.94 -8.00 -18.97
CA ASN C 23 -32.73 -7.37 -20.02
C ASN C 23 -33.71 -6.35 -19.47
N GLN C 24 -34.37 -6.67 -18.35
CA GLN C 24 -35.31 -5.71 -17.74
C GLN C 24 -34.59 -4.44 -17.31
N TYR C 25 -33.47 -4.58 -16.59
CA TYR C 25 -32.68 -3.42 -16.17
C TYR C 25 -32.11 -2.64 -17.36
N PHE C 26 -31.60 -3.35 -18.38
CA PHE C 26 -31.05 -2.62 -19.52
C PHE C 26 -32.12 -1.82 -20.25
N LEU C 27 -33.30 -2.41 -20.46
CA LEU C 27 -34.38 -1.63 -21.09
C LEU C 27 -34.82 -0.48 -20.20
N HIS C 28 -34.99 -0.72 -18.90
CA HIS C 28 -35.41 0.39 -18.04
C HIS C 28 -34.37 1.50 -18.08
N SER C 29 -33.10 1.12 -18.17
CA SER C 29 -32.03 2.11 -18.21
C SER C 29 -32.18 2.99 -19.42
N ARG C 30 -32.38 2.36 -20.57
CA ARG C 30 -32.43 3.11 -21.84
C ARG C 30 -33.73 3.89 -21.98
N MET C 31 -34.83 3.41 -21.41
CA MET C 31 -36.03 4.24 -21.30
C MET C 31 -35.77 5.50 -20.50
N TRP C 32 -35.13 5.36 -19.33
CA TRP C 32 -34.85 6.53 -18.51
C TRP C 32 -33.93 7.49 -19.26
N ASN C 33 -32.91 6.96 -19.92
CA ASN C 33 -32.05 7.85 -20.72
C ASN C 33 -32.86 8.55 -21.81
N ASP C 34 -33.68 7.79 -22.53
CA ASP C 34 -34.50 8.40 -23.59
C ASP C 34 -35.34 9.54 -23.04
N TRP C 35 -35.85 9.41 -21.82
CA TRP C 35 -36.67 10.45 -21.20
C TRP C 35 -35.88 11.58 -20.57
N GLY C 36 -34.56 11.53 -20.61
CA GLY C 36 -33.75 12.57 -19.99
C GLY C 36 -33.50 12.40 -18.50
N LEU C 37 -33.86 11.25 -17.94
CA LEU C 37 -33.64 10.98 -16.51
C LEU C 37 -32.35 10.21 -16.36
N LYS C 38 -31.24 10.89 -16.69
CA LYS C 38 -30.00 10.17 -16.98
C LYS C 38 -29.34 9.62 -15.73
N ARG C 39 -29.62 10.17 -14.56
CA ARG C 39 -29.06 9.59 -13.35
C ARG C 39 -29.70 8.25 -13.05
N LEU C 40 -31.02 8.14 -13.23
CA LEU C 40 -31.66 6.83 -13.15
C LEU C 40 -31.16 5.91 -14.26
N GLY C 41 -31.02 6.43 -15.47
CA GLY C 41 -30.53 5.61 -16.56
C GLY C 41 -29.15 5.04 -16.29
N ALA C 42 -28.24 5.89 -15.78
CA ALA C 42 -26.89 5.41 -15.49
C ALA C 42 -26.89 4.38 -14.35
N HIS C 43 -27.62 4.65 -13.26
CA HIS C 43 -27.66 3.70 -12.16
C HIS C 43 -28.23 2.36 -12.59
N GLU C 44 -29.29 2.40 -13.39
CA GLU C 44 -29.93 1.17 -13.84
C GLU C 44 -29.05 0.41 -14.82
N TYR C 45 -28.25 1.13 -15.61
CA TYR C 45 -27.24 0.49 -16.46
C TYR C 45 -26.24 -0.28 -15.61
N HIS C 46 -25.74 0.34 -14.54
CA HIS C 46 -24.81 -0.40 -13.68
C HIS C 46 -25.49 -1.59 -13.00
N GLU C 47 -26.78 -1.48 -12.65
CA GLU C 47 -27.49 -2.66 -12.15
C GLU C 47 -27.51 -3.79 -13.17
N SER C 48 -27.77 -3.46 -14.44
CA SER C 48 -27.76 -4.49 -15.48
CA SER C 48 -27.76 -4.48 -15.48
C SER C 48 -26.39 -5.11 -15.63
N ILE C 49 -25.33 -4.29 -15.62
CA ILE C 49 -23.98 -4.81 -15.73
C ILE C 49 -23.67 -5.76 -14.56
N ASP C 50 -24.07 -5.37 -13.34
CA ASP C 50 -23.85 -6.23 -12.20
C ASP C 50 -24.53 -7.59 -12.38
N GLU C 51 -25.75 -7.60 -12.93
CA GLU C 51 -26.40 -8.88 -13.18
C GLU C 51 -25.67 -9.68 -14.24
N MET C 52 -25.13 -9.00 -15.27
CA MET C 52 -24.34 -9.69 -16.27
C MET C 52 -23.14 -10.41 -15.65
N LYS C 53 -22.46 -9.75 -14.71
CA LYS C 53 -21.31 -10.36 -14.06
C LYS C 53 -21.73 -11.56 -13.21
N HIS C 54 -22.86 -11.47 -12.51
CA HIS C 54 -23.37 -12.63 -11.78
C HIS C 54 -23.67 -13.79 -12.73
N ALA C 55 -24.34 -13.49 -13.85
CA ALA C 55 -24.65 -14.54 -14.81
C ALA C 55 -23.38 -15.19 -15.31
N ASP C 56 -22.33 -14.39 -15.57
CA ASP C 56 -21.05 -14.94 -16.00
C ASP C 56 -20.55 -15.96 -14.99
N LYS C 57 -20.55 -15.59 -13.71
CA LYS C 57 -20.03 -16.49 -12.70
C LYS C 57 -20.86 -17.76 -12.61
N LEU C 58 -22.17 -17.65 -12.73
CA LEU C 58 -23.03 -18.83 -12.69
C LEU C 58 -22.73 -19.79 -13.86
N ILE C 59 -22.60 -19.23 -15.06
CA ILE C 59 -22.27 -20.02 -16.24
C ILE C 59 -20.93 -20.72 -16.06
N GLU C 60 -19.94 -20.02 -15.54
CA GLU C 60 -18.65 -20.65 -15.34
C GLU C 60 -18.73 -21.79 -14.33
N ARG C 61 -19.49 -21.59 -13.25
CA ARG C 61 -19.62 -22.62 -12.21
C ARG C 61 -20.39 -23.83 -12.74
N ILE C 62 -21.49 -23.59 -13.45
CA ILE C 62 -22.26 -24.69 -14.04
C ILE C 62 -21.35 -25.54 -14.94
N LEU C 63 -20.56 -24.89 -15.80
CA LEU C 63 -19.69 -25.64 -16.70
C LEU C 63 -18.62 -26.40 -15.95
N PHE C 64 -18.03 -25.79 -14.92
CA PHE C 64 -17.06 -26.50 -14.12
C PHE C 64 -17.70 -27.77 -13.51
N LEU C 65 -18.93 -27.66 -13.04
CA LEU C 65 -19.62 -28.81 -12.47
C LEU C 65 -20.17 -29.77 -13.51
N GLU C 66 -19.85 -29.53 -14.78
CA GLU C 66 -20.17 -30.42 -15.90
C GLU C 66 -21.66 -30.40 -16.23
N GLY C 67 -22.31 -29.26 -15.98
CA GLY C 67 -23.68 -29.05 -16.41
C GLY C 67 -23.73 -28.18 -17.65
N LEU C 68 -24.95 -28.01 -18.17
CA LEU C 68 -25.22 -27.19 -19.33
C LEU C 68 -25.93 -25.92 -18.89
N PRO C 69 -25.28 -24.75 -18.97
CA PRO C 69 -25.95 -23.51 -18.58
C PRO C 69 -27.03 -23.19 -19.57
N ASN C 70 -28.20 -22.82 -19.07
CA ASN C 70 -29.35 -22.60 -19.93
C ASN C 70 -29.47 -21.11 -20.20
N LEU C 71 -29.01 -20.67 -21.38
CA LEU C 71 -29.20 -19.30 -21.83
C LEU C 71 -30.32 -19.17 -22.86
N GLN C 72 -31.05 -20.25 -23.11
CA GLN C 72 -32.13 -20.28 -24.11
C GLN C 72 -33.46 -19.81 -23.56
N ASP C 73 -33.79 -20.24 -22.35
CA ASP C 73 -35.11 -19.95 -21.80
C ASP C 73 -35.05 -18.60 -21.10
N LEU C 74 -35.87 -17.67 -21.56
CA LEU C 74 -35.96 -16.34 -21.00
C LEU C 74 -37.36 -16.18 -20.44
N GLY C 75 -37.46 -15.95 -19.13
CA GLY C 75 -38.73 -15.68 -18.51
C GLY C 75 -39.26 -14.27 -18.80
N LYS C 76 -40.36 -13.97 -18.11
CA LYS C 76 -41.13 -12.77 -18.38
C LYS C 76 -40.45 -11.53 -17.81
N LEU C 77 -40.15 -10.57 -18.71
CA LEU C 77 -39.65 -9.27 -18.28
C LEU C 77 -40.77 -8.43 -17.67
N LEU C 78 -40.48 -7.76 -16.55
CA LEU C 78 -41.45 -6.90 -15.88
C LEU C 78 -41.10 -5.45 -16.22
N ILE C 79 -41.72 -4.91 -17.28
CA ILE C 79 -41.41 -3.57 -17.78
C ILE C 79 -42.48 -2.60 -17.31
N GLY C 80 -42.08 -1.55 -16.62
CA GLY C 80 -43.00 -0.51 -16.23
C GLY C 80 -43.24 0.52 -17.34
N GLU C 81 -44.25 1.38 -17.14
CA GLU C 81 -44.59 2.42 -18.09
C GLU C 81 -44.26 3.83 -17.59
N ASN C 82 -43.88 3.95 -16.34
CA ASN C 82 -43.39 5.18 -15.77
C ASN C 82 -42.42 4.81 -14.64
N THR C 83 -41.78 5.83 -14.07
CA THR C 83 -40.66 5.61 -13.15
C THR C 83 -41.10 4.82 -11.93
N GLN C 84 -42.23 5.20 -11.32
CA GLN C 84 -42.73 4.45 -10.17
C GLN C 84 -42.95 2.99 -10.49
N GLU C 85 -43.62 2.70 -11.61
CA GLU C 85 -43.88 1.31 -11.98
C GLU C 85 -42.59 0.56 -12.27
N MET C 86 -41.62 1.22 -12.91
CA MET C 86 -40.40 0.53 -13.29
C MET C 86 -39.63 0.11 -12.02
N LEU C 87 -39.55 1.01 -11.05
CA LEU C 87 -38.88 0.69 -9.81
C LEU C 87 -39.60 -0.44 -9.10
N GLN C 88 -40.94 -0.41 -9.11
CA GLN C 88 -41.66 -1.49 -8.43
C GLN C 88 -41.47 -2.81 -9.17
N CYS C 89 -41.43 -2.76 -10.50
CA CYS C 89 -41.16 -3.97 -11.28
C CYS C 89 -39.81 -4.57 -10.93
N ASP C 90 -38.78 -3.72 -10.84
CA ASP C 90 -37.47 -4.20 -10.43
C ASP C 90 -37.54 -4.84 -9.06
N LEU C 91 -38.24 -4.20 -8.13
CA LEU C 91 -38.32 -4.75 -6.79
C LEU C 91 -39.05 -6.09 -6.78
N ASN C 92 -40.15 -6.20 -7.53
CA ASN C 92 -40.86 -7.48 -7.61
C ASN C 92 -39.95 -8.57 -8.16
N LEU C 93 -39.14 -8.26 -9.15
CA LEU C 93 -38.20 -9.24 -9.67
C LEU C 93 -37.17 -9.64 -8.61
N GLU C 94 -36.63 -8.65 -7.89
CA GLU C 94 -35.56 -8.94 -6.93
C GLU C 94 -36.07 -9.83 -5.79
N LEU C 95 -37.32 -9.65 -5.39
CA LEU C 95 -37.89 -10.48 -4.33
C LEU C 95 -38.07 -11.92 -4.75
N LYS C 96 -38.46 -12.17 -6.02
CA LYS C 96 -38.45 -13.53 -6.52
C LYS C 96 -37.03 -14.08 -6.56
N ALA C 97 -36.07 -13.23 -6.96
CA ALA C 97 -34.68 -13.65 -7.05
C ALA C 97 -34.14 -14.11 -5.71
N THR C 98 -34.44 -13.38 -4.64
CA THR C 98 -33.84 -13.72 -3.36
C THR C 98 -34.48 -14.97 -2.75
N LYS C 99 -35.79 -15.15 -2.96
CA LYS C 99 -36.42 -16.41 -2.58
C LYS C 99 -35.70 -17.58 -3.25
N ASP C 100 -35.46 -17.49 -4.56
CA ASP C 100 -34.81 -18.60 -5.26
C ASP C 100 -33.37 -18.79 -4.80
N LEU C 101 -32.65 -17.69 -4.50
CA LEU C 101 -31.29 -17.81 -3.99
C LEU C 101 -31.25 -18.54 -2.64
N ARG C 102 -32.17 -18.20 -1.75
CA ARG C 102 -32.19 -18.86 -0.44
C ARG C 102 -32.46 -20.36 -0.59
N GLU C 103 -33.39 -20.74 -1.46
CA GLU C 103 -33.66 -22.16 -1.66
C GLU C 103 -32.46 -22.86 -2.30
N ALA C 104 -31.75 -22.15 -3.17
CA ALA C 104 -30.57 -22.76 -3.78
C ALA C 104 -29.47 -22.95 -2.74
N ILE C 105 -29.27 -21.96 -1.88
CA ILE C 105 -28.28 -22.08 -0.82
C ILE C 105 -28.58 -23.27 0.09
N VAL C 106 -29.85 -23.42 0.52
CA VAL C 106 -30.22 -24.59 1.31
C VAL C 106 -29.70 -25.85 0.65
N HIS C 107 -29.97 -26.02 -0.65
CA HIS C 107 -29.62 -27.29 -1.26
C HIS C 107 -28.10 -27.45 -1.40
N CYS C 108 -27.38 -26.37 -1.74
CA CYS C 108 -25.92 -26.49 -1.79
C CYS C 108 -25.38 -26.94 -0.44
N GLU C 109 -25.93 -26.38 0.64
CA GLU C 109 -25.45 -26.73 1.97
C GLU C 109 -25.67 -28.20 2.24
N GLN C 110 -26.82 -28.72 1.81
CA GLN C 110 -27.17 -30.10 2.10
C GLN C 110 -26.30 -31.08 1.33
N VAL C 111 -25.89 -30.77 0.11
CA VAL C 111 -25.01 -31.71 -0.58
C VAL C 111 -23.57 -31.32 -0.42
N HIS C 112 -23.29 -30.39 0.49
CA HIS C 112 -21.93 -30.02 0.83
C HIS C 112 -21.21 -29.30 -0.29
N ASP C 113 -21.94 -28.63 -1.19
CA ASP C 113 -21.30 -27.86 -2.25
C ASP C 113 -21.07 -26.44 -1.72
N TYR C 114 -20.08 -26.33 -0.85
CA TYR C 114 -19.89 -25.09 -0.10
C TYR C 114 -19.35 -23.95 -0.98
N VAL C 115 -18.65 -24.27 -2.07
CA VAL C 115 -18.18 -23.24 -2.99
C VAL C 115 -19.35 -22.64 -3.77
N SER C 116 -20.26 -23.48 -4.29
CA SER C 116 -21.47 -22.93 -4.90
C SER C 116 -22.26 -22.11 -3.89
N ARG C 117 -22.35 -22.57 -2.63
CA ARG C 117 -23.06 -21.76 -1.63
C ARG C 117 -22.42 -20.39 -1.49
N ASP C 118 -21.10 -20.34 -1.41
CA ASP C 118 -20.41 -19.05 -1.20
C ASP C 118 -20.67 -18.09 -2.36
N LEU C 119 -20.68 -18.61 -3.59
CA LEU C 119 -21.01 -17.78 -4.75
C LEU C 119 -22.42 -17.25 -4.66
N LEU C 120 -23.38 -18.10 -4.32
CA LEU C 120 -24.77 -17.66 -4.20
C LEU C 120 -24.94 -16.66 -3.08
N LYS C 121 -24.21 -16.85 -1.98
CA LYS C 121 -24.26 -15.89 -0.89
C LYS C 121 -23.79 -14.52 -1.36
N ASP C 122 -22.70 -14.49 -2.13
CA ASP C 122 -22.21 -13.23 -2.68
C ASP C 122 -23.25 -12.58 -3.61
N ILE C 123 -23.88 -13.38 -4.47
CA ILE C 123 -24.92 -12.83 -5.35
C ILE C 123 -26.10 -12.33 -4.52
N LEU C 124 -26.45 -13.06 -3.46
CA LEU C 124 -27.54 -12.62 -2.61
C LEU C 124 -27.23 -11.31 -1.93
N GLU C 125 -25.98 -11.13 -1.49
CA GLU C 125 -25.61 -9.83 -0.93
C GLU C 125 -25.84 -8.74 -1.95
N SER C 126 -25.47 -8.97 -3.22
CA SER C 126 -25.69 -7.96 -4.24
CA SER C 126 -25.68 -7.96 -4.25
C SER C 126 -27.17 -7.70 -4.44
N GLU C 127 -27.98 -8.76 -4.46
CA GLU C 127 -29.40 -8.53 -4.67
C GLU C 127 -30.01 -7.79 -3.49
N GLU C 128 -29.61 -8.09 -2.24
CA GLU C 128 -30.18 -7.31 -1.15
C GLU C 128 -29.75 -5.86 -1.21
N GLU C 129 -28.55 -5.59 -1.70
CA GLU C 129 -28.16 -4.20 -1.90
C GLU C 129 -29.08 -3.53 -2.93
N HIS C 130 -29.43 -4.27 -3.99
CA HIS C 130 -30.33 -3.68 -4.97
C HIS C 130 -31.71 -3.42 -4.38
N ILE C 131 -32.20 -4.35 -3.54
CA ILE C 131 -33.46 -4.14 -2.83
C ILE C 131 -33.39 -2.91 -1.96
N ASP C 132 -32.29 -2.73 -1.23
CA ASP C 132 -32.15 -1.53 -0.44
C ASP C 132 -32.29 -0.28 -1.32
N TYR C 133 -31.61 -0.26 -2.43
CA TYR C 133 -31.67 0.89 -3.32
C TYR C 133 -33.11 1.12 -3.78
N LEU C 134 -33.79 0.06 -4.21
CA LEU C 134 -35.14 0.21 -4.74
C LEU C 134 -36.11 0.70 -3.68
N GLU C 135 -36.10 0.08 -2.51
CA GLU C 135 -36.98 0.51 -1.43
C GLU C 135 -36.71 1.96 -1.06
N THR C 136 -35.44 2.34 -1.06
CA THR C 136 -35.09 3.72 -0.75
C THR C 136 -35.65 4.68 -1.81
N GLN C 137 -35.52 4.34 -3.08
CA GLN C 137 -36.03 5.24 -4.12
C GLN C 137 -37.55 5.39 -3.98
N LEU C 138 -38.25 4.28 -3.76
CA LEU C 138 -39.70 4.36 -3.61
C LEU C 138 -40.08 5.21 -2.41
N GLY C 139 -39.30 5.10 -1.32
CA GLY C 139 -39.55 5.94 -0.16
C GLY C 139 -39.26 7.40 -0.44
N LEU C 140 -38.22 7.69 -1.22
CA LEU C 140 -37.89 9.07 -1.50
C LEU C 140 -39.00 9.73 -2.31
N ILE C 141 -39.62 8.96 -3.21
CA ILE C 141 -40.71 9.52 -4.02
C ILE C 141 -41.81 10.03 -3.10
N GLN C 142 -42.07 9.30 -2.00
CA GLN C 142 -43.09 9.71 -1.05
C GLN C 142 -42.64 10.92 -0.25
N LYS C 143 -41.36 10.98 0.12
CA LYS C 143 -40.88 12.06 0.99
C LYS C 143 -40.69 13.37 0.23
N VAL C 144 -40.19 13.33 -1.00
CA VAL C 144 -39.86 14.58 -1.70
C VAL C 144 -40.87 14.93 -2.77
N GLY C 145 -41.82 14.05 -3.08
CA GLY C 145 -42.69 14.25 -4.24
C GLY C 145 -42.10 13.70 -5.51
N LEU C 146 -42.99 13.22 -6.40
CA LEU C 146 -42.55 12.61 -7.64
C LEU C 146 -41.80 13.59 -8.52
N GLU C 147 -42.30 14.83 -8.64
CA GLU C 147 -41.67 15.82 -9.49
C GLU C 147 -40.25 16.16 -9.03
N ASN C 148 -40.07 16.35 -7.72
CA ASN C 148 -38.73 16.57 -7.18
C ASN C 148 -37.84 15.34 -7.38
N TYR C 149 -38.40 14.16 -7.11
CA TYR C 149 -37.62 12.93 -7.27
C TYR C 149 -37.08 12.85 -8.69
N LEU C 150 -37.95 13.09 -9.68
CA LEU C 150 -37.49 12.99 -11.06
C LEU C 150 -36.50 14.09 -11.37
N GLN C 151 -36.75 15.30 -10.88
CA GLN C 151 -35.83 16.42 -11.08
C GLN C 151 -34.42 16.05 -10.64
N SER C 152 -34.32 15.44 -9.45
CA SER C 152 -33.04 15.04 -8.88
C SER C 152 -32.37 13.91 -9.66
N HIS C 153 -33.06 13.29 -10.61
CA HIS C 153 -32.49 12.23 -11.43
C HIS C 153 -32.34 12.61 -12.88
N MET C 154 -32.45 13.91 -13.21
CA MET C 154 -32.19 14.36 -14.58
C MET C 154 -30.71 14.32 -14.93
N HIS C 155 -29.86 14.85 -14.06
CA HIS C 155 -28.45 15.03 -14.38
C HIS C 155 -27.59 14.01 -13.65
N GLU C 156 -26.61 13.44 -14.36
CA GLU C 156 -25.62 12.54 -13.79
C GLU C 156 -24.49 13.35 -13.15
N MET D 1 54.35 -16.04 -10.59
CA MET D 1 54.50 -17.04 -9.49
C MET D 1 54.66 -18.43 -10.09
N LYS D 2 55.85 -19.01 -9.98
CA LYS D 2 56.13 -20.27 -10.67
C LYS D 2 55.19 -21.36 -10.17
N GLY D 3 54.39 -21.89 -11.07
CA GLY D 3 53.45 -22.94 -10.75
C GLY D 3 54.04 -24.33 -10.93
N ASP D 4 53.28 -25.33 -10.49
CA ASP D 4 53.61 -26.73 -10.71
C ASP D 4 53.48 -27.07 -12.19
N LYS D 5 54.52 -27.69 -12.75
CA LYS D 5 54.53 -27.96 -14.19
C LYS D 5 53.36 -28.84 -14.60
N LYS D 6 53.09 -29.89 -13.84
CA LYS D 6 52.01 -30.79 -14.22
C LYS D 6 50.65 -30.09 -14.08
N VAL D 7 50.51 -29.18 -13.11
CA VAL D 7 49.30 -28.37 -13.04
C VAL D 7 49.10 -27.61 -14.35
N ILE D 8 50.17 -26.98 -14.83
CA ILE D 8 50.10 -26.18 -16.04
C ILE D 8 49.74 -27.06 -17.22
N GLN D 9 50.27 -28.28 -17.26
CA GLN D 9 49.88 -29.19 -18.34
C GLN D 9 48.39 -29.48 -18.31
N HIS D 10 47.84 -29.70 -17.11
CA HIS D 10 46.40 -29.94 -16.99
C HIS D 10 45.61 -28.73 -17.46
N LEU D 11 45.98 -27.55 -16.97
CA LEU D 11 45.33 -26.30 -17.38
C LEU D 11 45.35 -26.15 -18.91
N ASN D 12 46.50 -26.42 -19.54
CA ASN D 12 46.53 -26.39 -21.00
C ASN D 12 45.66 -27.46 -21.62
N LYS D 13 45.56 -28.63 -20.98
CA LYS D 13 44.66 -29.62 -21.53
C LYS D 13 43.22 -29.14 -21.45
N ILE D 14 42.83 -28.55 -20.30
CA ILE D 14 41.47 -28.01 -20.18
C ILE D 14 41.27 -26.90 -21.21
N LEU D 15 42.27 -26.01 -21.34
CA LEU D 15 42.18 -24.94 -22.32
C LEU D 15 41.96 -25.48 -23.72
N GLY D 16 42.65 -26.56 -24.08
CA GLY D 16 42.45 -27.17 -25.38
C GLY D 16 41.03 -27.62 -25.60
N ASN D 17 40.40 -28.20 -24.57
CA ASN D 17 39.01 -28.63 -24.71
C ASN D 17 38.09 -27.44 -24.91
N GLU D 18 38.32 -26.35 -24.16
CA GLU D 18 37.51 -25.14 -24.31
C GLU D 18 37.66 -24.56 -25.72
N LEU D 19 38.88 -24.55 -26.26
CA LEU D 19 39.09 -24.05 -27.63
C LEU D 19 38.36 -24.90 -28.67
N ILE D 20 38.37 -26.22 -28.52
CA ILE D 20 37.51 -27.05 -29.35
C ILE D 20 36.05 -26.62 -29.21
N ALA D 21 35.59 -26.47 -27.98
CA ALA D 21 34.17 -26.17 -27.73
C ALA D 21 33.77 -24.81 -28.30
N ILE D 22 34.65 -23.80 -28.16
CA ILE D 22 34.38 -22.49 -28.75
C ILE D 22 33.99 -22.64 -30.20
N ASN D 23 34.85 -23.30 -30.98
CA ASN D 23 34.61 -23.37 -32.43
C ASN D 23 33.45 -24.27 -32.76
N GLN D 24 33.32 -25.39 -32.06
CA GLN D 24 32.23 -26.33 -32.33
C GLN D 24 30.88 -25.68 -32.07
N TYR D 25 30.77 -24.99 -30.93
CA TYR D 25 29.51 -24.35 -30.59
C TYR D 25 29.23 -23.16 -31.51
N PHE D 26 30.28 -22.41 -31.87
CA PHE D 26 30.07 -21.27 -32.76
C PHE D 26 29.57 -21.71 -34.12
N LEU D 27 30.15 -22.79 -34.66
CA LEU D 27 29.71 -23.28 -35.96
C LEU D 27 28.29 -23.83 -35.87
N HIS D 28 28.01 -24.64 -34.84
CA HIS D 28 26.64 -25.13 -34.66
C HIS D 28 25.65 -23.97 -34.57
N SER D 29 26.02 -22.92 -33.84
CA SER D 29 25.14 -21.76 -33.71
C SER D 29 24.81 -21.18 -35.06
N ARG D 30 25.84 -20.95 -35.89
CA ARG D 30 25.62 -20.32 -37.18
C ARG D 30 24.98 -21.26 -38.18
N MET D 31 25.19 -22.58 -38.04
CA MET D 31 24.41 -23.51 -38.83
C MET D 31 22.93 -23.39 -38.47
N TRP D 32 22.65 -23.39 -37.17
CA TRP D 32 21.25 -23.29 -36.74
C TRP D 32 20.62 -21.99 -37.22
N ASN D 33 21.33 -20.87 -37.10
CA ASN D 33 20.78 -19.62 -37.61
C ASN D 33 20.49 -19.70 -39.10
N ASP D 34 21.44 -20.25 -39.87
CA ASP D 34 21.27 -20.41 -41.31
C ASP D 34 20.01 -21.22 -41.62
N TRP D 35 19.71 -22.22 -40.79
CA TRP D 35 18.53 -23.04 -41.03
C TRP D 35 17.24 -22.41 -40.53
N GLY D 36 17.28 -21.25 -39.88
CA GLY D 36 16.05 -20.66 -39.38
C GLY D 36 15.66 -21.12 -37.99
N LEU D 37 16.52 -21.82 -37.31
CA LEU D 37 16.26 -22.27 -35.95
C LEU D 37 16.97 -21.31 -34.99
N LYS D 38 16.42 -20.09 -34.95
CA LYS D 38 17.13 -18.97 -34.31
C LYS D 38 17.23 -19.12 -32.80
N ARG D 39 16.27 -19.81 -32.19
CA ARG D 39 16.36 -19.99 -30.74
C ARG D 39 17.52 -20.91 -30.37
N LEU D 40 17.71 -21.99 -31.14
CA LEU D 40 18.90 -22.82 -30.96
C LEU D 40 20.16 -22.05 -31.29
N GLY D 41 20.10 -21.26 -32.36
CA GLY D 41 21.27 -20.49 -32.76
C GLY D 41 21.72 -19.55 -31.66
N ALA D 42 20.77 -18.85 -31.05
CA ALA D 42 21.15 -17.91 -29.99
C ALA D 42 21.67 -18.65 -28.76
N HIS D 43 21.00 -19.73 -28.36
CA HIS D 43 21.47 -20.43 -27.15
C HIS D 43 22.89 -20.96 -27.35
N GLU D 44 23.14 -21.53 -28.52
CA GLU D 44 24.44 -22.12 -28.81
C GLU D 44 25.53 -21.07 -28.95
N TYR D 45 25.17 -19.88 -29.46
CA TYR D 45 26.08 -18.74 -29.43
C TYR D 45 26.48 -18.41 -28.00
N HIS D 46 25.51 -18.36 -27.10
CA HIS D 46 25.83 -18.05 -25.71
C HIS D 46 26.68 -19.15 -25.07
N GLU D 47 26.50 -20.41 -25.49
CA GLU D 47 27.40 -21.46 -25.00
C GLU D 47 28.82 -21.22 -25.48
N SER D 48 28.98 -20.76 -26.73
CA SER D 48 30.30 -20.48 -27.29
CA SER D 48 30.30 -20.49 -27.28
C SER D 48 30.98 -19.35 -26.52
N ILE D 49 30.26 -18.24 -26.30
CA ILE D 49 30.77 -17.14 -25.50
C ILE D 49 31.21 -17.62 -24.12
N ASP D 50 30.38 -18.46 -23.50
CA ASP D 50 30.70 -18.99 -22.18
C ASP D 50 32.04 -19.71 -22.18
N GLU D 51 32.27 -20.56 -23.20
CA GLU D 51 33.54 -21.25 -23.33
C GLU D 51 34.68 -20.27 -23.61
N MET D 52 34.40 -19.20 -24.36
CA MET D 52 35.42 -18.16 -24.55
C MET D 52 35.82 -17.53 -23.24
N LYS D 53 34.86 -17.26 -22.36
CA LYS D 53 35.18 -16.70 -21.06
C LYS D 53 36.00 -17.66 -20.21
N HIS D 54 35.69 -18.96 -20.27
CA HIS D 54 36.49 -19.93 -19.52
C HIS D 54 37.92 -19.99 -20.05
N ALA D 55 38.07 -19.99 -21.37
CA ALA D 55 39.41 -20.00 -21.96
C ALA D 55 40.23 -18.81 -21.49
N ASP D 56 39.61 -17.63 -21.52
CA ASP D 56 40.24 -16.41 -21.03
C ASP D 56 40.80 -16.63 -19.63
N LYS D 57 39.96 -17.14 -18.72
CA LYS D 57 40.44 -17.32 -17.36
C LYS D 57 41.57 -18.35 -17.31
N LEU D 58 41.51 -19.40 -18.13
CA LEU D 58 42.58 -20.38 -18.10
C LEU D 58 43.88 -19.77 -18.63
N ILE D 59 43.78 -19.02 -19.73
CA ILE D 59 44.93 -18.30 -20.27
C ILE D 59 45.57 -17.44 -19.21
N GLU D 60 44.74 -16.66 -18.50
CA GLU D 60 45.24 -15.74 -17.49
C GLU D 60 45.93 -16.48 -16.34
N ARG D 61 45.38 -17.60 -15.91
CA ARG D 61 45.98 -18.36 -14.81
C ARG D 61 47.32 -18.97 -15.23
N ILE D 62 47.35 -19.57 -16.42
CA ILE D 62 48.57 -20.18 -16.93
C ILE D 62 49.68 -19.14 -17.02
N LEU D 63 49.35 -17.93 -17.49
CA LEU D 63 50.38 -16.89 -17.57
C LEU D 63 50.83 -16.45 -16.19
N PHE D 64 49.90 -16.33 -15.24
CA PHE D 64 50.28 -15.99 -13.88
C PHE D 64 51.23 -17.03 -13.29
N LEU D 65 50.95 -18.31 -13.56
CA LEU D 65 51.81 -19.41 -13.14
C LEU D 65 53.08 -19.54 -13.97
N GLU D 66 53.28 -18.64 -14.93
CA GLU D 66 54.50 -18.56 -15.72
C GLU D 66 54.64 -19.74 -16.66
N GLY D 67 53.51 -20.24 -17.15
CA GLY D 67 53.49 -21.21 -18.21
C GLY D 67 53.13 -20.52 -19.51
N LEU D 68 53.10 -21.32 -20.56
CA LEU D 68 52.70 -20.87 -21.89
C LEU D 68 51.33 -21.42 -22.24
N PRO D 69 50.31 -20.59 -22.40
CA PRO D 69 48.99 -21.09 -22.80
C PRO D 69 49.00 -21.53 -24.26
N ASN D 70 48.56 -22.74 -24.51
CA ASN D 70 48.59 -23.32 -25.85
C ASN D 70 47.32 -22.94 -26.59
N LEU D 71 47.41 -21.94 -27.47
CA LEU D 71 46.32 -21.63 -28.40
C LEU D 71 46.60 -22.14 -29.81
N GLN D 72 47.70 -22.87 -30.02
CA GLN D 72 48.09 -23.31 -31.36
C GLN D 72 47.47 -24.65 -31.73
N ASP D 73 47.41 -25.57 -30.78
CA ASP D 73 46.96 -26.92 -31.05
C ASP D 73 45.44 -26.96 -30.86
N LEU D 74 44.73 -27.23 -31.93
CA LEU D 74 43.28 -27.35 -31.90
C LEU D 74 42.93 -28.80 -32.20
N GLY D 75 42.33 -29.48 -31.21
CA GLY D 75 41.84 -30.82 -31.42
C GLY D 75 40.63 -30.89 -32.33
N LYS D 76 40.08 -32.11 -32.41
CA LYS D 76 39.05 -32.42 -33.39
C LYS D 76 37.70 -31.83 -32.98
N LEU D 77 37.11 -31.07 -33.89
CA LEU D 77 35.76 -30.57 -33.73
C LEU D 77 34.74 -31.68 -34.03
N LEU D 78 33.72 -31.78 -33.19
CA LEU D 78 32.66 -32.78 -33.35
C LEU D 78 31.46 -32.04 -33.92
N ILE D 79 31.38 -32.00 -35.24
CA ILE D 79 30.36 -31.24 -35.95
C ILE D 79 29.27 -32.20 -36.39
N GLY D 80 28.04 -31.93 -35.96
CA GLY D 80 26.92 -32.71 -36.42
C GLY D 80 26.32 -32.08 -37.64
N GLU D 81 25.38 -32.79 -38.23
CA GLU D 81 24.81 -32.35 -39.49
C GLU D 81 23.30 -32.26 -39.43
N ASN D 82 22.70 -32.48 -38.26
CA ASN D 82 21.30 -32.21 -38.02
C ASN D 82 21.16 -31.93 -36.53
N THR D 83 20.01 -31.39 -36.13
CA THR D 83 19.89 -30.87 -34.76
C THR D 83 20.20 -31.96 -33.74
N GLN D 84 19.53 -33.10 -33.84
CA GLN D 84 19.75 -34.15 -32.85
C GLN D 84 21.23 -34.53 -32.76
N GLU D 85 21.90 -34.63 -33.92
CA GLU D 85 23.30 -35.02 -33.94
C GLU D 85 24.21 -33.93 -33.38
N MET D 86 23.91 -32.66 -33.67
CA MET D 86 24.73 -31.57 -33.13
C MET D 86 24.67 -31.53 -31.61
N LEU D 87 23.48 -31.73 -31.04
CA LEU D 87 23.36 -31.76 -29.59
C LEU D 87 24.15 -32.93 -29.02
N GLN D 88 24.10 -34.09 -29.68
CA GLN D 88 24.86 -35.23 -29.16
C GLN D 88 26.36 -35.00 -29.28
N CYS D 89 26.81 -34.35 -30.37
CA CYS D 89 28.24 -34.02 -30.47
C CYS D 89 28.66 -33.08 -29.35
N ASP D 90 27.81 -32.11 -29.02
CA ASP D 90 28.11 -31.20 -27.92
C ASP D 90 28.20 -31.97 -26.61
N LEU D 91 27.25 -32.88 -26.39
CA LEU D 91 27.26 -33.72 -25.19
C LEU D 91 28.50 -34.62 -25.13
N ASN D 92 28.81 -35.31 -26.23
CA ASN D 92 30.02 -36.12 -26.25
C ASN D 92 31.24 -35.29 -25.88
N LEU D 93 31.36 -34.09 -26.44
CA LEU D 93 32.46 -33.20 -26.09
C LEU D 93 32.44 -32.87 -24.60
N GLU D 94 31.26 -32.56 -24.04
CA GLU D 94 31.20 -32.15 -22.64
C GLU D 94 31.57 -33.28 -21.69
N LEU D 95 31.20 -34.51 -22.03
CA LEU D 95 31.58 -35.61 -21.16
C LEU D 95 33.09 -35.84 -21.18
N LYS D 96 33.73 -35.65 -22.34
CA LYS D 96 35.19 -35.70 -22.34
C LYS D 96 35.78 -34.55 -21.52
N ALA D 97 35.15 -33.37 -21.59
CA ALA D 97 35.68 -32.21 -20.88
C ALA D 97 35.59 -32.37 -19.36
N THR D 98 34.49 -32.93 -18.88
CA THR D 98 34.34 -33.08 -17.43
C THR D 98 35.28 -34.16 -16.89
N LYS D 99 35.51 -35.22 -17.66
CA LYS D 99 36.49 -36.22 -17.23
C LYS D 99 37.85 -35.57 -17.03
N ASP D 100 38.27 -34.73 -17.98
CA ASP D 100 39.57 -34.06 -17.86
C ASP D 100 39.58 -33.06 -16.71
N LEU D 101 38.47 -32.37 -16.46
CA LEU D 101 38.42 -31.44 -15.34
C LEU D 101 38.64 -32.16 -14.01
N ARG D 102 38.01 -33.32 -13.85
CA ARG D 102 38.14 -34.06 -12.61
C ARG D 102 39.58 -34.50 -12.39
N GLU D 103 40.23 -35.03 -13.44
CA GLU D 103 41.63 -35.43 -13.32
C GLU D 103 42.52 -34.23 -13.01
N ALA D 104 42.24 -33.08 -13.63
CA ALA D 104 43.01 -31.89 -13.29
C ALA D 104 42.81 -31.48 -11.83
N ILE D 105 41.58 -31.57 -11.32
CA ILE D 105 41.34 -31.18 -9.93
C ILE D 105 42.08 -32.11 -8.97
N VAL D 106 42.05 -33.42 -9.23
CA VAL D 106 42.80 -34.36 -8.40
C VAL D 106 44.24 -33.91 -8.26
N HIS D 107 44.88 -33.56 -9.38
CA HIS D 107 46.28 -33.20 -9.32
C HIS D 107 46.48 -31.85 -8.61
N CYS D 108 45.64 -30.85 -8.90
CA CYS D 108 45.73 -29.59 -8.16
C CYS D 108 45.66 -29.83 -6.64
N GLU D 109 44.71 -30.65 -6.22
CA GLU D 109 44.56 -30.93 -4.78
C GLU D 109 45.85 -31.50 -4.20
N GLN D 110 46.47 -32.46 -4.91
CA GLN D 110 47.66 -33.14 -4.40
C GLN D 110 48.84 -32.20 -4.23
N VAL D 111 49.02 -31.24 -5.15
CA VAL D 111 50.14 -30.32 -5.03
C VAL D 111 49.73 -29.02 -4.36
N HIS D 112 48.50 -28.93 -3.86
CA HIS D 112 48.07 -27.84 -2.98
C HIS D 112 47.85 -26.55 -3.77
N ASP D 113 47.52 -26.68 -5.04
CA ASP D 113 47.24 -25.50 -5.84
C ASP D 113 45.73 -25.29 -5.76
N TYR D 114 45.32 -24.75 -4.62
CA TYR D 114 43.90 -24.66 -4.28
C TYR D 114 43.18 -23.61 -5.12
N VAL D 115 43.89 -22.57 -5.55
CA VAL D 115 43.28 -21.55 -6.40
C VAL D 115 43.00 -22.10 -7.79
N SER D 116 43.96 -22.79 -8.38
CA SER D 116 43.66 -23.48 -9.64
C SER D 116 42.52 -24.45 -9.46
N ARG D 117 42.49 -25.18 -8.34
CA ARG D 117 41.39 -26.12 -8.16
C ARG D 117 40.06 -25.37 -8.17
N ASP D 118 40.01 -24.22 -7.50
CA ASP D 118 38.76 -23.47 -7.39
C ASP D 118 38.30 -23.00 -8.75
N LEU D 119 39.23 -22.51 -9.59
CA LEU D 119 38.90 -22.16 -10.95
C LEU D 119 38.36 -23.35 -11.73
N LEU D 120 39.01 -24.51 -11.61
CA LEU D 120 38.53 -25.66 -12.38
C LEU D 120 37.19 -26.15 -11.87
N LYS D 121 36.94 -26.05 -10.58
CA LYS D 121 35.63 -26.41 -10.05
C LYS D 121 34.54 -25.51 -10.62
N ASP D 122 34.81 -24.19 -10.70
CA ASP D 122 33.81 -23.29 -11.27
C ASP D 122 33.54 -23.65 -12.71
N ILE D 123 34.59 -23.95 -13.48
CA ILE D 123 34.39 -24.34 -14.87
C ILE D 123 33.59 -25.65 -14.93
N LEU D 124 33.92 -26.60 -14.06
CA LEU D 124 33.19 -27.86 -14.04
C LEU D 124 31.71 -27.65 -13.76
N GLU D 125 31.39 -26.74 -12.83
CA GLU D 125 29.98 -26.40 -12.61
C GLU D 125 29.32 -25.88 -13.88
N SER D 126 30.01 -25.02 -14.64
CA SER D 126 29.43 -24.53 -15.88
CA SER D 126 29.43 -24.53 -15.88
C SER D 126 29.21 -25.68 -16.87
N GLU D 127 30.18 -26.60 -16.96
CA GLU D 127 30.05 -27.66 -17.95
C GLU D 127 28.97 -28.66 -17.56
N GLU D 128 28.83 -28.97 -16.26
CA GLU D 128 27.71 -29.82 -15.84
C GLU D 128 26.37 -29.15 -16.14
N GLU D 129 26.30 -27.81 -15.99
CA GLU D 129 25.08 -27.11 -16.41
C GLU D 129 24.81 -27.31 -17.91
N HIS D 130 25.86 -27.24 -18.71
CA HIS D 130 25.70 -27.50 -20.14
C HIS D 130 25.25 -28.94 -20.41
N ILE D 131 25.84 -29.90 -19.70
CA ILE D 131 25.37 -31.29 -19.80
C ILE D 131 23.88 -31.36 -19.45
N ASP D 132 23.47 -30.70 -18.38
CA ASP D 132 22.04 -30.71 -18.03
C ASP D 132 21.19 -30.20 -19.19
N TYR D 133 21.60 -29.07 -19.77
CA TYR D 133 20.89 -28.52 -20.91
C TYR D 133 20.78 -29.55 -22.04
N LEU D 134 21.91 -30.15 -22.43
CA LEU D 134 21.94 -31.05 -23.58
C LEU D 134 21.07 -32.28 -23.35
N GLU D 135 21.25 -32.94 -22.20
CA GLU D 135 20.43 -34.11 -21.88
C GLU D 135 18.95 -33.75 -21.92
N THR D 136 18.60 -32.57 -21.39
CA THR D 136 17.22 -32.12 -21.41
C THR D 136 16.72 -31.93 -22.83
N GLN D 137 17.53 -31.31 -23.71
CA GLN D 137 17.08 -31.13 -25.09
C GLN D 137 16.87 -32.46 -25.78
N LEU D 138 17.81 -33.39 -25.62
CA LEU D 138 17.66 -34.70 -26.24
C LEU D 138 16.43 -35.42 -25.70
N GLY D 139 16.16 -35.31 -24.40
CA GLY D 139 14.95 -35.88 -23.84
C GLY D 139 13.70 -35.24 -24.41
N LEU D 140 13.71 -33.91 -24.59
CA LEU D 140 12.54 -33.24 -25.11
C LEU D 140 12.24 -33.69 -26.53
N ILE D 141 13.27 -33.91 -27.35
CA ILE D 141 13.06 -34.41 -28.70
C ILE D 141 12.26 -35.70 -28.66
N GLN D 142 12.61 -36.61 -27.75
CA GLN D 142 11.83 -37.84 -27.62
C GLN D 142 10.40 -37.54 -27.15
N LYS D 143 10.22 -36.60 -26.23
CA LYS D 143 8.90 -36.39 -25.63
C LYS D 143 7.94 -35.63 -26.54
N VAL D 144 8.41 -34.58 -27.21
CA VAL D 144 7.50 -33.77 -28.02
C VAL D 144 7.58 -34.11 -29.50
N GLY D 145 8.55 -34.93 -29.91
CA GLY D 145 8.71 -35.21 -31.32
C GLY D 145 9.66 -34.22 -31.97
N LEU D 146 10.41 -34.69 -32.95
CA LEU D 146 11.46 -33.85 -33.53
C LEU D 146 10.85 -32.62 -34.21
N GLU D 147 9.80 -32.82 -34.99
CA GLU D 147 9.19 -31.70 -35.71
C GLU D 147 8.73 -30.60 -34.75
N ASN D 148 8.03 -30.97 -33.68
CA ASN D 148 7.61 -29.98 -32.67
C ASN D 148 8.82 -29.34 -31.98
N TYR D 149 9.84 -30.15 -31.65
CA TYR D 149 11.03 -29.59 -31.02
C TYR D 149 11.69 -28.54 -31.92
N LEU D 150 11.83 -28.83 -33.21
CA LEU D 150 12.39 -27.82 -34.10
C LEU D 150 11.49 -26.62 -34.22
N GLN D 151 10.17 -26.86 -34.34
CA GLN D 151 9.22 -25.76 -34.41
C GLN D 151 9.40 -24.80 -33.26
N SER D 152 9.55 -25.34 -32.05
CA SER D 152 9.69 -24.54 -30.84
C SER D 152 11.01 -23.77 -30.77
N HIS D 153 11.92 -24.01 -31.71
CA HIS D 153 13.21 -23.32 -31.71
C HIS D 153 13.40 -22.47 -32.96
N MET D 154 12.32 -22.22 -33.69
CA MET D 154 12.39 -21.35 -34.87
C MET D 154 12.55 -19.90 -34.45
N HIS D 155 11.72 -19.44 -33.54
CA HIS D 155 11.66 -18.04 -33.18
C HIS D 155 12.35 -17.80 -31.83
N GLU D 156 13.00 -16.65 -31.73
CA GLU D 156 13.48 -16.14 -30.45
C GLU D 156 12.33 -15.48 -29.68
N MET E 1 -36.49 -3.85 3.77
CA MET E 1 -36.84 -5.29 3.56
C MET E 1 -37.26 -5.89 4.90
N LYS E 2 -38.40 -6.57 4.95
CA LYS E 2 -38.96 -6.99 6.24
C LYS E 2 -38.15 -8.16 6.77
N GLY E 3 -37.38 -7.92 7.83
CA GLY E 3 -36.56 -8.97 8.38
C GLY E 3 -37.33 -9.85 9.35
N ASP E 4 -36.74 -11.00 9.62
CA ASP E 4 -37.22 -11.89 10.68
C ASP E 4 -37.10 -11.22 12.04
N LYS E 5 -38.21 -11.23 12.80
CA LYS E 5 -38.27 -10.50 14.07
C LYS E 5 -37.20 -10.99 15.04
N LYS E 6 -36.97 -12.30 15.09
CA LYS E 6 -35.98 -12.85 16.00
C LYS E 6 -34.55 -12.63 15.51
N VAL E 7 -34.31 -12.59 14.18
CA VAL E 7 -33.00 -12.11 13.71
C VAL E 7 -32.71 -10.74 14.29
N ILE E 8 -33.70 -9.83 14.20
CA ILE E 8 -33.48 -8.47 14.65
C ILE E 8 -33.21 -8.43 16.16
N GLN E 9 -33.91 -9.26 16.94
CA GLN E 9 -33.59 -9.36 18.37
C GLN E 9 -32.15 -9.79 18.58
N HIS E 10 -31.69 -10.78 17.82
CA HIS E 10 -30.30 -11.23 17.94
C HIS E 10 -29.33 -10.13 17.56
N LEU E 11 -29.59 -9.43 16.44
CA LEU E 11 -28.69 -8.36 16.02
C LEU E 11 -28.62 -7.28 17.09
N ASN E 12 -29.74 -6.98 17.73
CA ASN E 12 -29.77 -6.01 18.81
C ASN E 12 -29.04 -6.52 20.04
N LYS E 13 -29.09 -7.83 20.33
CA LYS E 13 -28.27 -8.36 21.42
C LYS E 13 -26.78 -8.23 21.11
N ILE E 14 -26.36 -8.56 19.88
CA ILE E 14 -24.95 -8.41 19.52
C ILE E 14 -24.57 -6.94 19.60
N LEU E 15 -25.44 -6.06 19.08
CA LEU E 15 -25.19 -4.63 19.17
C LEU E 15 -25.00 -4.20 20.62
N GLY E 16 -25.86 -4.70 21.51
CA GLY E 16 -25.72 -4.40 22.92
C GLY E 16 -24.36 -4.79 23.47
N ASN E 17 -23.86 -5.96 23.09
CA ASN E 17 -22.51 -6.38 23.50
C ASN E 17 -21.45 -5.44 22.93
N GLU E 18 -21.61 -5.02 21.68
CA GLU E 18 -20.61 -4.13 21.09
C GLU E 18 -20.60 -2.79 21.80
N LEU E 19 -21.76 -2.30 22.24
CA LEU E 19 -21.81 -1.00 22.90
C LEU E 19 -21.13 -1.05 24.25
N ILE E 20 -21.30 -2.15 24.97
CA ILE E 20 -20.54 -2.36 26.20
C ILE E 20 -19.05 -2.33 25.90
N ALA E 21 -18.63 -3.08 24.86
CA ALA E 21 -17.22 -3.20 24.58
C ALA E 21 -16.59 -1.86 24.15
N ILE E 22 -17.32 -1.07 23.35
CA ILE E 22 -16.84 0.27 22.98
C ILE E 22 -16.42 1.05 24.20
N ASN E 23 -17.30 1.15 25.18
CA ASN E 23 -17.06 1.99 26.35
C ASN E 23 -15.99 1.39 27.26
N GLN E 24 -16.04 0.07 27.46
CA GLN E 24 -15.06 -0.60 28.32
C GLN E 24 -13.66 -0.46 27.74
N TYR E 25 -13.51 -0.75 26.44
CA TYR E 25 -12.21 -0.61 25.80
C TYR E 25 -11.79 0.85 25.75
N PHE E 26 -12.73 1.78 25.51
CA PHE E 26 -12.31 3.17 25.44
C PHE E 26 -11.80 3.63 26.82
N LEU E 27 -12.51 3.26 27.88
CA LEU E 27 -12.08 3.63 29.22
C LEU E 27 -10.76 2.95 29.56
N HIS E 28 -10.61 1.66 29.26
CA HIS E 28 -9.33 1.01 29.55
C HIS E 28 -8.19 1.69 28.80
N SER E 29 -8.43 2.10 27.54
CA SER E 29 -7.41 2.76 26.74
C SER E 29 -6.94 4.04 27.42
N ARG E 30 -7.89 4.86 27.87
CA ARG E 30 -7.54 6.15 28.46
C ARG E 30 -6.94 5.98 29.86
N MET E 31 -7.30 4.92 30.59
CA MET E 31 -6.60 4.59 31.84
C MET E 31 -5.14 4.26 31.54
N TRP E 32 -4.91 3.36 30.57
CA TRP E 32 -3.53 3.00 30.25
C TRP E 32 -2.74 4.22 29.78
N ASN E 33 -3.37 5.11 29.01
CA ASN E 33 -2.64 6.30 28.57
C ASN E 33 -2.29 7.19 29.74
N ASP E 34 -3.24 7.41 30.66
CA ASP E 34 -3.01 8.20 31.87
C ASP E 34 -1.85 7.65 32.68
N TRP E 35 -1.70 6.32 32.73
CA TRP E 35 -0.65 5.63 33.47
C TRP E 35 0.68 5.58 32.73
N GLY E 36 0.72 6.08 31.49
CA GLY E 36 1.93 6.09 30.70
C GLY E 36 2.19 4.82 29.95
N LEU E 37 1.23 3.89 29.93
CA LEU E 37 1.40 2.65 29.18
C LEU E 37 0.78 2.86 27.80
N LYS E 38 1.48 3.68 27.00
CA LYS E 38 0.92 4.21 25.75
C LYS E 38 0.73 3.14 24.67
N ARG E 39 1.54 2.08 24.67
CA ARG E 39 1.34 1.04 23.66
C ARG E 39 0.06 0.27 23.92
N LEU E 40 -0.23 -0.03 25.19
CA LEU E 40 -1.50 -0.64 25.57
C LEU E 40 -2.65 0.32 25.30
N GLY E 41 -2.48 1.59 25.65
CA GLY E 41 -3.53 2.57 25.41
C GLY E 41 -3.90 2.69 23.95
N ALA E 42 -2.90 2.68 23.06
CA ALA E 42 -3.20 2.80 21.63
C ALA E 42 -3.84 1.53 21.09
N HIS E 43 -3.34 0.36 21.50
CA HIS E 43 -3.90 -0.88 21.02
C HIS E 43 -5.35 -1.01 21.45
N GLU E 44 -5.63 -0.67 22.70
CA GLU E 44 -6.99 -0.74 23.23
C GLU E 44 -7.91 0.31 22.60
N TYR E 45 -7.35 1.46 22.24
CA TYR E 45 -8.11 2.45 21.46
C TYR E 45 -8.55 1.86 20.14
N HIS E 46 -7.64 1.20 19.43
CA HIS E 46 -8.01 0.57 18.17
C HIS E 46 -9.01 -0.57 18.37
N GLU E 47 -8.97 -1.28 19.50
CA GLU E 47 -10.01 -2.27 19.77
C GLU E 47 -11.38 -1.62 19.90
N SER E 48 -11.45 -0.47 20.59
CA SER E 48 -12.71 0.26 20.75
CA SER E 48 -12.73 0.23 20.74
C SER E 48 -13.24 0.73 19.39
N ILE E 49 -12.35 1.31 18.57
CA ILE E 49 -12.74 1.75 17.23
C ILE E 49 -13.28 0.58 16.43
N ASP E 50 -12.63 -0.57 16.52
CA ASP E 50 -13.12 -1.70 15.75
C ASP E 50 -14.51 -2.11 16.20
N GLU E 51 -14.81 -2.03 17.50
CA GLU E 51 -16.15 -2.33 17.97
C GLU E 51 -17.16 -1.28 17.54
N MET E 52 -16.73 -0.01 17.47
CA MET E 52 -17.59 1.03 16.90
C MET E 52 -17.98 0.70 15.45
N LYS E 53 -17.02 0.21 14.66
CA LYS E 53 -17.34 -0.12 13.28
C LYS E 53 -18.33 -1.29 13.21
N HIS E 54 -18.14 -2.32 14.04
CA HIS E 54 -19.11 -3.43 14.09
C HIS E 54 -20.49 -2.93 14.47
N ALA E 55 -20.56 -2.08 15.50
CA ALA E 55 -21.83 -1.51 15.91
C ALA E 55 -22.51 -0.77 14.77
N ASP E 56 -21.73 0.01 14.00
CA ASP E 56 -22.27 0.70 12.84
C ASP E 56 -22.88 -0.28 11.86
N LYS E 57 -22.16 -1.35 11.51
CA LYS E 57 -22.71 -2.29 10.53
C LYS E 57 -23.98 -2.94 11.06
N LEU E 58 -24.02 -3.24 12.36
CA LEU E 58 -25.23 -3.86 12.93
C LEU E 58 -26.42 -2.91 12.89
N ILE E 59 -26.20 -1.65 13.28
CA ILE E 59 -27.23 -0.62 13.20
C ILE E 59 -27.76 -0.53 11.78
N GLU E 60 -26.86 -0.52 10.80
CA GLU E 60 -27.26 -0.37 9.41
C GLU E 60 -28.10 -1.56 8.95
N ARG E 61 -27.68 -2.76 9.29
CA ARG E 61 -28.43 -3.99 8.94
C ARG E 61 -29.81 -4.02 9.59
N ILE E 62 -29.90 -3.69 10.88
CA ILE E 62 -31.17 -3.64 11.58
C ILE E 62 -32.14 -2.68 10.89
N LEU E 63 -31.69 -1.47 10.58
CA LEU E 63 -32.55 -0.50 9.91
C LEU E 63 -33.00 -1.00 8.54
N PHE E 64 -32.08 -1.61 7.77
CA PHE E 64 -32.44 -2.16 6.47
C PHE E 64 -33.55 -3.20 6.61
N LEU E 65 -33.45 -4.04 7.63
CA LEU E 65 -34.43 -5.07 7.95
C LEU E 65 -35.71 -4.52 8.60
N GLU E 66 -35.82 -3.21 8.73
CA GLU E 66 -36.99 -2.51 9.23
C GLU E 66 -37.21 -2.78 10.72
N GLY E 67 -36.12 -3.02 11.46
CA GLY E 67 -36.13 -3.02 12.90
C GLY E 67 -35.67 -1.70 13.50
N LEU E 68 -35.72 -1.65 14.83
CA LEU E 68 -35.27 -0.48 15.58
C LEU E 68 -33.98 -0.83 16.30
N PRO E 69 -32.85 -0.22 15.95
CA PRO E 69 -31.59 -0.54 16.65
C PRO E 69 -31.62 0.02 18.05
N ASN E 70 -31.23 -0.79 19.03
CA ASN E 70 -31.34 -0.39 20.42
C ASN E 70 -29.98 0.17 20.87
N LEU E 71 -29.87 1.50 20.91
CA LEU E 71 -28.67 2.18 21.44
C LEU E 71 -28.90 2.75 22.84
N GLN E 72 -30.05 2.46 23.45
CA GLN E 72 -30.47 3.04 24.72
C GLN E 72 -30.01 2.22 25.92
N ASP E 73 -30.08 0.90 25.78
CA ASP E 73 -29.75 -0.01 26.87
C ASP E 73 -28.25 -0.31 26.83
N LEU E 74 -27.58 -0.01 27.91
CA LEU E 74 -26.15 -0.24 28.05
C LEU E 74 -25.94 -1.17 29.22
N GLY E 75 -25.38 -2.34 28.95
CA GLY E 75 -25.13 -3.34 29.97
C GLY E 75 -23.90 -2.98 30.80
N LYS E 76 -23.49 -3.94 31.64
CA LYS E 76 -22.50 -3.67 32.68
C LYS E 76 -21.09 -3.67 32.11
N LEU E 77 -20.38 -2.54 32.29
CA LEU E 77 -18.98 -2.50 31.89
C LEU E 77 -18.14 -3.27 32.91
N LEU E 78 -17.17 -4.05 32.43
CA LEU E 78 -16.25 -4.78 33.28
C LEU E 78 -14.94 -4.00 33.28
N ILE E 79 -14.70 -3.20 34.32
CA ILE E 79 -13.55 -2.30 34.40
C ILE E 79 -12.54 -2.86 35.38
N GLY E 80 -11.31 -3.08 34.93
CA GLY E 80 -10.28 -3.53 35.86
C GLY E 80 -9.62 -2.38 36.59
N GLU E 81 -8.88 -2.72 37.65
CA GLU E 81 -8.17 -1.72 38.44
C GLU E 81 -6.66 -1.78 38.24
N ASN E 82 -6.15 -2.71 37.44
CA ASN E 82 -4.76 -2.77 37.03
C ASN E 82 -4.71 -3.55 35.71
N THR E 83 -3.51 -3.60 35.11
CA THR E 83 -3.39 -4.11 33.75
C THR E 83 -3.87 -5.56 33.65
N GLN E 84 -3.45 -6.41 34.58
CA GLN E 84 -3.89 -7.81 34.55
C GLN E 84 -5.41 -7.94 34.60
N GLU E 85 -6.05 -7.20 35.50
CA GLU E 85 -7.51 -7.28 35.64
C GLU E 85 -8.22 -6.73 34.40
N MET E 86 -7.68 -5.64 33.84
CA MET E 86 -8.29 -5.03 32.65
C MET E 86 -8.29 -5.97 31.46
N LEU E 87 -7.15 -6.65 31.24
CA LEU E 87 -7.09 -7.64 30.17
C LEU E 87 -8.07 -8.78 30.43
N GLN E 88 -8.12 -9.29 31.67
CA GLN E 88 -9.02 -10.39 31.96
C GLN E 88 -10.48 -9.95 31.85
N CYS E 89 -10.78 -8.71 32.23
CA CYS E 89 -12.11 -8.14 32.01
C CYS E 89 -12.47 -8.11 30.53
N ASP E 90 -11.53 -7.67 29.69
CA ASP E 90 -11.80 -7.66 28.27
C ASP E 90 -12.06 -9.07 27.77
N LEU E 91 -11.26 -10.04 28.24
CA LEU E 91 -11.43 -11.43 27.80
C LEU E 91 -12.76 -12.01 28.26
N ASN E 92 -13.16 -11.75 29.51
CA ASN E 92 -14.46 -12.21 29.97
C ASN E 92 -15.59 -11.67 29.09
N LEU E 93 -15.52 -10.38 28.73
CA LEU E 93 -16.51 -9.80 27.83
C LEU E 93 -16.50 -10.46 26.46
N GLU E 94 -15.31 -10.67 25.89
CA GLU E 94 -15.19 -11.28 24.56
C GLU E 94 -15.76 -12.70 24.53
N LEU E 95 -15.54 -13.47 25.60
CA LEU E 95 -16.09 -14.82 25.64
C LEU E 95 -17.62 -14.83 25.71
N LYS E 96 -18.24 -13.86 26.40
CA LYS E 96 -19.70 -13.76 26.33
C LYS E 96 -20.13 -13.32 24.92
N ALA E 97 -19.35 -12.44 24.31
CA ALA E 97 -19.70 -11.92 22.98
C ALA E 97 -19.70 -13.00 21.93
N THR E 98 -18.72 -13.90 21.97
CA THR E 98 -18.65 -14.94 20.94
C THR E 98 -19.72 -15.99 21.16
N LYS E 99 -20.09 -16.24 22.42
CA LYS E 99 -21.20 -17.16 22.72
C LYS E 99 -22.48 -16.65 22.06
N ASP E 100 -22.78 -15.37 22.25
CA ASP E 100 -23.97 -14.75 21.69
C ASP E 100 -23.92 -14.72 20.16
N LEU E 101 -22.72 -14.46 19.61
CA LEU E 101 -22.58 -14.46 18.15
C LEU E 101 -22.89 -15.82 17.56
N ARG E 102 -22.41 -16.89 18.20
CA ARG E 102 -22.67 -18.23 17.69
C ARG E 102 -24.17 -18.55 17.72
N GLU E 103 -24.84 -18.17 18.81
CA GLU E 103 -26.28 -18.39 18.89
C GLU E 103 -27.03 -17.56 17.84
N ALA E 104 -26.60 -16.32 17.59
CA ALA E 104 -27.22 -15.50 16.56
C ALA E 104 -27.02 -16.13 15.17
N ILE E 105 -25.84 -16.67 14.89
CA ILE E 105 -25.57 -17.31 13.60
C ILE E 105 -26.48 -18.52 13.41
N VAL E 106 -26.61 -19.36 14.44
CA VAL E 106 -27.51 -20.52 14.34
C VAL E 106 -28.89 -20.06 13.88
N HIS E 107 -29.42 -19.02 14.53
CA HIS E 107 -30.76 -18.61 14.19
C HIS E 107 -30.85 -18.02 12.78
N CYS E 108 -29.88 -17.18 12.37
CA CYS E 108 -29.90 -16.65 11.02
C CYS E 108 -29.88 -17.76 9.98
N GLU E 109 -29.07 -18.80 10.20
CA GLU E 109 -29.04 -19.93 9.30
C GLU E 109 -30.40 -20.62 9.23
N GLN E 110 -31.05 -20.79 10.40
CA GLN E 110 -32.31 -21.52 10.43
C GLN E 110 -33.42 -20.80 9.67
N VAL E 111 -33.44 -19.46 9.67
CA VAL E 111 -34.46 -18.73 8.94
C VAL E 111 -33.96 -18.21 7.59
N HIS E 112 -32.79 -18.69 7.14
CA HIS E 112 -32.26 -18.41 5.81
C HIS E 112 -31.84 -16.94 5.60
N ASP E 113 -31.49 -16.23 6.67
CA ASP E 113 -30.95 -14.87 6.53
C ASP E 113 -29.43 -15.00 6.40
N TYR E 114 -29.01 -15.39 5.20
CA TYR E 114 -27.62 -15.72 4.97
C TYR E 114 -26.72 -14.50 4.94
N VAL E 115 -27.28 -13.32 4.64
CA VAL E 115 -26.48 -12.10 4.64
C VAL E 115 -26.20 -11.64 6.08
N SER E 116 -27.21 -11.70 6.96
CA SER E 116 -27.00 -11.45 8.38
C SER E 116 -26.01 -12.44 8.96
N ARG E 117 -26.10 -13.72 8.56
CA ARG E 117 -25.11 -14.68 9.03
C ARG E 117 -23.69 -14.26 8.62
N ASP E 118 -23.53 -13.82 7.37
CA ASP E 118 -22.19 -13.49 6.88
C ASP E 118 -21.61 -12.31 7.66
N LEU E 119 -22.44 -11.30 7.94
CA LEU E 119 -22.00 -10.18 8.76
C LEU E 119 -21.56 -10.64 10.15
N LEU E 120 -22.39 -11.45 10.82
CA LEU E 120 -22.04 -11.98 12.13
C LEU E 120 -20.79 -12.85 12.09
N LYS E 121 -20.57 -13.61 11.01
CA LYS E 121 -19.36 -14.40 10.93
C LYS E 121 -18.11 -13.51 10.86
N ASP E 122 -18.17 -12.44 10.07
CA ASP E 122 -17.06 -11.51 10.02
C ASP E 122 -16.78 -10.88 11.39
N ILE E 123 -17.83 -10.49 12.12
CA ILE E 123 -17.63 -9.93 13.46
C ILE E 123 -17.00 -10.97 14.39
N LEU E 124 -17.49 -12.20 14.33
CA LEU E 124 -16.92 -13.30 15.12
C LEU E 124 -15.44 -13.50 14.80
N GLU E 125 -15.06 -13.38 13.53
CA GLU E 125 -13.64 -13.48 13.20
C GLU E 125 -12.85 -12.37 13.91
N SER E 126 -13.40 -11.17 13.95
CA SER E 126 -12.73 -10.07 14.64
CA SER E 126 -12.74 -10.07 14.66
C SER E 126 -12.68 -10.32 16.14
N GLU E 127 -13.76 -10.84 16.72
CA GLU E 127 -13.75 -11.10 18.17
C GLU E 127 -12.78 -12.22 18.52
N GLU E 128 -12.69 -13.27 17.68
CA GLU E 128 -11.71 -14.32 17.93
C GLU E 128 -10.27 -13.80 17.81
N GLU E 129 -10.02 -12.86 16.90
CA GLU E 129 -8.70 -12.23 16.86
C GLU E 129 -8.42 -11.47 18.15
N HIS E 130 -9.45 -10.83 18.72
CA HIS E 130 -9.26 -10.11 19.99
C HIS E 130 -9.00 -11.08 21.13
N ILE E 131 -9.67 -12.23 21.13
CA ILE E 131 -9.41 -13.23 22.16
C ILE E 131 -7.97 -13.74 22.06
N ASP E 132 -7.49 -13.96 20.83
CA ASP E 132 -6.09 -14.35 20.62
C ASP E 132 -5.13 -13.32 21.21
N TYR E 133 -5.34 -12.05 20.88
CA TYR E 133 -4.55 -10.98 21.46
C TYR E 133 -4.56 -11.04 22.99
N LEU E 134 -5.74 -11.13 23.60
CA LEU E 134 -5.85 -11.09 25.05
C LEU E 134 -5.18 -12.29 25.71
N GLU E 135 -5.46 -13.49 25.22
CA GLU E 135 -4.82 -14.70 25.73
C GLU E 135 -3.30 -14.60 25.60
N THR E 136 -2.83 -14.03 24.49
CA THR E 136 -1.40 -13.90 24.28
C THR E 136 -0.80 -12.93 25.29
N GLN E 137 -1.50 -11.81 25.58
CA GLN E 137 -0.96 -10.84 26.52
C GLN E 137 -0.88 -11.44 27.91
N LEU E 138 -1.93 -12.14 28.33
CA LEU E 138 -1.92 -12.73 29.66
C LEU E 138 -0.84 -13.79 29.77
N GLY E 139 -0.60 -14.53 28.70
CA GLY E 139 0.50 -15.50 28.67
C GLY E 139 1.87 -14.84 28.70
N LEU E 140 2.03 -13.73 27.99
CA LEU E 140 3.30 -13.01 28.02
C LEU E 140 3.60 -12.49 29.42
N ILE E 141 2.58 -12.01 30.14
CA ILE E 141 2.82 -11.55 31.51
C ILE E 141 3.45 -12.67 32.34
N GLN E 142 2.99 -13.90 32.15
CA GLN E 142 3.58 -15.02 32.88
C GLN E 142 4.99 -15.33 32.39
N LYS E 143 5.26 -15.13 31.12
CA LYS E 143 6.54 -15.57 30.57
C LYS E 143 7.65 -14.54 30.82
N VAL E 144 7.35 -13.25 30.69
CA VAL E 144 8.38 -12.22 30.84
C VAL E 144 8.29 -11.50 32.18
N GLY E 145 7.28 -11.79 32.98
CA GLY E 145 7.04 -11.07 34.21
C GLY E 145 6.27 -9.77 34.01
N LEU E 146 5.52 -9.35 35.04
CA LEU E 146 4.68 -8.16 34.88
C LEU E 146 5.50 -6.90 34.63
N GLU E 147 6.59 -6.74 35.37
CA GLU E 147 7.38 -5.53 35.26
CA GLU E 147 7.36 -5.50 35.24
C GLU E 147 7.91 -5.36 33.84
N ASN E 148 8.43 -6.44 33.25
CA ASN E 148 8.91 -6.35 31.88
C ASN E 148 7.74 -6.15 30.90
N TYR E 149 6.62 -6.80 31.18
CA TYR E 149 5.50 -6.70 30.25
C TYR E 149 5.05 -5.25 30.19
N LEU E 150 4.90 -4.62 31.36
CA LEU E 150 4.50 -3.23 31.39
C LEU E 150 5.55 -2.35 30.74
N GLN E 151 6.84 -2.64 31.02
CA GLN E 151 7.91 -1.87 30.41
C GLN E 151 7.76 -1.86 28.89
N SER E 152 7.50 -3.05 28.32
CA SER E 152 7.38 -3.18 26.88
C SER E 152 6.17 -2.47 26.30
N HIS E 153 5.26 -1.97 27.14
CA HIS E 153 4.08 -1.26 26.67
C HIS E 153 4.09 0.21 27.06
N MET E 154 5.25 0.75 27.46
CA MET E 154 5.29 2.18 27.75
C MET E 154 5.28 3.01 26.48
N HIS E 155 6.09 2.66 25.50
CA HIS E 155 6.30 3.50 24.32
C HIS E 155 5.52 2.93 23.15
N GLU E 156 4.81 3.79 22.45
CA GLU E 156 4.04 3.40 21.27
C GLU E 156 4.93 3.40 20.02
N MET F 1 -7.62 -20.26 22.93
CA MET F 1 -9.09 -20.50 23.07
C MET F 1 -9.40 -21.99 22.84
N LYS F 2 -9.99 -22.67 23.81
CA LYS F 2 -10.05 -24.12 23.77
C LYS F 2 -11.02 -24.56 22.67
N GLY F 3 -10.50 -25.19 21.64
CA GLY F 3 -11.32 -25.69 20.57
C GLY F 3 -11.93 -27.05 20.85
N ASP F 4 -12.87 -27.40 19.98
CA ASP F 4 -13.50 -28.72 19.99
C ASP F 4 -12.49 -29.78 19.56
N LYS F 5 -12.42 -30.86 20.32
CA LYS F 5 -11.38 -31.87 20.07
C LYS F 5 -11.53 -32.50 18.70
N LYS F 6 -12.75 -32.80 18.28
CA LYS F 6 -12.94 -33.41 16.97
C LYS F 6 -12.68 -32.41 15.84
N VAL F 7 -12.99 -31.12 16.04
CA VAL F 7 -12.57 -30.12 15.05
C VAL F 7 -11.07 -30.18 14.86
N ILE F 8 -10.34 -30.22 15.98
CA ILE F 8 -8.89 -30.24 15.91
C ILE F 8 -8.41 -31.50 15.19
N GLN F 9 -9.05 -32.63 15.47
CA GLN F 9 -8.73 -33.85 14.73
C GLN F 9 -8.93 -33.66 13.24
N HIS F 10 -10.04 -33.02 12.83
CA HIS F 10 -10.28 -32.80 11.42
C HIS F 10 -9.26 -31.84 10.84
N LEU F 11 -8.92 -30.77 11.56
CA LEU F 11 -7.93 -29.83 11.07
C LEU F 11 -6.59 -30.51 10.89
N ASN F 12 -6.24 -31.42 11.79
CA ASN F 12 -4.99 -32.15 11.60
C ASN F 12 -5.09 -33.12 10.43
N LYS F 13 -6.28 -33.63 10.15
CA LYS F 13 -6.44 -34.51 9.00
C LYS F 13 -6.27 -33.75 7.71
N ILE F 14 -6.87 -32.55 7.64
CA ILE F 14 -6.67 -31.67 6.50
C ILE F 14 -5.19 -31.29 6.39
N LEU F 15 -4.56 -30.95 7.50
CA LEU F 15 -3.15 -30.60 7.48
C LEU F 15 -2.32 -31.75 6.91
N GLY F 16 -2.62 -32.97 7.32
CA GLY F 16 -1.90 -34.12 6.80
C GLY F 16 -2.03 -34.27 5.30
N ASN F 17 -3.22 -33.98 4.75
CA ASN F 17 -3.40 -34.03 3.31
C ASN F 17 -2.56 -32.95 2.62
N GLU F 18 -2.56 -31.75 3.20
CA GLU F 18 -1.74 -30.67 2.67
C GLU F 18 -0.25 -31.02 2.70
N LEU F 19 0.23 -31.68 3.76
CA LEU F 19 1.65 -32.03 3.83
C LEU F 19 2.04 -33.03 2.75
N ILE F 20 1.15 -33.99 2.44
CA ILE F 20 1.40 -34.88 1.30
C ILE F 20 1.47 -34.07 0.02
N ALA F 21 0.48 -33.19 -0.18
CA ALA F 21 0.41 -32.40 -1.41
C ALA F 21 1.64 -31.50 -1.59
N ILE F 22 2.12 -30.88 -0.52
CA ILE F 22 3.33 -30.06 -0.63
C ILE F 22 4.44 -30.85 -1.31
N ASN F 23 4.74 -32.02 -0.75
CA ASN F 23 5.89 -32.81 -1.22
C ASN F 23 5.62 -33.42 -2.59
N GLN F 24 4.41 -33.92 -2.83
CA GLN F 24 4.08 -34.51 -4.12
C GLN F 24 4.19 -33.47 -5.23
N TYR F 25 3.65 -32.28 -5.01
CA TYR F 25 3.68 -31.23 -6.01
C TYR F 25 5.09 -30.70 -6.18
N PHE F 26 5.84 -30.56 -5.08
CA PHE F 26 7.21 -30.10 -5.23
C PHE F 26 8.02 -31.09 -6.05
N LEU F 27 7.92 -32.38 -5.75
CA LEU F 27 8.70 -33.37 -6.50
C LEU F 27 8.28 -33.37 -7.96
N HIS F 28 6.96 -33.38 -8.22
CA HIS F 28 6.49 -33.31 -9.59
C HIS F 28 7.05 -32.08 -10.31
N SER F 29 7.04 -30.92 -9.65
CA SER F 29 7.55 -29.69 -10.24
C SER F 29 9.00 -29.89 -10.68
N ARG F 30 9.81 -30.48 -9.81
CA ARG F 30 11.23 -30.57 -10.07
C ARG F 30 11.54 -31.65 -11.10
N MET F 31 10.70 -32.70 -11.15
CA MET F 31 10.77 -33.65 -12.26
C MET F 31 10.48 -32.98 -13.59
N TRP F 32 9.38 -32.25 -13.68
CA TRP F 32 9.05 -31.55 -14.91
C TRP F 32 10.16 -30.57 -15.31
N ASN F 33 10.77 -29.90 -14.34
CA ASN F 33 11.87 -28.99 -14.67
C ASN F 33 13.07 -29.76 -15.19
N ASP F 34 13.39 -30.90 -14.58
CA ASP F 34 14.54 -31.67 -15.02
C ASP F 34 14.33 -32.17 -16.45
N TRP F 35 13.09 -32.45 -16.82
CA TRP F 35 12.74 -32.92 -18.17
C TRP F 35 12.61 -31.78 -19.18
N GLY F 36 12.79 -30.54 -18.77
CA GLY F 36 12.67 -29.40 -19.67
C GLY F 36 11.26 -28.92 -19.90
N LEU F 37 10.31 -29.40 -19.12
CA LEU F 37 8.93 -28.95 -19.26
C LEU F 37 8.67 -27.86 -18.22
N LYS F 38 9.27 -26.71 -18.48
CA LYS F 38 9.40 -25.68 -17.46
C LYS F 38 8.09 -24.98 -17.19
N ARG F 39 7.15 -24.96 -18.13
CA ARG F 39 5.87 -24.35 -17.82
C ARG F 39 5.09 -25.22 -16.82
N LEU F 40 5.13 -26.55 -16.99
CA LEU F 40 4.52 -27.43 -15.99
C LEU F 40 5.27 -27.33 -14.68
N GLY F 41 6.60 -27.25 -14.74
CA GLY F 41 7.39 -27.18 -13.52
C GLY F 41 7.07 -25.95 -12.69
N ALA F 42 6.88 -24.81 -13.36
CA ALA F 42 6.59 -23.57 -12.65
C ALA F 42 5.19 -23.58 -12.09
N HIS F 43 4.23 -24.09 -12.87
CA HIS F 43 2.86 -24.11 -12.38
C HIS F 43 2.74 -25.04 -11.17
N GLU F 44 3.39 -26.20 -11.25
CA GLU F 44 3.33 -27.17 -10.16
C GLU F 44 4.06 -26.66 -8.92
N TYR F 45 5.14 -25.89 -9.09
CA TYR F 45 5.79 -25.21 -7.97
C TYR F 45 4.80 -24.29 -7.25
N HIS F 46 4.09 -23.48 -8.01
CA HIS F 46 3.12 -22.58 -7.40
C HIS F 46 1.98 -23.33 -6.72
N GLU F 47 1.60 -24.51 -7.23
CA GLU F 47 0.64 -25.33 -6.51
C GLU F 47 1.19 -25.80 -5.17
N SER F 48 2.49 -26.20 -5.13
CA SER F 48 3.11 -26.61 -3.89
CA SER F 48 3.08 -26.61 -3.87
C SER F 48 3.15 -25.46 -2.88
N ILE F 49 3.57 -24.28 -3.34
CA ILE F 49 3.58 -23.11 -2.47
C ILE F 49 2.20 -22.82 -1.91
N ASP F 50 1.16 -22.91 -2.76
CA ASP F 50 -0.20 -22.70 -2.27
C ASP F 50 -0.54 -23.66 -1.14
N GLU F 51 -0.17 -24.95 -1.28
CA GLU F 51 -0.45 -25.90 -0.21
C GLU F 51 0.36 -25.59 1.04
N MET F 52 1.58 -25.07 0.87
CA MET F 52 2.35 -24.64 2.03
C MET F 52 1.62 -23.54 2.78
N LYS F 53 1.03 -22.60 2.05
CA LYS F 53 0.33 -21.51 2.69
C LYS F 53 -0.91 -22.01 3.42
N HIS F 54 -1.65 -22.97 2.82
CA HIS F 54 -2.78 -23.56 3.52
C HIS F 54 -2.34 -24.29 4.79
N ALA F 55 -1.26 -25.08 4.71
CA ALA F 55 -0.76 -25.78 5.88
C ALA F 55 -0.41 -24.79 6.98
N ASP F 56 0.22 -23.67 6.63
CA ASP F 56 0.52 -22.62 7.61
C ASP F 56 -0.73 -22.17 8.33
N LYS F 57 -1.79 -21.84 7.57
CA LYS F 57 -3.00 -21.34 8.22
C LYS F 57 -3.63 -22.40 9.11
N LEU F 58 -3.55 -23.67 8.70
CA LEU F 58 -4.11 -24.72 9.54
C LEU F 58 -3.31 -24.89 10.82
N ILE F 59 -1.98 -24.85 10.72
CA ILE F 59 -1.14 -24.92 11.91
C ILE F 59 -1.48 -23.77 12.86
N GLU F 60 -1.60 -22.56 12.33
CA GLU F 60 -1.92 -21.40 13.16
C GLU F 60 -3.26 -21.57 13.85
N ARG F 61 -4.26 -22.06 13.11
CA ARG F 61 -5.58 -22.27 13.71
C ARG F 61 -5.56 -23.36 14.79
N ILE F 62 -4.88 -24.48 14.54
CA ILE F 62 -4.82 -25.55 15.53
C ILE F 62 -4.16 -25.05 16.81
N LEU F 63 -3.08 -24.29 16.67
CA LEU F 63 -2.40 -23.78 17.86
C LEU F 63 -3.28 -22.79 18.62
N PHE F 64 -3.97 -21.89 17.91
CA PHE F 64 -4.92 -20.98 18.54
C PHE F 64 -5.96 -21.74 19.36
N LEU F 65 -6.46 -22.85 18.81
CA LEU F 65 -7.47 -23.69 19.47
C LEU F 65 -6.86 -24.61 20.52
N GLU F 66 -5.56 -24.48 20.78
CA GLU F 66 -4.90 -25.19 21.86
C GLU F 66 -4.79 -26.68 21.58
N GLY F 67 -4.63 -27.04 20.30
CA GLY F 67 -4.28 -28.38 19.90
C GLY F 67 -2.82 -28.44 19.47
N LEU F 68 -2.38 -29.65 19.12
CA LEU F 68 -1.03 -29.89 18.68
C LEU F 68 -1.06 -30.18 17.19
N PRO F 69 -0.46 -29.35 16.33
CA PRO F 69 -0.50 -29.63 14.89
C PRO F 69 0.44 -30.77 14.57
N ASN F 70 -0.04 -31.76 13.81
CA ASN F 70 0.74 -32.96 13.53
C ASN F 70 1.54 -32.74 12.25
N LEU F 71 2.85 -32.44 12.38
CA LEU F 71 3.73 -32.37 11.21
C LEU F 71 4.61 -33.60 11.07
N GLN F 72 4.39 -34.61 11.91
CA GLN F 72 5.24 -35.78 11.98
C GLN F 72 4.80 -36.88 11.03
N ASP F 73 3.49 -37.08 10.89
CA ASP F 73 2.97 -38.19 10.10
C ASP F 73 2.79 -37.71 8.67
N LEU F 74 3.48 -38.36 7.76
CA LEU F 74 3.40 -38.03 6.35
C LEU F 74 2.83 -39.25 5.62
N GLY F 75 1.65 -39.08 5.04
CA GLY F 75 1.01 -40.13 4.27
C GLY F 75 1.69 -40.39 2.94
N LYS F 76 1.04 -41.24 2.15
CA LYS F 76 1.67 -41.78 0.94
C LYS F 76 1.68 -40.76 -0.20
N LEU F 77 2.88 -40.48 -0.72
CA LEU F 77 3.03 -39.67 -1.93
C LEU F 77 2.59 -40.45 -3.17
N LEU F 78 1.81 -39.81 -4.02
CA LEU F 78 1.33 -40.41 -5.28
C LEU F 78 2.18 -39.81 -6.39
N ILE F 79 3.28 -40.46 -6.73
CA ILE F 79 4.23 -39.92 -7.69
C ILE F 79 4.02 -40.59 -9.05
N GLY F 80 3.84 -39.78 -10.08
CA GLY F 80 3.70 -40.32 -11.41
C GLY F 80 5.05 -40.56 -12.09
N GLU F 81 5.01 -41.29 -13.20
CA GLU F 81 6.22 -41.64 -13.92
C GLU F 81 6.32 -40.94 -15.26
N ASN F 82 5.22 -40.36 -15.72
CA ASN F 82 5.19 -39.51 -16.90
C ASN F 82 4.12 -38.45 -16.67
N THR F 83 4.01 -37.51 -17.61
CA THR F 83 3.17 -36.33 -17.39
C THR F 83 1.72 -36.70 -17.16
N GLN F 84 1.17 -37.60 -17.96
CA GLN F 84 -0.22 -37.98 -17.76
C GLN F 84 -0.44 -38.58 -16.38
N GLU F 85 0.49 -39.42 -15.93
CA GLU F 85 0.33 -40.07 -14.64
C GLU F 85 0.43 -39.07 -13.51
N MET F 86 1.40 -38.16 -13.61
CA MET F 86 1.60 -37.15 -12.57
C MET F 86 0.35 -36.31 -12.39
N LEU F 87 -0.23 -35.84 -13.51
CA LEU F 87 -1.46 -35.06 -13.43
C LEU F 87 -2.58 -35.86 -12.77
N GLN F 88 -2.72 -37.13 -13.15
CA GLN F 88 -3.80 -37.95 -12.58
C GLN F 88 -3.55 -38.23 -11.10
N CYS F 89 -2.29 -38.41 -10.71
CA CYS F 89 -1.94 -38.55 -9.30
C CYS F 89 -2.29 -37.30 -8.50
N ASP F 90 -2.00 -36.10 -9.04
CA ASP F 90 -2.44 -34.88 -8.38
C ASP F 90 -3.96 -34.84 -8.25
N LEU F 91 -4.66 -35.23 -9.31
CA LEU F 91 -6.12 -35.20 -9.27
C LEU F 91 -6.66 -36.19 -8.24
N ASN F 92 -6.07 -37.37 -8.15
CA ASN F 92 -6.53 -38.34 -7.15
C ASN F 92 -6.33 -37.79 -5.74
N LEU F 93 -5.19 -37.17 -5.49
CA LEU F 93 -4.96 -36.58 -4.18
C LEU F 93 -5.97 -35.47 -3.88
N GLU F 94 -6.22 -34.59 -4.86
CA GLU F 94 -7.12 -33.46 -4.67
C GLU F 94 -8.52 -33.92 -4.34
N LEU F 95 -8.98 -34.99 -4.99
CA LEU F 95 -10.33 -35.49 -4.75
C LEU F 95 -10.47 -36.04 -3.34
N LYS F 96 -9.44 -36.75 -2.86
CA LYS F 96 -9.41 -37.14 -1.45
C LYS F 96 -9.41 -35.91 -0.54
N ALA F 97 -8.68 -34.87 -0.93
CA ALA F 97 -8.59 -33.67 -0.09
C ALA F 97 -9.94 -32.96 0.03
N THR F 98 -10.68 -32.82 -1.07
CA THR F 98 -11.95 -32.10 -0.97
C THR F 98 -12.97 -32.91 -0.19
N LYS F 99 -12.93 -34.23 -0.32
CA LYS F 99 -13.79 -35.10 0.48
C LYS F 99 -13.56 -34.83 1.97
N ASP F 100 -12.29 -34.85 2.39
CA ASP F 100 -11.99 -34.58 3.78
C ASP F 100 -12.37 -33.16 4.19
N LEU F 101 -12.14 -32.17 3.31
CA LEU F 101 -12.55 -30.80 3.62
C LEU F 101 -14.04 -30.71 3.85
N ARG F 102 -14.84 -31.36 3.02
CA ARG F 102 -16.29 -31.26 3.21
C ARG F 102 -16.73 -31.87 4.54
N GLU F 103 -16.16 -33.02 4.90
CA GLU F 103 -16.54 -33.68 6.15
C GLU F 103 -16.12 -32.84 7.35
N ALA F 104 -14.97 -32.16 7.25
CA ALA F 104 -14.52 -31.25 8.30
C ALA F 104 -15.46 -30.06 8.45
N ILE F 105 -15.93 -29.49 7.33
CA ILE F 105 -16.86 -28.37 7.41
C ILE F 105 -18.15 -28.80 8.10
N VAL F 106 -18.66 -29.99 7.76
CA VAL F 106 -19.87 -30.49 8.42
C VAL F 106 -19.70 -30.43 9.93
N HIS F 107 -18.55 -30.88 10.43
CA HIS F 107 -18.40 -30.97 11.87
C HIS F 107 -18.18 -29.60 12.51
N CYS F 108 -17.42 -28.72 11.85
CA CYS F 108 -17.31 -27.34 12.32
C CYS F 108 -18.69 -26.72 12.48
N GLU F 109 -19.55 -26.89 11.47
CA GLU F 109 -20.88 -26.29 11.50
C GLU F 109 -21.66 -26.83 12.70
N GLN F 110 -21.54 -28.13 12.94
CA GLN F 110 -22.34 -28.78 13.97
C GLN F 110 -21.98 -28.27 15.36
N VAL F 111 -20.70 -27.97 15.59
CA VAL F 111 -20.28 -27.51 16.90
C VAL F 111 -20.10 -25.99 16.91
N HIS F 112 -20.51 -25.30 15.85
CA HIS F 112 -20.58 -23.84 15.82
C HIS F 112 -19.20 -23.19 15.75
N ASP F 113 -18.21 -23.89 15.23
CA ASP F 113 -16.89 -23.29 15.01
C ASP F 113 -16.91 -22.68 13.60
N TYR F 114 -17.55 -21.51 13.52
CA TYR F 114 -17.81 -20.90 12.22
C TYR F 114 -16.54 -20.30 11.62
N VAL F 115 -15.57 -19.92 12.45
CA VAL F 115 -14.33 -19.37 11.92
C VAL F 115 -13.49 -20.48 11.30
N SER F 116 -13.42 -21.65 11.95
CA SER F 116 -12.74 -22.79 11.33
C SER F 116 -13.42 -23.19 10.02
N ARG F 117 -14.75 -23.20 10.01
CA ARG F 117 -15.47 -23.48 8.76
C ARG F 117 -15.04 -22.52 7.64
N ASP F 118 -15.01 -21.21 7.93
CA ASP F 118 -14.66 -20.23 6.92
C ASP F 118 -13.26 -20.47 6.35
N LEU F 119 -12.30 -20.82 7.22
CA LEU F 119 -10.95 -21.13 6.78
C LEU F 119 -10.96 -22.33 5.82
N LEU F 120 -11.71 -23.37 6.18
CA LEU F 120 -11.77 -24.57 5.37
C LEU F 120 -12.48 -24.33 4.05
N LYS F 121 -13.54 -23.51 4.08
CA LYS F 121 -14.19 -23.11 2.85
C LYS F 121 -13.21 -22.42 1.91
N ASP F 122 -12.40 -21.48 2.43
CA ASP F 122 -11.41 -20.83 1.58
C ASP F 122 -10.44 -21.84 0.98
N ILE F 123 -9.93 -22.77 1.80
CA ILE F 123 -9.01 -23.81 1.30
C ILE F 123 -9.71 -24.65 0.24
N LEU F 124 -10.96 -24.99 0.49
CA LEU F 124 -11.73 -25.77 -0.48
C LEU F 124 -11.84 -25.05 -1.81
N GLU F 125 -12.04 -23.73 -1.79
CA GLU F 125 -12.09 -22.98 -3.03
C GLU F 125 -10.77 -23.11 -3.79
N SER F 126 -9.65 -23.02 -3.08
CA SER F 126 -8.35 -23.22 -3.72
CA SER F 126 -8.35 -23.22 -3.72
C SER F 126 -8.20 -24.63 -4.26
N GLU F 127 -8.69 -25.64 -3.53
CA GLU F 127 -8.52 -27.00 -4.01
C GLU F 127 -9.41 -27.27 -5.23
N GLU F 128 -10.62 -26.70 -5.26
CA GLU F 128 -11.46 -26.84 -6.45
C GLU F 128 -10.84 -26.16 -7.64
N GLU F 129 -10.19 -25.00 -7.43
CA GLU F 129 -9.46 -24.38 -8.53
C GLU F 129 -8.36 -25.30 -9.06
N HIS F 130 -7.68 -26.03 -8.17
CA HIS F 130 -6.65 -26.94 -8.63
C HIS F 130 -7.25 -28.10 -9.42
N ILE F 131 -8.37 -28.65 -8.95
CA ILE F 131 -9.07 -29.67 -9.71
C ILE F 131 -9.45 -29.16 -11.10
N ASP F 132 -10.04 -27.96 -11.19
CA ASP F 132 -10.32 -27.36 -12.50
C ASP F 132 -9.07 -27.38 -13.39
N TYR F 133 -7.95 -26.89 -12.87
CA TYR F 133 -6.70 -26.90 -13.64
C TYR F 133 -6.36 -28.29 -14.12
N LEU F 134 -6.37 -29.27 -13.22
CA LEU F 134 -5.96 -30.64 -13.56
C LEU F 134 -6.89 -31.26 -14.60
N GLU F 135 -8.19 -31.16 -14.38
CA GLU F 135 -9.13 -31.71 -15.36
C GLU F 135 -8.94 -31.06 -16.72
N THR F 136 -8.66 -29.76 -16.74
CA THR F 136 -8.42 -29.06 -17.99
C THR F 136 -7.17 -29.57 -18.69
N GLN F 137 -6.07 -29.74 -17.95
CA GLN F 137 -4.85 -30.29 -18.54
C GLN F 137 -5.11 -31.66 -19.15
N LEU F 138 -5.79 -32.54 -18.41
CA LEU F 138 -6.03 -33.87 -18.92
C LEU F 138 -6.91 -33.83 -20.18
N GLY F 139 -7.90 -32.93 -20.21
CA GLY F 139 -8.71 -32.79 -21.39
C GLY F 139 -7.96 -32.20 -22.55
N LEU F 140 -7.03 -31.29 -22.28
CA LEU F 140 -6.22 -30.72 -23.36
C LEU F 140 -5.30 -31.75 -23.96
N ILE F 141 -4.78 -32.68 -23.16
CA ILE F 141 -3.97 -33.76 -23.73
C ILE F 141 -4.78 -34.52 -24.78
N GLN F 142 -6.07 -34.74 -24.51
CA GLN F 142 -6.90 -35.46 -25.49
C GLN F 142 -7.21 -34.60 -26.70
N LYS F 143 -7.36 -33.28 -26.52
CA LYS F 143 -7.77 -32.43 -27.64
C LYS F 143 -6.61 -32.10 -28.57
N VAL F 144 -5.42 -31.80 -28.04
CA VAL F 144 -4.31 -31.36 -28.87
C VAL F 144 -3.29 -32.46 -29.11
N GLY F 145 -3.41 -33.58 -28.41
CA GLY F 145 -2.41 -34.63 -28.48
C GLY F 145 -1.30 -34.43 -27.46
N LEU F 146 -0.71 -35.55 -27.04
CA LEU F 146 0.28 -35.48 -25.98
C LEU F 146 1.51 -34.72 -26.41
N GLU F 147 1.99 -34.97 -27.64
CA GLU F 147 3.19 -34.28 -28.12
C GLU F 147 3.00 -32.76 -28.15
N ASN F 148 1.88 -32.29 -28.72
CA ASN F 148 1.62 -30.84 -28.71
C ASN F 148 1.48 -30.34 -27.28
N TYR F 149 0.74 -31.08 -26.44
CA TYR F 149 0.55 -30.65 -25.07
C TYR F 149 1.89 -30.44 -24.37
N LEU F 150 2.81 -31.38 -24.53
CA LEU F 150 4.11 -31.24 -23.90
C LEU F 150 4.92 -30.13 -24.54
N GLN F 151 4.83 -29.99 -25.88
CA GLN F 151 5.49 -28.88 -26.56
C GLN F 151 5.09 -27.54 -25.95
N SER F 152 3.79 -27.38 -25.70
CA SER F 152 3.23 -26.15 -25.18
C SER F 152 3.62 -25.89 -23.72
N HIS F 153 4.28 -26.84 -23.05
CA HIS F 153 4.69 -26.65 -21.66
C HIS F 153 6.19 -26.69 -21.49
N MET F 154 6.94 -26.55 -22.59
CA MET F 154 8.39 -26.48 -22.50
C MET F 154 8.85 -25.16 -21.92
N HIS F 155 8.30 -24.06 -22.44
CA HIS F 155 8.79 -22.72 -22.17
C HIS F 155 7.82 -22.00 -21.25
N GLU F 156 8.36 -21.26 -20.29
CA GLU F 156 7.58 -20.25 -19.58
C GLU F 156 7.39 -19.02 -20.49
N MET G 1 -15.01 21.57 -59.55
CA MET G 1 -15.64 20.38 -60.23
C MET G 1 -17.10 20.71 -60.51
N LYS G 2 -17.58 20.45 -61.71
CA LYS G 2 -18.92 20.90 -62.10
C LYS G 2 -19.96 20.02 -61.43
N GLY G 3 -20.76 20.61 -60.56
CA GLY G 3 -21.81 19.87 -59.89
C GLY G 3 -23.15 19.93 -60.62
N ASP G 4 -24.03 19.03 -60.22
CA ASP G 4 -25.40 19.00 -60.72
C ASP G 4 -26.14 20.25 -60.25
N LYS G 5 -26.78 20.97 -61.17
CA LYS G 5 -27.42 22.23 -60.80
C LYS G 5 -28.50 22.03 -59.74
N LYS G 6 -29.28 20.95 -59.81
CA LYS G 6 -30.33 20.79 -58.82
C LYS G 6 -29.75 20.35 -57.46
N VAL G 7 -28.65 19.58 -57.46
CA VAL G 7 -27.96 19.32 -56.18
C VAL G 7 -27.60 20.64 -55.53
N ILE G 8 -26.99 21.55 -56.30
CA ILE G 8 -26.55 22.81 -55.75
C ILE G 8 -27.74 23.61 -55.22
N GLN G 9 -28.87 23.58 -55.93
CA GLN G 9 -30.06 24.22 -55.38
C GLN G 9 -30.48 23.58 -54.07
N HIS G 10 -30.41 22.26 -53.97
CA HIS G 10 -30.75 21.60 -52.72
C HIS G 10 -29.78 22.02 -51.62
N LEU G 11 -28.49 22.04 -51.94
CA LEU G 11 -27.50 22.44 -50.93
C LEU G 11 -27.75 23.86 -50.44
N ASN G 12 -28.10 24.77 -51.35
CA ASN G 12 -28.42 26.13 -50.94
C ASN G 12 -29.68 26.18 -50.10
N LYS G 13 -30.65 25.30 -50.37
CA LYS G 13 -31.84 25.23 -49.53
C LYS G 13 -31.48 24.78 -48.12
N ILE G 14 -30.63 23.76 -47.99
CA ILE G 14 -30.20 23.32 -46.66
C ILE G 14 -29.40 24.42 -45.98
N LEU G 15 -28.47 25.03 -46.71
CA LEU G 15 -27.74 26.17 -46.17
C LEU G 15 -28.68 27.23 -45.62
N GLY G 16 -29.74 27.55 -46.35
CA GLY G 16 -30.66 28.56 -45.88
C GLY G 16 -31.29 28.18 -44.56
N ASN G 17 -31.63 26.89 -44.39
CA ASN G 17 -32.22 26.43 -43.16
C ASN G 17 -31.20 26.52 -42.01
N GLU G 18 -29.95 26.17 -42.29
CA GLU G 18 -28.89 26.31 -41.28
C GLU G 18 -28.72 27.78 -40.88
N LEU G 19 -28.75 28.70 -41.85
CA LEU G 19 -28.62 30.12 -41.54
C LEU G 19 -29.76 30.63 -40.66
N ILE G 20 -30.99 30.15 -40.90
CA ILE G 20 -32.09 30.47 -39.98
C ILE G 20 -31.75 29.98 -38.57
N ALA G 21 -31.34 28.71 -38.48
CA ALA G 21 -31.12 28.08 -37.18
C ALA G 21 -29.98 28.74 -36.41
N ILE G 22 -28.91 29.14 -37.10
CA ILE G 22 -27.83 29.86 -36.43
C ILE G 22 -28.38 31.02 -35.63
N ASN G 23 -29.17 31.86 -36.29
CA ASN G 23 -29.66 33.09 -35.67
C ASN G 23 -30.73 32.79 -34.63
N GLN G 24 -31.66 31.89 -34.93
CA GLN G 24 -32.70 31.55 -33.95
C GLN G 24 -32.08 31.01 -32.67
N TYR G 25 -31.16 30.06 -32.79
CA TYR G 25 -30.55 29.46 -31.60
C TYR G 25 -29.68 30.47 -30.87
N PHE G 26 -28.97 31.33 -31.61
CA PHE G 26 -28.14 32.32 -30.93
C PHE G 26 -28.97 33.29 -30.12
N LEU G 27 -30.10 33.74 -30.68
CA LEU G 27 -30.95 34.65 -29.93
C LEU G 27 -31.58 33.95 -28.72
N HIS G 28 -32.09 32.74 -28.94
CA HIS G 28 -32.64 31.96 -27.83
C HIS G 28 -31.58 31.77 -26.75
N SER G 29 -30.35 31.46 -27.14
CA SER G 29 -29.26 31.35 -26.16
C SER G 29 -29.14 32.62 -25.34
N ARG G 30 -29.09 33.77 -26.01
CA ARG G 30 -28.82 35.02 -25.32
C ARG G 30 -30.02 35.47 -24.53
N MET G 31 -31.23 35.09 -24.96
CA MET G 31 -32.42 35.31 -24.14
C MET G 31 -32.33 34.49 -22.84
N TRP G 32 -32.04 33.21 -22.97
CA TRP G 32 -31.94 32.37 -21.77
C TRP G 32 -30.86 32.90 -20.82
N ASN G 33 -29.72 33.33 -21.36
CA ASN G 33 -28.70 33.88 -20.48
C ASN G 33 -29.18 35.13 -19.78
N ASP G 34 -29.88 36.00 -20.49
CA ASP G 34 -30.40 37.24 -19.91
C ASP G 34 -31.40 36.94 -18.80
N TRP G 35 -32.16 35.84 -18.94
CA TRP G 35 -33.14 35.44 -17.92
C TRP G 35 -32.51 34.69 -16.75
N GLY G 36 -31.21 34.44 -16.78
CA GLY G 36 -30.61 33.70 -15.68
C GLY G 36 -30.68 32.20 -15.83
N LEU G 37 -31.16 31.71 -16.96
CA LEU G 37 -31.20 30.28 -17.22
C LEU G 37 -29.95 29.88 -18.01
N LYS G 38 -28.80 29.90 -17.30
CA LYS G 38 -27.51 29.81 -17.98
C LYS G 38 -27.22 28.43 -18.56
N ARG G 39 -27.81 27.36 -18.00
CA ARG G 39 -27.55 26.05 -18.58
C ARG G 39 -28.25 25.90 -19.92
N LEU G 40 -29.48 26.41 -20.04
CA LEU G 40 -30.12 26.46 -21.35
C LEU G 40 -29.35 27.36 -22.29
N GLY G 41 -28.94 28.52 -21.80
CA GLY G 41 -28.21 29.44 -22.64
C GLY G 41 -26.96 28.81 -23.22
N ALA G 42 -26.18 28.11 -22.37
CA ALA G 42 -24.93 27.50 -22.84
C ALA G 42 -25.20 26.37 -23.80
N HIS G 43 -26.24 25.56 -23.55
CA HIS G 43 -26.51 24.46 -24.45
C HIS G 43 -26.98 24.99 -25.81
N GLU G 44 -27.80 26.03 -25.79
CA GLU G 44 -28.34 26.62 -27.03
C GLU G 44 -27.25 27.35 -27.80
N TYR G 45 -26.30 27.96 -27.09
CA TYR G 45 -25.13 28.51 -27.76
C TYR G 45 -24.41 27.43 -28.55
N HIS G 46 -24.21 26.27 -27.94
CA HIS G 46 -23.48 25.21 -28.64
C HIS G 46 -24.29 24.65 -29.81
N GLU G 47 -25.63 24.62 -29.70
CA GLU G 47 -26.43 24.25 -30.88
C GLU G 47 -26.20 25.23 -32.03
N SER G 48 -26.18 26.54 -31.73
CA SER G 48 -25.92 27.55 -32.75
CA SER G 48 -25.93 27.53 -32.77
C SER G 48 -24.56 27.35 -33.42
N ILE G 49 -23.53 27.11 -32.61
CA ILE G 49 -22.20 26.87 -33.15
C ILE G 49 -22.19 25.66 -34.07
N ASP G 50 -22.89 24.59 -33.68
CA ASP G 50 -22.90 23.40 -34.52
C ASP G 50 -23.52 23.72 -35.87
N GLU G 51 -24.57 24.56 -35.86
CA GLU G 51 -25.20 24.95 -37.12
C GLU G 51 -24.26 25.78 -37.96
N MET G 52 -23.49 26.65 -37.29
CA MET G 52 -22.48 27.43 -37.98
C MET G 52 -21.51 26.52 -38.69
N LYS G 53 -21.07 25.44 -38.01
CA LYS G 53 -20.15 24.51 -38.63
C LYS G 53 -20.78 23.79 -39.82
N HIS G 54 -22.07 23.43 -39.73
CA HIS G 54 -22.67 22.77 -40.89
C HIS G 54 -22.75 23.73 -42.08
N ALA G 55 -23.11 24.99 -41.82
CA ALA G 55 -23.21 25.98 -42.88
C ALA G 55 -21.86 26.17 -43.55
N ASP G 56 -20.79 26.15 -42.76
CA ASP G 56 -19.45 26.24 -43.33
C ASP G 56 -19.21 25.10 -44.30
N LYS G 57 -19.53 23.86 -43.89
CA LYS G 57 -19.27 22.73 -44.77
C LYS G 57 -20.09 22.83 -46.04
N LEU G 58 -21.34 23.31 -45.92
CA LEU G 58 -22.22 23.44 -47.09
C LEU G 58 -21.69 24.51 -48.04
N ILE G 59 -21.27 25.65 -47.49
CA ILE G 59 -20.63 26.70 -48.29
C ILE G 59 -19.42 26.14 -49.04
N GLU G 60 -18.56 25.42 -48.32
CA GLU G 60 -17.39 24.84 -48.95
C GLU G 60 -17.76 23.87 -50.07
N ARG G 61 -18.78 23.03 -49.86
CA ARG G 61 -19.14 22.08 -50.90
C ARG G 61 -19.70 22.77 -52.11
N ILE G 62 -20.54 23.78 -51.91
CA ILE G 62 -21.18 24.48 -53.01
C ILE G 62 -20.12 25.14 -53.89
N LEU G 63 -19.12 25.76 -53.26
CA LEU G 63 -18.07 26.43 -54.02
C LEU G 63 -17.24 25.44 -54.80
N PHE G 64 -16.89 24.31 -54.17
CA PHE G 64 -16.17 23.26 -54.85
C PHE G 64 -16.92 22.80 -56.10
N LEU G 65 -18.25 22.64 -55.99
CA LEU G 65 -19.09 22.25 -57.13
C LEU G 65 -19.39 23.40 -58.07
N GLU G 66 -18.77 24.56 -57.85
CA GLU G 66 -18.80 25.70 -58.76
C GLU G 66 -20.17 26.35 -58.79
N GLY G 67 -20.83 26.36 -57.63
CA GLY G 67 -22.07 27.07 -57.43
C GLY G 67 -21.83 28.27 -56.54
N LEU G 68 -22.88 29.07 -56.36
CA LEU G 68 -22.81 30.27 -55.54
C LEU G 68 -23.58 30.05 -54.25
N PRO G 69 -22.90 29.95 -53.11
CA PRO G 69 -23.62 29.76 -51.85
C PRO G 69 -24.44 31.00 -51.57
N ASN G 70 -25.71 30.84 -51.22
CA ASN G 70 -26.58 31.98 -50.96
C ASN G 70 -26.61 32.27 -49.46
N LEU G 71 -25.90 33.32 -49.05
CA LEU G 71 -25.94 33.80 -47.67
C LEU G 71 -26.82 35.03 -47.52
N GLN G 72 -27.50 35.43 -48.60
CA GLN G 72 -28.24 36.70 -48.61
C GLN G 72 -29.69 36.56 -48.16
N ASP G 73 -30.34 35.47 -48.54
CA ASP G 73 -31.75 35.30 -48.27
C ASP G 73 -31.85 34.58 -46.93
N LEU G 74 -32.48 35.24 -45.97
CA LEU G 74 -32.67 34.67 -44.63
C LEU G 74 -34.16 34.48 -44.43
N GLY G 75 -34.57 33.22 -44.28
CA GLY G 75 -35.95 32.92 -44.01
C GLY G 75 -36.38 33.35 -42.62
N LYS G 76 -37.60 32.94 -42.27
CA LYS G 76 -38.26 33.42 -41.06
C LYS G 76 -37.71 32.72 -39.81
N LEU G 77 -37.26 33.51 -38.84
CA LEU G 77 -36.85 32.97 -37.55
C LEU G 77 -38.09 32.68 -36.70
N LEU G 78 -38.09 31.51 -36.06
CA LEU G 78 -39.14 31.13 -35.13
C LEU G 78 -38.66 31.42 -33.70
N ILE G 79 -39.04 32.58 -33.16
CA ILE G 79 -38.56 33.01 -31.85
C ILE G 79 -39.67 32.79 -30.84
N GLY G 80 -39.36 32.03 -29.79
CA GLY G 80 -40.28 31.88 -28.69
C GLY G 80 -40.16 33.04 -27.73
N GLU G 81 -41.11 33.11 -26.80
CA GLU G 81 -41.08 34.16 -25.80
C GLU G 81 -41.10 33.58 -24.40
N ASN G 82 -41.07 32.26 -24.29
CA ASN G 82 -40.79 31.60 -23.03
C ASN G 82 -40.10 30.30 -23.35
N THR G 83 -39.60 29.63 -22.30
CA THR G 83 -38.76 28.45 -22.50
C THR G 83 -39.47 27.37 -23.29
N GLN G 84 -40.70 27.01 -22.90
CA GLN G 84 -41.39 25.93 -23.58
C GLN G 84 -41.63 26.28 -25.04
N GLU G 85 -41.95 27.53 -25.31
CA GLU G 85 -42.19 27.93 -26.68
C GLU G 85 -40.91 27.98 -27.49
N MET G 86 -39.80 28.43 -26.88
CA MET G 86 -38.52 28.45 -27.58
C MET G 86 -38.11 27.06 -28.00
N LEU G 87 -38.21 26.09 -27.08
CA LEU G 87 -37.90 24.72 -27.41
C LEU G 87 -38.79 24.21 -28.53
N GLN G 88 -40.09 24.49 -28.43
CA GLN G 88 -41.00 24.03 -29.48
C GLN G 88 -40.65 24.67 -30.82
N CYS G 89 -40.27 25.96 -30.82
CA CYS G 89 -39.87 26.63 -32.06
C CYS G 89 -38.62 25.98 -32.66
N ASP G 90 -37.63 25.65 -31.82
CA ASP G 90 -36.47 24.93 -32.32
C ASP G 90 -36.88 23.60 -32.93
N LEU G 91 -37.77 22.86 -32.25
CA LEU G 91 -38.20 21.57 -32.76
C LEU G 91 -38.94 21.73 -34.08
N ASN G 92 -39.83 22.72 -34.18
CA ASN G 92 -40.53 22.97 -35.43
C ASN G 92 -39.55 23.25 -36.56
N LEU G 93 -38.54 24.07 -36.28
CA LEU G 93 -37.54 24.37 -37.30
C LEU G 93 -36.77 23.10 -37.69
N GLU G 94 -36.40 22.28 -36.71
CA GLU G 94 -35.64 21.07 -37.01
C GLU G 94 -36.45 20.07 -37.83
N LEU G 95 -37.75 19.99 -37.59
CA LEU G 95 -38.54 19.05 -38.36
C LEU G 95 -38.67 19.50 -39.81
N LYS G 96 -38.76 20.81 -40.05
CA LYS G 96 -38.66 21.30 -41.43
C LYS G 96 -37.28 21.00 -42.01
N ALA G 97 -36.22 21.16 -41.21
CA ALA G 97 -34.88 20.94 -41.72
C ALA G 97 -34.64 19.51 -42.16
N THR G 98 -35.09 18.54 -41.36
CA THR G 98 -34.84 17.15 -41.73
C THR G 98 -35.66 16.72 -42.94
N LYS G 99 -36.87 17.26 -43.08
CA LYS G 99 -37.65 17.00 -44.29
C LYS G 99 -36.88 17.43 -45.53
N ASP G 100 -36.30 18.63 -45.48
CA ASP G 100 -35.52 19.13 -46.60
C ASP G 100 -34.26 18.30 -46.79
N LEU G 101 -33.61 17.88 -45.70
CA LEU G 101 -32.42 17.06 -45.86
C LEU G 101 -32.73 15.74 -46.57
N ARG G 102 -33.83 15.09 -46.21
CA ARG G 102 -34.14 13.82 -46.85
C ARG G 102 -34.41 14.00 -48.34
N GLU G 103 -35.15 15.03 -48.72
CA GLU G 103 -35.39 15.26 -50.15
C GLU G 103 -34.10 15.60 -50.89
N ALA G 104 -33.19 16.35 -50.25
CA ALA G 104 -31.90 16.64 -50.88
C ALA G 104 -31.08 15.37 -51.08
N ILE G 105 -31.09 14.48 -50.09
CA ILE G 105 -30.33 13.24 -50.19
C ILE G 105 -30.90 12.37 -51.33
N VAL G 106 -32.22 12.28 -51.41
CA VAL G 106 -32.83 11.54 -52.51
C VAL G 106 -32.25 12.00 -53.83
N HIS G 107 -32.18 13.32 -54.03
CA HIS G 107 -31.72 13.79 -55.33
C HIS G 107 -30.24 13.55 -55.52
N CYS G 108 -29.42 13.73 -54.48
CA CYS G 108 -28.02 13.36 -54.61
C CYS G 108 -27.87 11.92 -55.02
N GLU G 109 -28.66 11.01 -54.42
CA GLU G 109 -28.55 9.61 -54.79
C GLU G 109 -28.88 9.42 -56.27
N GLN G 110 -29.93 10.08 -56.73
CA GLN G 110 -30.42 9.89 -58.09
C GLN G 110 -29.37 10.28 -59.12
N VAL G 111 -28.63 11.36 -58.87
CA VAL G 111 -27.62 11.83 -59.83
C VAL G 111 -26.21 11.39 -59.46
N HIS G 112 -26.06 10.50 -58.48
CA HIS G 112 -24.80 9.83 -58.15
C HIS G 112 -23.80 10.78 -57.46
N ASP G 113 -24.27 11.85 -56.80
CA ASP G 113 -23.38 12.72 -56.02
C ASP G 113 -23.29 12.13 -54.60
N TYR G 114 -22.51 11.07 -54.49
CA TYR G 114 -22.48 10.32 -53.25
C TYR G 114 -21.74 11.07 -52.16
N VAL G 115 -20.80 11.95 -52.52
CA VAL G 115 -20.09 12.74 -51.51
C VAL G 115 -21.02 13.79 -50.91
N SER G 116 -21.78 14.51 -51.75
CA SER G 116 -22.77 15.42 -51.21
C SER G 116 -23.76 14.69 -50.30
N ARG G 117 -24.19 13.49 -50.70
CA ARG G 117 -25.12 12.75 -49.88
C ARG G 117 -24.51 12.44 -48.51
N ASP G 118 -23.26 12.00 -48.50
CA ASP G 118 -22.60 11.67 -47.23
C ASP G 118 -22.53 12.90 -46.33
N LEU G 119 -22.14 14.06 -46.87
CA LEU G 119 -22.20 15.30 -46.09
C LEU G 119 -23.58 15.53 -45.51
N LEU G 120 -24.63 15.36 -46.33
CA LEU G 120 -25.98 15.65 -45.88
C LEU G 120 -26.42 14.64 -44.84
N LYS G 121 -25.98 13.38 -44.97
CA LYS G 121 -26.31 12.37 -43.99
C LYS G 121 -25.71 12.73 -42.64
N ASP G 122 -24.46 13.19 -42.65
CA ASP G 122 -23.82 13.62 -41.40
C ASP G 122 -24.61 14.76 -40.76
N ILE G 123 -24.99 15.77 -41.56
CA ILE G 123 -25.76 16.88 -41.02
C ILE G 123 -27.07 16.36 -40.46
N LEU G 124 -27.70 15.43 -41.17
CA LEU G 124 -28.98 14.87 -40.72
C LEU G 124 -28.82 14.17 -39.37
N GLU G 125 -27.71 13.45 -39.19
CA GLU G 125 -27.45 12.80 -37.91
C GLU G 125 -27.37 13.84 -36.78
N SER G 126 -26.72 14.97 -37.05
CA SER G 126 -26.67 16.04 -36.06
CA SER G 126 -26.67 16.04 -36.06
C SER G 126 -28.05 16.63 -35.81
N GLU G 127 -28.85 16.81 -36.85
CA GLU G 127 -30.16 17.38 -36.59
C GLU G 127 -31.07 16.40 -35.84
N GLU G 128 -30.96 15.11 -36.10
CA GLU G 128 -31.77 14.18 -35.34
C GLU G 128 -31.30 14.13 -33.89
N GLU G 129 -30.01 14.34 -33.64
CA GLU G 129 -29.58 14.46 -32.24
C GLU G 129 -30.17 15.69 -31.58
N HIS G 130 -30.34 16.80 -32.32
CA HIS G 130 -30.96 17.96 -31.72
C HIS G 130 -32.45 17.72 -31.45
N ILE G 131 -33.11 17.03 -32.36
CA ILE G 131 -34.51 16.66 -32.15
C ILE G 131 -34.64 15.79 -30.91
N ASP G 132 -33.75 14.82 -30.75
CA ASP G 132 -33.76 14.00 -29.54
C ASP G 132 -33.67 14.90 -28.30
N TYR G 133 -32.70 15.81 -28.28
CA TYR G 133 -32.57 16.72 -27.14
C TYR G 133 -33.86 17.50 -26.91
N LEU G 134 -34.42 18.09 -27.96
CA LEU G 134 -35.58 18.95 -27.78
C LEU G 134 -36.80 18.16 -27.30
N GLU G 135 -37.04 17.00 -27.89
CA GLU G 135 -38.16 16.17 -27.46
C GLU G 135 -37.99 15.76 -26.02
N THR G 136 -36.75 15.46 -25.62
CA THR G 136 -36.47 15.10 -24.23
C THR G 136 -36.72 16.28 -23.30
N GLN G 137 -36.28 17.48 -23.67
CA GLN G 137 -36.53 18.63 -22.81
C GLN G 137 -38.02 18.88 -22.63
N LEU G 138 -38.77 18.78 -23.72
CA LEU G 138 -40.21 19.02 -23.62
C LEU G 138 -40.86 17.93 -22.77
N GLY G 139 -40.42 16.69 -22.94
CA GLY G 139 -40.87 15.62 -22.07
C GLY G 139 -40.56 15.90 -20.61
N LEU G 140 -39.38 16.44 -20.33
CA LEU G 140 -38.99 16.67 -18.94
C LEU G 140 -39.85 17.74 -18.31
N ILE G 141 -40.21 18.76 -19.08
CA ILE G 141 -41.06 19.80 -18.53
C ILE G 141 -42.35 19.18 -18.03
N GLN G 142 -42.86 18.18 -18.75
CA GLN G 142 -44.10 17.51 -18.36
C GLN G 142 -43.89 16.63 -17.12
N LYS G 143 -42.73 15.97 -17.02
CA LYS G 143 -42.50 15.01 -15.95
C LYS G 143 -42.11 15.69 -14.64
N VAL G 144 -41.24 16.71 -14.67
CA VAL G 144 -40.81 17.35 -13.44
C VAL G 144 -41.53 18.65 -13.14
N GLY G 145 -42.33 19.15 -14.07
CA GLY G 145 -42.96 20.45 -13.87
C GLY G 145 -42.09 21.59 -14.35
N LEU G 146 -42.74 22.64 -14.86
CA LEU G 146 -41.98 23.74 -15.46
C LEU G 146 -41.04 24.41 -14.45
N GLU G 147 -41.55 24.70 -13.25
CA GLU G 147 -40.74 25.43 -12.27
C GLU G 147 -39.47 24.66 -11.91
N ASN G 148 -39.57 23.34 -11.71
CA ASN G 148 -38.39 22.53 -11.46
C ASN G 148 -37.49 22.46 -12.68
N TYR G 149 -38.07 22.30 -13.87
CA TYR G 149 -37.26 22.22 -15.07
C TYR G 149 -36.40 23.48 -15.22
N LEU G 150 -37.02 24.64 -15.05
CA LEU G 150 -36.30 25.91 -15.10
C LEU G 150 -35.25 25.98 -14.01
N GLN G 151 -35.63 25.61 -12.79
CA GLN G 151 -34.70 25.61 -11.65
C GLN G 151 -33.42 24.87 -12.00
N SER G 152 -33.58 23.69 -12.61
CA SER G 152 -32.46 22.84 -12.97
C SER G 152 -31.62 23.40 -14.08
N HIS G 153 -32.05 24.50 -14.70
CA HIS G 153 -31.30 25.08 -15.80
C HIS G 153 -30.79 26.49 -15.48
N MET G 154 -30.86 26.89 -14.21
CA MET G 154 -30.31 28.18 -13.81
C MET G 154 -28.78 28.18 -13.87
N HIS G 155 -28.17 27.17 -13.28
CA HIS G 155 -26.71 27.12 -13.12
C HIS G 155 -26.11 26.16 -14.14
N GLU G 156 -24.90 26.48 -14.59
CA GLU G 156 -24.06 25.46 -15.21
C GLU G 156 -23.34 24.68 -14.09
N MET H 1 30.92 -23.40 18.77
CA MET H 1 31.05 -24.79 18.23
C MET H 1 32.50 -25.24 18.41
N LYS H 2 32.76 -26.29 19.18
CA LYS H 2 34.12 -26.64 19.54
C LYS H 2 34.90 -27.05 18.30
N GLY H 3 35.92 -26.30 17.96
CA GLY H 3 36.73 -26.62 16.80
C GLY H 3 37.93 -27.48 17.14
N ASP H 4 38.55 -28.00 16.10
CA ASP H 4 39.81 -28.75 16.21
C ASP H 4 40.93 -27.86 16.73
N LYS H 5 41.64 -28.34 17.75
CA LYS H 5 42.66 -27.52 18.40
C LYS H 5 43.74 -27.08 17.42
N LYS H 6 44.19 -27.99 16.56
CA LYS H 6 45.25 -27.65 15.62
C LYS H 6 44.74 -26.76 14.49
N VAL H 7 43.48 -26.90 14.08
CA VAL H 7 42.91 -25.93 13.14
C VAL H 7 43.01 -24.54 13.74
N ILE H 8 42.60 -24.38 15.01
CA ILE H 8 42.64 -23.06 15.61
C ILE H 8 44.07 -22.55 15.68
N GLN H 9 45.03 -23.45 15.91
CA GLN H 9 46.43 -23.03 15.89
C GLN H 9 46.83 -22.54 14.52
N HIS H 10 46.42 -23.25 13.48
CA HIS H 10 46.67 -22.79 12.12
C HIS H 10 46.02 -21.44 11.86
N LEU H 11 44.76 -21.28 12.27
CA LEU H 11 44.07 -20.03 12.02
C LEU H 11 44.78 -18.88 12.72
N ASN H 12 45.30 -19.13 13.92
CA ASN H 12 46.00 -18.09 14.64
C ASN H 12 47.34 -17.78 13.99
N LYS H 13 47.97 -18.77 13.37
CA LYS H 13 49.20 -18.52 12.63
C LYS H 13 48.94 -17.66 11.40
N ILE H 14 47.89 -17.99 10.64
CA ILE H 14 47.51 -17.14 9.51
C ILE H 14 47.18 -15.74 10.00
N LEU H 15 46.41 -15.64 11.10
CA LEU H 15 46.11 -14.35 11.68
C LEU H 15 47.38 -13.57 11.99
N GLY H 16 48.37 -14.24 12.58
CA GLY H 16 49.63 -13.56 12.86
C GLY H 16 50.28 -12.99 11.61
N ASN H 17 50.26 -13.77 10.51
CA ASN H 17 50.82 -13.28 9.26
C ASN H 17 50.06 -12.03 8.78
N GLU H 18 48.73 -12.05 8.86
CA GLU H 18 47.95 -10.91 8.41
C GLU H 18 48.24 -9.67 9.26
N LEU H 19 48.45 -9.86 10.56
CA LEU H 19 48.75 -8.73 11.43
C LEU H 19 50.08 -8.08 11.06
N ILE H 20 51.08 -8.88 10.70
CA ILE H 20 52.34 -8.32 10.19
C ILE H 20 52.06 -7.53 8.92
N ALA H 21 51.37 -8.15 7.97
CA ALA H 21 51.09 -7.53 6.68
C ALA H 21 50.33 -6.21 6.83
N ILE H 22 49.32 -6.16 7.71
CA ILE H 22 48.60 -4.90 7.94
C ILE H 22 49.58 -3.79 8.22
N ASN H 23 50.48 -4.01 9.18
CA ASN H 23 51.36 -2.93 9.64
C ASN H 23 52.43 -2.65 8.62
N GLN H 24 52.95 -3.70 7.98
CA GLN H 24 53.99 -3.50 6.97
C GLN H 24 53.45 -2.68 5.79
N TYR H 25 52.29 -3.07 5.28
CA TYR H 25 51.70 -2.35 4.16
C TYR H 25 51.22 -0.97 4.58
N PHE H 26 50.70 -0.81 5.79
CA PHE H 26 50.28 0.52 6.17
C PHE H 26 51.48 1.45 6.25
N LEU H 27 52.58 0.98 6.81
CA LEU H 27 53.77 1.83 6.88
C LEU H 27 54.31 2.15 5.50
N HIS H 28 54.40 1.15 4.60
CA HIS H 28 54.90 1.41 3.26
C HIS H 28 54.02 2.44 2.56
N SER H 29 52.69 2.33 2.72
CA SER H 29 51.77 3.29 2.13
C SER H 29 52.11 4.71 2.56
N ARG H 30 52.27 4.91 3.87
CA ARG H 30 52.49 6.25 4.37
C ARG H 30 53.89 6.74 4.03
N MET H 31 54.85 5.83 3.87
CA MET H 31 56.16 6.21 3.37
C MET H 31 56.06 6.71 1.94
N TRP H 32 55.39 5.95 1.07
CA TRP H 32 55.24 6.38 -0.31
C TRP H 32 54.49 7.71 -0.42
N ASN H 33 53.46 7.92 0.42
CA ASN H 33 52.77 9.21 0.40
C ASN H 33 53.69 10.34 0.83
N ASP H 34 54.45 10.13 1.89
CA ASP H 34 55.41 11.13 2.34
C ASP H 34 56.40 11.48 1.23
N TRP H 35 56.79 10.50 0.43
CA TRP H 35 57.74 10.74 -0.67
C TRP H 35 57.08 11.33 -1.92
N GLY H 36 55.76 11.53 -1.91
CA GLY H 36 55.05 12.03 -3.07
C GLY H 36 54.71 10.96 -4.09
N LEU H 37 54.88 9.69 -3.77
CA LEU H 37 54.50 8.61 -4.69
C LEU H 37 53.09 8.12 -4.35
N LYS H 38 52.14 9.02 -4.65
CA LYS H 38 50.78 8.89 -4.13
C LYS H 38 50.00 7.73 -4.75
N ARG H 39 50.30 7.35 -6.00
CA ARG H 39 49.62 6.17 -6.56
C ARG H 39 50.04 4.88 -5.85
N LEU H 40 51.33 4.73 -5.57
CA LEU H 40 51.77 3.59 -4.76
C LEU H 40 51.19 3.68 -3.36
N GLY H 41 51.17 4.87 -2.77
CA GLY H 41 50.65 5.03 -1.43
C GLY H 41 49.21 4.58 -1.33
N ALA H 42 48.38 4.96 -2.32
CA ALA H 42 46.97 4.61 -2.31
C ALA H 42 46.78 3.10 -2.49
N HIS H 43 47.50 2.52 -3.44
CA HIS H 43 47.31 1.11 -3.71
C HIS H 43 47.76 0.28 -2.52
N GLU H 44 48.84 0.71 -1.85
CA GLU H 44 49.36 -0.03 -0.69
C GLU H 44 48.40 0.08 0.50
N TYR H 45 47.80 1.26 0.67
CA TYR H 45 46.74 1.42 1.66
C TYR H 45 45.63 0.42 1.45
N HIS H 46 45.21 0.25 0.19
CA HIS H 46 44.12 -0.69 -0.07
C HIS H 46 44.55 -2.14 0.17
N GLU H 47 45.82 -2.46 -0.08
CA GLU H 47 46.36 -3.76 0.35
C GLU H 47 46.32 -3.93 1.87
N SER H 48 46.64 -2.88 2.63
CA SER H 48 46.58 -2.98 4.09
CA SER H 48 46.58 -3.01 4.09
C SER H 48 45.15 -3.20 4.57
N ILE H 49 44.21 -2.43 4.00
CA ILE H 49 42.78 -2.59 4.33
C ILE H 49 42.34 -4.01 4.03
N ASP H 50 42.75 -4.56 2.88
CA ASP H 50 42.34 -5.92 2.54
C ASP H 50 42.81 -6.92 3.59
N GLU H 51 44.03 -6.75 4.10
CA GLU H 51 44.53 -7.66 5.13
C GLU H 51 43.79 -7.49 6.44
N MET H 52 43.46 -6.25 6.79
CA MET H 52 42.58 -5.99 7.93
C MET H 52 41.28 -6.78 7.82
N LYS H 53 40.69 -6.81 6.63
CA LYS H 53 39.44 -7.54 6.46
C LYS H 53 39.62 -9.05 6.64
N HIS H 54 40.70 -9.62 6.09
CA HIS H 54 41.00 -11.03 6.32
C HIS H 54 41.24 -11.32 7.81
N ALA H 55 42.00 -10.45 8.48
CA ALA H 55 42.21 -10.62 9.91
C ALA H 55 40.88 -10.66 10.65
N ASP H 56 39.98 -9.73 10.33
CA ASP H 56 38.65 -9.73 10.94
C ASP H 56 37.96 -11.08 10.77
N LYS H 57 37.94 -11.61 9.55
CA LYS H 57 37.26 -12.89 9.33
C LYS H 57 37.93 -14.02 10.10
N LEU H 58 39.27 -14.00 10.20
CA LEU H 58 39.94 -15.04 10.98
C LEU H 58 39.59 -14.95 12.45
N ILE H 59 39.59 -13.74 13.01
CA ILE H 59 39.21 -13.53 14.40
C ILE H 59 37.82 -14.06 14.66
N GLU H 60 36.90 -13.76 13.74
CA GLU H 60 35.52 -14.22 13.89
C GLU H 60 35.43 -15.74 13.86
N ARG H 61 36.16 -16.37 12.94
CA ARG H 61 36.11 -17.83 12.85
C ARG H 61 36.69 -18.47 14.09
N ILE H 62 37.81 -17.93 14.58
CA ILE H 62 38.45 -18.49 15.75
C ILE H 62 37.51 -18.44 16.94
N LEU H 63 36.86 -17.29 17.15
CA LEU H 63 35.94 -17.13 18.28
C LEU H 63 34.75 -18.06 18.15
N PHE H 64 34.23 -18.23 16.95
CA PHE H 64 33.13 -19.18 16.74
C PHE H 64 33.54 -20.58 17.15
N LEU H 65 34.77 -20.97 16.82
CA LEU H 65 35.29 -22.29 17.15
C LEU H 65 35.80 -22.38 18.58
N GLU H 66 35.54 -21.35 19.39
CA GLU H 66 35.82 -21.33 20.82
C GLU H 66 37.32 -21.33 21.13
N GLY H 67 38.12 -20.75 20.23
CA GLY H 67 39.51 -20.44 20.50
C GLY H 67 39.72 -18.99 20.90
N LEU H 68 40.96 -18.68 21.26
CA LEU H 68 41.37 -17.32 21.61
C LEU H 68 42.17 -16.74 20.46
N PRO H 69 41.67 -15.71 19.77
CA PRO H 69 42.46 -15.12 18.67
C PRO H 69 43.67 -14.42 19.25
N ASN H 70 44.85 -14.70 18.70
CA ASN H 70 46.09 -14.07 19.19
C ASN H 70 46.32 -12.76 18.45
N LEU H 71 46.03 -11.63 19.09
CA LEU H 71 46.40 -10.33 18.54
C LEU H 71 47.59 -9.73 19.27
N GLN H 72 48.19 -10.49 20.17
CA GLN H 72 49.25 -9.95 21.00
C GLN H 72 50.62 -10.13 20.39
N ASP H 73 50.84 -11.25 19.71
CA ASP H 73 52.15 -11.57 19.17
C ASP H 73 52.25 -11.02 17.75
N LEU H 74 53.21 -10.14 17.55
CA LEU H 74 53.44 -9.50 16.26
C LEU H 74 54.84 -9.89 15.80
N GLY H 75 54.90 -10.65 14.71
CA GLY H 75 56.17 -11.04 14.10
C GLY H 75 56.87 -9.87 13.43
N LYS H 76 57.96 -10.19 12.73
CA LYS H 76 58.88 -9.16 12.25
C LYS H 76 58.34 -8.52 10.96
N LEU H 77 58.19 -7.20 11.01
CA LEU H 77 57.85 -6.43 9.82
C LEU H 77 59.02 -6.38 8.86
N LEU H 78 58.77 -6.53 7.57
CA LEU H 78 59.81 -6.41 6.55
C LEU H 78 59.63 -5.07 5.85
N ILE H 79 60.39 -4.07 6.29
CA ILE H 79 60.26 -2.71 5.81
C ILE H 79 61.41 -2.42 4.86
N GLY H 80 61.09 -1.97 3.65
CA GLY H 80 62.11 -1.55 2.73
C GLY H 80 62.56 -0.11 2.96
N GLU H 81 63.64 0.28 2.30
CA GLU H 81 64.15 1.64 2.42
C GLU H 81 64.09 2.40 1.10
N ASN H 82 63.64 1.76 0.04
CA ASN H 82 63.30 2.41 -1.21
C ASN H 82 62.21 1.57 -1.89
N THR H 83 61.65 2.12 -2.96
CA THR H 83 60.47 1.51 -3.59
C THR H 83 60.71 0.05 -3.97
N GLN H 84 61.82 -0.25 -4.68
CA GLN H 84 62.07 -1.62 -5.12
C GLN H 84 62.15 -2.55 -3.92
N GLU H 85 62.83 -2.12 -2.87
CA GLU H 85 62.99 -2.94 -1.68
C GLU H 85 61.66 -3.16 -0.97
N MET H 86 60.82 -2.13 -0.92
CA MET H 86 59.51 -2.27 -0.26
C MET H 86 58.64 -3.30 -0.97
N LEU H 87 58.59 -3.23 -2.30
CA LEU H 87 57.81 -4.18 -3.08
C LEU H 87 58.33 -5.60 -2.87
N GLN H 88 59.65 -5.77 -2.87
CA GLN H 88 60.22 -7.10 -2.66
CA GLN H 88 60.21 -7.09 -2.64
C GLN H 88 59.90 -7.59 -1.24
N CYS H 89 59.94 -6.69 -0.27
CA CYS H 89 59.59 -7.07 1.10
C CYS H 89 58.16 -7.55 1.18
N ASP H 90 57.23 -6.84 0.50
CA ASP H 90 55.85 -7.28 0.46
C ASP H 90 55.78 -8.67 -0.17
N LEU H 91 56.50 -8.88 -1.28
CA LEU H 91 56.45 -10.15 -1.98
C LEU H 91 56.99 -11.28 -1.10
N ASN H 92 58.12 -11.02 -0.43
CA ASN H 92 58.67 -12.03 0.47
C ASN H 92 57.65 -12.42 1.54
N LEU H 93 57.01 -11.43 2.15
CA LEU H 93 55.98 -11.71 3.15
C LEU H 93 54.85 -12.53 2.56
N GLU H 94 54.36 -12.13 1.37
CA GLU H 94 53.24 -12.85 0.76
C GLU H 94 53.61 -14.29 0.44
N LEU H 95 54.88 -14.55 0.10
CA LEU H 95 55.26 -15.91 -0.27
C LEU H 95 55.27 -16.82 0.96
N LYS H 96 55.64 -16.27 2.11
CA LYS H 96 55.54 -16.99 3.37
C LYS H 96 54.07 -17.20 3.77
N ALA H 97 53.23 -16.19 3.54
CA ALA H 97 51.82 -16.28 3.89
C ALA H 97 51.10 -17.38 3.10
N THR H 98 51.38 -17.49 1.80
CA THR H 98 50.72 -18.52 1.01
C THR H 98 51.22 -19.92 1.37
N LYS H 99 52.50 -20.06 1.71
CA LYS H 99 52.97 -21.36 2.19
C LYS H 99 52.18 -21.78 3.43
N ASP H 100 52.01 -20.88 4.40
CA ASP H 100 51.30 -21.20 5.63
C ASP H 100 49.82 -21.46 5.36
N LEU H 101 49.22 -20.69 4.45
CA LEU H 101 47.84 -20.94 4.05
C LEU H 101 47.67 -22.35 3.52
N ARG H 102 48.59 -22.79 2.67
CA ARG H 102 48.44 -24.12 2.08
C ARG H 102 48.55 -25.20 3.15
N GLU H 103 49.50 -25.05 4.07
CA GLU H 103 49.63 -26.03 5.14
C GLU H 103 48.38 -26.06 6.03
N ALA H 104 47.77 -24.89 6.26
CA ALA H 104 46.54 -24.86 7.07
C ALA H 104 45.37 -25.50 6.33
N ILE H 105 45.23 -25.24 5.02
CA ILE H 105 44.17 -25.92 4.28
C ILE H 105 44.34 -27.43 4.36
N VAL H 106 45.58 -27.91 4.22
CA VAL H 106 45.83 -29.36 4.31
C VAL H 106 45.16 -29.91 5.56
N HIS H 107 45.40 -29.25 6.69
CA HIS H 107 44.96 -29.79 7.95
C HIS H 107 43.45 -29.66 8.11
N CYS H 108 42.89 -28.52 7.68
CA CYS H 108 41.43 -28.39 7.65
C CYS H 108 40.78 -29.53 6.90
N GLU H 109 41.34 -29.89 5.75
CA GLU H 109 40.75 -30.96 4.96
C GLU H 109 40.85 -32.28 5.69
N GLN H 110 42.01 -32.55 6.31
CA GLN H 110 42.18 -33.80 7.04
C GLN H 110 41.11 -34.00 8.11
N VAL H 111 40.81 -32.94 8.87
CA VAL H 111 39.87 -33.08 9.99
C VAL H 111 38.46 -32.64 9.60
N HIS H 112 38.22 -32.38 8.32
CA HIS H 112 36.87 -32.17 7.80
C HIS H 112 36.27 -30.82 8.19
N ASP H 113 37.13 -29.84 8.51
CA ASP H 113 36.67 -28.47 8.78
C ASP H 113 36.60 -27.77 7.41
N TYR H 114 35.56 -28.11 6.67
CA TYR H 114 35.44 -27.61 5.30
C TYR H 114 35.11 -26.13 5.27
N VAL H 115 34.47 -25.58 6.31
CA VAL H 115 34.16 -24.16 6.30
C VAL H 115 35.42 -23.34 6.53
N SER H 116 36.26 -23.78 7.48
CA SER H 116 37.55 -23.12 7.66
C SER H 116 38.38 -23.20 6.39
N ARG H 117 38.36 -24.36 5.71
CA ARG H 117 39.10 -24.47 4.46
C ARG H 117 38.64 -23.42 3.47
N ASP H 118 37.32 -23.33 3.27
CA ASP H 118 36.75 -22.37 2.33
C ASP H 118 37.21 -20.95 2.63
N LEU H 119 37.21 -20.56 3.90
CA LEU H 119 37.68 -19.22 4.27
C LEU H 119 39.14 -19.04 3.89
N LEU H 120 39.97 -20.02 4.23
CA LEU H 120 41.39 -19.94 3.92
C LEU H 120 41.63 -19.90 2.41
N LYS H 121 40.83 -20.66 1.64
CA LYS H 121 40.98 -20.63 0.19
C LYS H 121 40.69 -19.23 -0.34
N ASP H 122 39.63 -18.59 0.16
CA ASP H 122 39.31 -17.22 -0.24
C ASP H 122 40.44 -16.27 0.11
N ILE H 123 41.05 -16.44 1.28
CA ILE H 123 42.16 -15.57 1.66
C ILE H 123 43.35 -15.82 0.76
N LEU H 124 43.61 -17.09 0.43
CA LEU H 124 44.69 -17.44 -0.47
C LEU H 124 44.49 -16.83 -1.86
N GLU H 125 43.26 -16.82 -2.35
CA GLU H 125 42.98 -16.16 -3.64
C GLU H 125 43.39 -14.69 -3.59
N SER H 126 43.10 -14.01 -2.49
CA SER H 126 43.48 -12.62 -2.34
CA SER H 126 43.48 -12.61 -2.36
C SER H 126 45.00 -12.46 -2.29
N GLU H 127 45.68 -13.34 -1.57
CA GLU H 127 47.14 -13.21 -1.47
C GLU H 127 47.81 -13.51 -2.80
N GLU H 128 47.30 -14.48 -3.56
CA GLU H 128 47.86 -14.73 -4.88
C GLU H 128 47.63 -13.53 -5.82
N GLU H 129 46.48 -12.87 -5.70
CA GLU H 129 46.27 -11.64 -6.47
C GLU H 129 47.29 -10.58 -6.06
N HIS H 130 47.57 -10.48 -4.75
CA HIS H 130 48.60 -9.55 -4.31
C HIS H 130 49.97 -9.91 -4.90
N ILE H 131 50.30 -11.21 -4.94
CA ILE H 131 51.56 -11.64 -5.54
C ILE H 131 51.63 -11.25 -7.01
N ASP H 132 50.54 -11.45 -7.74
CA ASP H 132 50.47 -11.02 -9.14
C ASP H 132 50.83 -9.54 -9.26
N TYR H 133 50.22 -8.71 -8.41
CA TYR H 133 50.47 -7.27 -8.47
C TYR H 133 51.94 -6.96 -8.21
N LEU H 134 52.51 -7.59 -7.19
CA LEU H 134 53.89 -7.29 -6.81
C LEU H 134 54.88 -7.73 -7.88
N GLU H 135 54.69 -8.94 -8.41
CA GLU H 135 55.57 -9.42 -9.47
C GLU H 135 55.44 -8.55 -10.70
N THR H 136 54.24 -8.06 -10.97
CA THR H 136 54.02 -7.19 -12.11
C THR H 136 54.74 -5.86 -11.93
N GLN H 137 54.69 -5.28 -10.74
CA GLN H 137 55.38 -4.02 -10.51
C GLN H 137 56.89 -4.21 -10.65
N LEU H 138 57.43 -5.33 -10.14
CA LEU H 138 58.87 -5.54 -10.21
C LEU H 138 59.32 -5.72 -11.66
N GLY H 139 58.50 -6.42 -12.44
CA GLY H 139 58.76 -6.51 -13.88
C GLY H 139 58.70 -5.17 -14.57
N LEU H 140 57.74 -4.32 -14.17
CA LEU H 140 57.61 -3.03 -14.83
C LEU H 140 58.83 -2.15 -14.58
N ILE H 141 59.37 -2.19 -13.36
CA ILE H 141 60.61 -1.45 -13.07
C ILE H 141 61.70 -1.82 -14.08
N GLN H 142 61.84 -3.11 -14.39
CA GLN H 142 62.80 -3.56 -15.39
C GLN H 142 62.46 -3.04 -16.78
N LYS H 143 61.18 -3.11 -17.15
CA LYS H 143 60.78 -2.81 -18.53
C LYS H 143 60.83 -1.33 -18.85
N VAL H 144 60.37 -0.48 -17.93
CA VAL H 144 60.29 0.97 -18.21
C VAL H 144 61.40 1.75 -17.55
N GLY H 145 62.15 1.14 -16.63
CA GLY H 145 63.17 1.83 -15.86
C GLY H 145 62.61 2.43 -14.59
N LEU H 146 63.48 2.55 -13.58
CA LEU H 146 63.03 2.98 -12.25
C LEU H 146 62.51 4.41 -12.28
N GLU H 147 63.22 5.30 -12.97
CA GLU H 147 62.80 6.70 -12.96
C GLU H 147 61.41 6.87 -13.56
N ASN H 148 61.15 6.17 -14.68
CA ASN H 148 59.82 6.17 -15.31
C ASN H 148 58.79 5.48 -14.43
N TYR H 149 59.17 4.33 -13.85
CA TYR H 149 58.25 3.64 -12.95
C TYR H 149 57.80 4.56 -11.83
N LEU H 150 58.75 5.23 -11.18
CA LEU H 150 58.39 6.12 -10.07
C LEU H 150 57.58 7.32 -10.56
N GLN H 151 57.96 7.87 -11.71
CA GLN H 151 57.19 8.98 -12.29
C GLN H 151 55.73 8.60 -12.45
N SER H 152 55.47 7.41 -12.98
CA SER H 152 54.13 6.91 -13.24
C SER H 152 53.34 6.63 -11.96
N HIS H 153 53.97 6.74 -10.78
CA HIS H 153 53.27 6.51 -9.52
C HIS H 153 53.26 7.75 -8.64
N MET H 154 53.59 8.92 -9.20
CA MET H 154 53.51 10.17 -8.43
C MET H 154 52.06 10.59 -8.20
N HIS H 155 51.29 10.67 -9.25
CA HIS H 155 49.94 11.23 -9.21
C HIS H 155 48.91 10.12 -9.17
N GLU H 156 47.89 10.31 -8.36
CA GLU H 156 46.72 9.43 -8.41
C GLU H 156 45.89 9.72 -9.66
N MET I 1 -39.05 10.98 -31.83
CA MET I 1 -39.39 11.34 -33.24
C MET I 1 -40.15 10.14 -33.87
N LYS I 2 -41.31 10.40 -34.47
CA LYS I 2 -42.16 9.29 -34.91
C LYS I 2 -41.49 8.54 -36.06
N GLY I 3 -41.03 7.33 -35.78
CA GLY I 3 -40.42 6.52 -36.81
C GLY I 3 -41.43 5.77 -37.68
N ASP I 4 -40.92 5.26 -38.79
CA ASP I 4 -41.68 4.34 -39.65
C ASP I 4 -41.92 3.01 -38.94
N LYS I 5 -43.18 2.58 -38.87
CA LYS I 5 -43.49 1.37 -38.11
C LYS I 5 -42.70 0.18 -38.64
N LYS I 6 -42.46 0.11 -39.95
CA LYS I 6 -41.78 -1.06 -40.49
C LYS I 6 -40.26 -0.98 -40.31
N VAL I 7 -39.69 0.23 -40.26
CA VAL I 7 -38.30 0.37 -39.85
C VAL I 7 -38.11 -0.20 -38.45
N ILE I 8 -39.00 0.19 -37.54
CA ILE I 8 -38.90 -0.29 -36.16
C ILE I 8 -39.00 -1.80 -36.09
N GLN I 9 -39.87 -2.40 -36.92
CA GLN I 9 -39.95 -3.85 -36.94
C GLN I 9 -38.64 -4.46 -37.39
N HIS I 10 -38.02 -3.87 -38.42
CA HIS I 10 -36.73 -4.34 -38.90
C HIS I 10 -35.69 -4.20 -37.80
N LEU I 11 -35.67 -3.05 -37.12
CA LEU I 11 -34.68 -2.86 -36.04
C LEU I 11 -34.91 -3.86 -34.92
N ASN I 12 -36.17 -4.16 -34.59
CA ASN I 12 -36.42 -5.20 -33.60
C ASN I 12 -36.00 -6.59 -34.09
N LYS I 13 -36.13 -6.86 -35.39
CA LYS I 13 -35.64 -8.14 -35.90
C LYS I 13 -34.11 -8.21 -35.78
N ILE I 14 -33.42 -7.14 -36.15
CA ILE I 14 -31.97 -7.12 -36.02
C ILE I 14 -31.58 -7.28 -34.54
N LEU I 15 -32.28 -6.56 -33.66
CA LEU I 15 -32.01 -6.68 -32.22
C LEU I 15 -32.19 -8.12 -31.76
N GLY I 16 -33.23 -8.78 -32.26
CA GLY I 16 -33.45 -10.17 -31.90
C GLY I 16 -32.30 -11.05 -32.32
N ASN I 17 -31.70 -10.76 -33.47
CA ASN I 17 -30.54 -11.51 -33.91
C ASN I 17 -29.35 -11.23 -33.01
N GLU I 18 -29.16 -9.97 -32.63
CA GLU I 18 -28.03 -9.63 -31.76
C GLU I 18 -28.20 -10.32 -30.39
N LEU I 19 -29.42 -10.36 -29.87
CA LEU I 19 -29.68 -11.03 -28.59
C LEU I 19 -29.36 -12.51 -28.64
N ILE I 20 -29.69 -13.19 -29.75
CA ILE I 20 -29.27 -14.58 -29.89
C ILE I 20 -27.74 -14.66 -29.85
N ALA I 21 -27.08 -13.79 -30.64
CA ALA I 21 -25.63 -13.89 -30.77
C ALA I 21 -24.93 -13.59 -29.44
N ILE I 22 -25.43 -12.62 -28.68
CA ILE I 22 -24.85 -12.31 -27.36
C ILE I 22 -24.72 -13.58 -26.55
N ASN I 23 -25.86 -14.27 -26.36
CA ASN I 23 -25.89 -15.49 -25.55
C ASN I 23 -25.10 -16.63 -26.18
N GLN I 24 -25.24 -16.83 -27.49
CA GLN I 24 -24.50 -17.92 -28.14
C GLN I 24 -23.01 -17.73 -28.01
N TYR I 25 -22.51 -16.52 -28.26
CA TYR I 25 -21.07 -16.31 -28.20
C TYR I 25 -20.59 -16.32 -26.76
N PHE I 26 -21.40 -15.82 -25.82
CA PHE I 26 -20.97 -15.85 -24.43
C PHE I 26 -20.83 -17.29 -23.96
N LEU I 27 -21.83 -18.13 -24.27
CA LEU I 27 -21.74 -19.53 -23.87
C LEU I 27 -20.56 -20.21 -24.54
N HIS I 28 -20.37 -19.97 -25.84
CA HIS I 28 -19.23 -20.57 -26.53
C HIS I 28 -17.92 -20.14 -25.88
N SER I 29 -17.83 -18.87 -25.52
CA SER I 29 -16.64 -18.35 -24.88
C SER I 29 -16.35 -19.10 -23.59
N ARG I 30 -17.38 -19.27 -22.76
CA ARG I 30 -17.16 -19.88 -21.46
C ARG I 30 -16.89 -21.37 -21.59
N MET I 31 -17.48 -22.03 -22.59
CA MET I 31 -17.10 -23.40 -22.88
C MET I 31 -15.62 -23.50 -23.24
N TRP I 32 -15.14 -22.64 -24.14
CA TRP I 32 -13.74 -22.71 -24.53
C TRP I 32 -12.82 -22.43 -23.35
N ASN I 33 -13.17 -21.47 -22.51
CA ASN I 33 -12.38 -21.25 -21.29
C ASN I 33 -12.37 -22.49 -20.41
N ASP I 34 -13.53 -23.10 -20.20
CA ASP I 34 -13.61 -24.31 -19.36
C ASP I 34 -12.71 -25.42 -19.91
N TRP I 35 -12.62 -25.55 -21.24
CA TRP I 35 -11.77 -26.55 -21.88
C TRP I 35 -10.30 -26.17 -21.94
N GLY I 36 -9.93 -24.97 -21.49
CA GLY I 36 -8.55 -24.55 -21.51
C GLY I 36 -8.11 -23.93 -22.82
N LEU I 37 -9.06 -23.62 -23.72
CA LEU I 37 -8.76 -22.98 -24.99
C LEU I 37 -9.00 -21.48 -24.81
N LYS I 38 -8.11 -20.88 -24.02
CA LYS I 38 -8.37 -19.55 -23.50
C LYS I 38 -8.27 -18.48 -24.58
N ARG I 39 -7.48 -18.70 -25.64
CA ARG I 39 -7.44 -17.71 -26.70
C ARG I 39 -8.76 -17.65 -27.44
N LEU I 40 -9.38 -18.82 -27.70
CA LEU I 40 -10.72 -18.81 -28.28
C LEU I 40 -11.72 -18.20 -27.32
N GLY I 41 -11.64 -18.55 -26.04
CA GLY I 41 -12.58 -18.01 -25.09
C GLY I 41 -12.54 -16.50 -25.03
N ALA I 42 -11.34 -15.91 -25.03
CA ALA I 42 -11.23 -14.46 -24.96
C ALA I 42 -11.73 -13.79 -26.23
N HIS I 43 -11.36 -14.34 -27.40
CA HIS I 43 -11.86 -13.75 -28.64
C HIS I 43 -13.39 -13.83 -28.70
N GLU I 44 -13.94 -14.97 -28.33
CA GLU I 44 -15.38 -15.14 -28.41
C GLU I 44 -16.08 -14.24 -27.41
N TYR I 45 -15.45 -14.00 -26.26
CA TYR I 45 -15.96 -13.03 -25.30
C TYR I 45 -16.06 -11.65 -25.92
N HIS I 46 -15.00 -11.23 -26.60
CA HIS I 46 -15.04 -9.91 -27.22
C HIS I 46 -16.07 -9.86 -28.35
N GLU I 47 -16.33 -10.99 -29.04
CA GLU I 47 -17.42 -11.00 -30.01
C GLU I 47 -18.77 -10.80 -29.31
N SER I 48 -18.99 -11.48 -28.17
CA SER I 48 -20.22 -11.29 -27.43
CA SER I 48 -20.23 -11.28 -27.43
C SER I 48 -20.38 -9.84 -26.97
N ILE I 49 -19.32 -9.24 -26.43
CA ILE I 49 -19.39 -7.83 -26.04
C ILE I 49 -19.76 -6.95 -27.22
N ASP I 50 -19.13 -7.21 -28.37
CA ASP I 50 -19.39 -6.37 -29.53
C ASP I 50 -20.86 -6.44 -29.91
N GLU I 51 -21.47 -7.63 -29.80
CA GLU I 51 -22.89 -7.77 -30.10
C GLU I 51 -23.72 -7.05 -29.05
N MET I 52 -23.27 -7.06 -27.78
CA MET I 52 -23.97 -6.30 -26.76
C MET I 52 -24.01 -4.81 -27.09
N LYS I 53 -22.91 -4.30 -27.63
CA LYS I 53 -22.87 -2.88 -27.94
C LYS I 53 -23.79 -2.56 -29.10
N HIS I 54 -23.86 -3.44 -30.10
CA HIS I 54 -24.79 -3.26 -31.21
C HIS I 54 -26.22 -3.24 -30.69
N ALA I 55 -26.57 -4.22 -29.83
CA ALA I 55 -27.92 -4.26 -29.27
C ALA I 55 -28.26 -2.99 -28.53
N ASP I 56 -27.30 -2.43 -27.76
CA ASP I 56 -27.56 -1.17 -27.08
C ASP I 56 -27.96 -0.08 -28.07
N LYS I 57 -27.16 0.05 -29.13
CA LYS I 57 -27.41 1.11 -30.09
C LYS I 57 -28.76 0.93 -30.75
N LEU I 58 -29.12 -0.32 -31.04
CA LEU I 58 -30.43 -0.58 -31.64
C LEU I 58 -31.56 -0.23 -30.68
N ILE I 59 -31.42 -0.61 -29.41
CA ILE I 59 -32.41 -0.27 -28.40
C ILE I 59 -32.59 1.23 -28.33
N GLU I 60 -31.47 1.97 -28.31
CA GLU I 60 -31.54 3.42 -28.23
C GLU I 60 -32.24 4.00 -29.45
N ARG I 61 -31.93 3.48 -30.61
CA ARG I 61 -32.56 4.01 -31.84
C ARG I 61 -34.07 3.72 -31.84
N ILE I 62 -34.46 2.51 -31.46
CA ILE I 62 -35.88 2.17 -31.42
C ILE I 62 -36.63 3.12 -30.50
N LEU I 63 -36.07 3.40 -29.32
CA LEU I 63 -36.77 4.27 -28.39
C LEU I 63 -36.85 5.69 -28.91
N PHE I 64 -35.76 6.18 -29.54
CA PHE I 64 -35.82 7.50 -30.13
C PHE I 64 -36.96 7.58 -31.15
N LEU I 65 -37.11 6.54 -31.96
CA LEU I 65 -38.18 6.44 -32.96
C LEU I 65 -39.54 6.05 -32.37
N GLU I 66 -39.63 6.05 -31.04
CA GLU I 66 -40.89 5.88 -30.31
C GLU I 66 -41.49 4.49 -30.51
N GLY I 67 -40.64 3.50 -30.78
CA GLY I 67 -41.02 2.11 -30.75
C GLY I 67 -40.66 1.46 -29.42
N LEU I 68 -41.07 0.19 -29.30
CA LEU I 68 -40.81 -0.63 -28.13
C LEU I 68 -39.75 -1.67 -28.44
N PRO I 69 -38.55 -1.56 -27.88
CA PRO I 69 -37.53 -2.59 -28.14
C PRO I 69 -37.98 -3.91 -27.56
N ASN I 70 -37.82 -4.98 -28.33
CA ASN I 70 -38.26 -6.31 -27.90
C ASN I 70 -37.06 -7.08 -27.35
N LEU I 71 -36.91 -7.11 -26.03
CA LEU I 71 -35.88 -7.92 -25.40
C LEU I 71 -36.46 -9.22 -24.84
N GLN I 72 -37.75 -9.46 -25.08
CA GLN I 72 -38.47 -10.57 -24.48
C GLN I 72 -38.34 -11.85 -25.30
N ASP I 73 -38.37 -11.74 -26.63
CA ASP I 73 -38.31 -12.89 -27.49
C ASP I 73 -36.86 -13.22 -27.79
N LEU I 74 -36.48 -14.46 -27.52
CA LEU I 74 -35.15 -14.95 -27.78
C LEU I 74 -35.27 -16.15 -28.71
N GLY I 75 -34.73 -16.02 -29.93
CA GLY I 75 -34.70 -17.10 -30.86
C GLY I 75 -33.74 -18.19 -30.44
N LYS I 76 -33.51 -19.10 -31.38
CA LYS I 76 -32.84 -20.36 -31.09
C LYS I 76 -31.33 -20.17 -31.11
N LEU I 77 -30.68 -20.51 -30.00
CA LEU I 77 -29.23 -20.55 -29.92
C LEU I 77 -28.68 -21.75 -30.67
N LEU I 78 -27.64 -21.52 -31.45
CA LEU I 78 -26.94 -22.57 -32.19
C LEU I 78 -25.66 -22.88 -31.42
N ILE I 79 -25.70 -23.92 -30.59
CA ILE I 79 -24.59 -24.27 -29.71
C ILE I 79 -23.90 -25.50 -30.26
N GLY I 80 -22.58 -25.41 -30.48
CA GLY I 80 -21.83 -26.57 -30.92
C GLY I 80 -21.44 -27.47 -29.76
N GLU I 81 -20.88 -28.63 -30.10
CA GLU I 81 -20.37 -29.55 -29.10
C GLU I 81 -18.86 -29.74 -29.17
N ASN I 82 -18.21 -29.16 -30.17
CA ASN I 82 -16.77 -29.12 -30.26
C ASN I 82 -16.40 -27.85 -31.03
N THR I 83 -15.11 -27.58 -31.09
CA THR I 83 -14.64 -26.30 -31.61
C THR I 83 -15.09 -26.11 -33.06
N GLN I 84 -14.89 -27.13 -33.90
CA GLN I 84 -15.31 -27.01 -35.30
C GLN I 84 -16.79 -26.69 -35.42
N GLU I 85 -17.63 -27.39 -34.64
CA GLU I 85 -19.06 -27.16 -34.71
C GLU I 85 -19.43 -25.78 -34.18
N MET I 86 -18.76 -25.34 -33.12
CA MET I 86 -19.09 -24.04 -32.54
C MET I 86 -18.80 -22.91 -33.53
N LEU I 87 -17.65 -22.98 -34.18
CA LEU I 87 -17.32 -22.00 -35.21
C LEU I 87 -18.33 -22.03 -36.34
N GLN I 88 -18.74 -23.21 -36.79
CA GLN I 88 -19.74 -23.28 -37.86
C GLN I 88 -21.07 -22.73 -37.38
N CYS I 89 -21.43 -22.99 -36.12
CA CYS I 89 -22.67 -22.44 -35.61
C CYS I 89 -22.66 -20.92 -35.61
N ASP I 90 -21.54 -20.33 -35.16
CA ASP I 90 -21.41 -18.87 -35.23
C ASP I 90 -21.54 -18.39 -36.67
N LEU I 91 -20.85 -19.05 -37.59
CA LEU I 91 -20.91 -18.61 -38.99
C LEU I 91 -22.33 -18.68 -39.52
N ASN I 92 -23.05 -19.78 -39.20
CA ASN I 92 -24.44 -19.91 -39.65
C ASN I 92 -25.29 -18.78 -39.11
N LEU I 93 -25.11 -18.43 -37.83
CA LEU I 93 -25.87 -17.32 -37.27
C LEU I 93 -25.52 -16.01 -37.95
N GLU I 94 -24.23 -15.82 -38.25
CA GLU I 94 -23.77 -14.57 -38.86
C GLU I 94 -24.31 -14.42 -40.28
N LEU I 95 -24.40 -15.51 -41.03
CA LEU I 95 -24.95 -15.41 -42.38
C LEU I 95 -26.42 -15.04 -42.34
N LYS I 96 -27.16 -15.61 -41.38
CA LYS I 96 -28.52 -15.18 -41.18
C LYS I 96 -28.58 -13.71 -40.80
N ALA I 97 -27.61 -13.23 -40.00
CA ALA I 97 -27.71 -11.86 -39.53
C ALA I 97 -27.48 -10.86 -40.66
N THR I 98 -26.53 -11.15 -41.54
CA THR I 98 -26.23 -10.20 -42.62
C THR I 98 -27.35 -10.18 -43.65
N LYS I 99 -28.01 -11.32 -43.88
CA LYS I 99 -29.17 -11.32 -44.76
C LYS I 99 -30.22 -10.38 -44.24
N ASP I 100 -30.49 -10.45 -42.94
CA ASP I 100 -31.51 -9.62 -42.34
C ASP I 100 -31.10 -8.16 -42.32
N LEU I 101 -29.81 -7.89 -42.06
CA LEU I 101 -29.31 -6.51 -42.11
C LEU I 101 -29.54 -5.90 -43.50
N ARG I 102 -29.20 -6.65 -44.55
CA ARG I 102 -29.38 -6.13 -45.91
C ARG I 102 -30.82 -5.76 -46.18
N GLU I 103 -31.78 -6.61 -45.76
CA GLU I 103 -33.18 -6.31 -46.01
C GLU I 103 -33.65 -5.12 -45.21
N ALA I 104 -33.12 -4.94 -43.99
CA ALA I 104 -33.49 -3.77 -43.20
C ALA I 104 -32.95 -2.48 -43.83
N ILE I 105 -31.73 -2.53 -44.35
CA ILE I 105 -31.15 -1.34 -44.98
C ILE I 105 -31.98 -0.95 -46.21
N VAL I 106 -32.33 -1.94 -47.04
CA VAL I 106 -33.22 -1.67 -48.18
C VAL I 106 -34.42 -0.85 -47.74
N HIS I 107 -35.09 -1.29 -46.67
CA HIS I 107 -36.32 -0.62 -46.27
C HIS I 107 -36.04 0.77 -45.73
N CYS I 108 -35.00 0.93 -44.92
CA CYS I 108 -34.65 2.26 -44.44
C CYS I 108 -34.42 3.21 -45.61
N GLU I 109 -33.70 2.74 -46.62
CA GLU I 109 -33.44 3.58 -47.80
C GLU I 109 -34.75 4.00 -48.47
N GLN I 110 -35.67 3.04 -48.61
CA GLN I 110 -36.94 3.33 -49.29
C GLN I 110 -37.74 4.39 -48.56
N VAL I 111 -37.77 4.36 -47.22
CA VAL I 111 -38.54 5.35 -46.49
C VAL I 111 -37.68 6.55 -46.06
N HIS I 112 -36.44 6.62 -46.50
CA HIS I 112 -35.59 7.80 -46.32
C HIS I 112 -35.10 7.95 -44.88
N ASP I 113 -35.11 6.86 -44.11
CA ASP I 113 -34.53 6.85 -42.75
C ASP I 113 -33.03 6.58 -42.91
N TYR I 114 -32.32 7.62 -43.33
CA TYR I 114 -30.92 7.45 -43.65
C TYR I 114 -30.05 7.26 -42.41
N VAL I 115 -30.48 7.78 -41.26
CA VAL I 115 -29.70 7.60 -40.02
C VAL I 115 -29.81 6.15 -39.52
N SER I 116 -31.01 5.55 -39.56
CA SER I 116 -31.09 4.12 -39.24
C SER I 116 -30.28 3.31 -40.24
N ARG I 117 -30.29 3.69 -41.51
CA ARG I 117 -29.47 2.98 -42.48
C ARG I 117 -28.00 3.03 -42.10
N ASP I 118 -27.53 4.19 -41.66
CA ASP I 118 -26.10 4.33 -41.34
C ASP I 118 -25.72 3.47 -40.15
N LEU I 119 -26.58 3.42 -39.14
CA LEU I 119 -26.38 2.51 -38.01
C LEU I 119 -26.32 1.06 -38.46
N LEU I 120 -27.27 0.64 -39.29
CA LEU I 120 -27.29 -0.75 -39.72
C LEU I 120 -26.10 -1.07 -40.59
N LYS I 121 -25.65 -0.11 -41.40
CA LYS I 121 -24.46 -0.33 -42.21
C LYS I 121 -23.23 -0.58 -41.34
N ASP I 122 -23.09 0.21 -40.27
CA ASP I 122 -21.97 0.02 -39.35
C ASP I 122 -22.02 -1.37 -38.71
N ILE I 123 -23.21 -1.79 -38.29
CA ILE I 123 -23.37 -3.12 -37.72
C ILE I 123 -23.00 -4.18 -38.75
N LEU I 124 -23.42 -3.97 -40.00
CA LEU I 124 -23.10 -4.92 -41.05
C LEU I 124 -21.61 -5.03 -41.29
N GLU I 125 -20.90 -3.89 -41.22
CA GLU I 125 -19.44 -3.94 -41.30
C GLU I 125 -18.85 -4.80 -40.18
N SER I 126 -19.37 -4.66 -38.97
CA SER I 126 -18.92 -5.49 -37.87
CA SER I 126 -18.92 -5.49 -37.87
C SER I 126 -19.25 -6.96 -38.12
N GLU I 127 -20.47 -7.24 -38.58
CA GLU I 127 -20.82 -8.64 -38.80
C GLU I 127 -20.00 -9.25 -39.94
N GLU I 128 -19.72 -8.50 -41.01
CA GLU I 128 -18.85 -9.06 -42.04
C GLU I 128 -17.45 -9.32 -41.51
N GLU I 129 -16.95 -8.44 -40.64
CA GLU I 129 -15.65 -8.73 -40.06
C GLU I 129 -15.69 -10.03 -39.26
N HIS I 130 -16.80 -10.30 -38.58
CA HIS I 130 -16.89 -11.56 -37.84
C HIS I 130 -16.91 -12.76 -38.79
N ILE I 131 -17.60 -12.62 -39.93
CA ILE I 131 -17.59 -13.68 -40.94
C ILE I 131 -16.18 -13.95 -41.41
N ASP I 132 -15.42 -12.89 -41.70
CA ASP I 132 -14.03 -13.06 -42.11
C ASP I 132 -13.25 -13.83 -41.07
N TYR I 133 -13.37 -13.46 -39.80
CA TYR I 133 -12.70 -14.19 -38.74
C TYR I 133 -13.09 -15.66 -38.76
N LEU I 134 -14.40 -15.93 -38.83
CA LEU I 134 -14.88 -17.30 -38.76
C LEU I 134 -14.42 -18.13 -39.95
N GLU I 135 -14.61 -17.62 -41.17
CA GLU I 135 -14.13 -18.34 -42.34
C GLU I 135 -12.65 -18.61 -42.23
N THR I 136 -11.91 -17.66 -41.68
CA THR I 136 -10.47 -17.83 -41.54
C THR I 136 -10.12 -18.94 -40.55
N GLN I 137 -10.84 -19.00 -39.42
CA GLN I 137 -10.54 -20.07 -38.46
C GLN I 137 -10.82 -21.44 -39.08
N LEU I 138 -11.95 -21.58 -39.76
CA LEU I 138 -12.29 -22.86 -40.38
C LEU I 138 -11.27 -23.24 -41.42
N GLY I 139 -10.80 -22.26 -42.22
CA GLY I 139 -9.73 -22.51 -43.16
C GLY I 139 -8.41 -22.88 -42.48
N LEU I 140 -8.07 -22.23 -41.37
CA LEU I 140 -6.83 -22.59 -40.68
C LEU I 140 -6.90 -24.01 -40.12
N ILE I 141 -8.06 -24.44 -39.63
CA ILE I 141 -8.18 -25.82 -39.17
C ILE I 141 -7.77 -26.78 -40.26
N GLN I 142 -8.17 -26.50 -41.51
CA GLN I 142 -7.75 -27.35 -42.63
C GLN I 142 -6.26 -27.26 -42.92
N LYS I 143 -5.66 -26.06 -42.81
CA LYS I 143 -4.27 -25.91 -43.20
C LYS I 143 -3.30 -26.43 -42.14
N VAL I 144 -3.59 -26.24 -40.85
CA VAL I 144 -2.62 -26.57 -39.82
C VAL I 144 -2.95 -27.86 -39.08
N GLY I 145 -4.16 -28.37 -39.24
CA GLY I 145 -4.63 -29.53 -38.51
C GLY I 145 -5.39 -29.11 -37.26
N LEU I 146 -6.39 -29.91 -36.91
CA LEU I 146 -7.23 -29.55 -35.77
C LEU I 146 -6.41 -29.50 -34.48
N GLU I 147 -5.51 -30.46 -34.29
CA GLU I 147 -4.73 -30.50 -33.04
C GLU I 147 -3.83 -29.28 -32.90
N ASN I 148 -3.14 -28.91 -33.99
CA ASN I 148 -2.35 -27.68 -34.00
C ASN I 148 -3.23 -26.46 -33.80
N TYR I 149 -4.38 -26.42 -34.47
CA TYR I 149 -5.25 -25.26 -34.34
C TYR I 149 -5.66 -25.07 -32.88
N LEU I 150 -6.02 -26.17 -32.21
CA LEU I 150 -6.42 -26.07 -30.82
C LEU I 150 -5.22 -25.70 -29.95
N GLN I 151 -4.06 -26.30 -30.22
CA GLN I 151 -2.85 -25.97 -29.46
C GLN I 151 -2.56 -24.49 -29.52
N SER I 152 -2.66 -23.89 -30.71
CA SER I 152 -2.41 -22.46 -30.87
C SER I 152 -3.42 -21.59 -30.14
N HIS I 153 -4.55 -22.16 -29.67
CA HIS I 153 -5.58 -21.37 -28.99
C HIS I 153 -5.69 -21.72 -27.50
N MET I 154 -4.69 -22.41 -26.95
CA MET I 154 -4.68 -22.69 -25.51
C MET I 154 -4.34 -21.44 -24.69
N HIS I 155 -3.30 -20.73 -25.09
CA HIS I 155 -2.74 -19.66 -24.26
C HIS I 155 -3.08 -18.30 -24.86
N GLU I 156 -3.42 -17.36 -23.97
CA GLU I 156 -3.62 -15.96 -24.39
C GLU I 156 -2.28 -15.26 -24.60
N MET J 1 60.87 17.64 7.13
CA MET J 1 61.21 18.75 8.05
C MET J 1 61.77 18.16 9.35
N LYS J 2 63.00 18.50 9.72
CA LYS J 2 63.65 17.82 10.84
C LYS J 2 62.93 18.16 12.14
N GLY J 3 62.36 17.15 12.78
CA GLY J 3 61.69 17.37 14.04
C GLY J 3 62.61 17.15 15.23
N ASP J 4 62.13 17.59 16.38
CA ASP J 4 62.80 17.40 17.66
C ASP J 4 62.81 15.91 18.04
N LYS J 5 63.99 15.41 18.41
CA LYS J 5 64.11 13.96 18.60
C LYS J 5 63.20 13.47 19.73
N LYS J 6 63.04 14.27 20.78
CA LYS J 6 62.20 13.84 21.89
C LYS J 6 60.71 14.02 21.57
N VAL J 7 60.35 15.02 20.76
CA VAL J 7 58.97 15.02 20.26
C VAL J 7 58.68 13.70 19.58
N ILE J 8 59.55 13.29 18.66
CA ILE J 8 59.32 12.07 17.90
C ILE J 8 59.21 10.87 18.83
N GLN J 9 60.04 10.83 19.88
CA GLN J 9 59.93 9.76 20.84
C GLN J 9 58.56 9.77 21.49
N HIS J 10 58.08 10.96 21.89
CA HIS J 10 56.75 11.03 22.48
C HIS J 10 55.69 10.58 21.47
N LEU J 11 55.80 11.02 20.21
CA LEU J 11 54.79 10.61 19.24
C LEU J 11 54.77 9.10 19.05
N ASN J 12 55.96 8.47 19.05
CA ASN J 12 56.01 7.01 18.91
C ASN J 12 55.42 6.31 20.12
N LYS J 13 55.52 6.93 21.30
CA LYS J 13 54.92 6.33 22.49
C LYS J 13 53.40 6.43 22.42
N ILE J 14 52.88 7.58 22.01
CA ILE J 14 51.45 7.71 21.78
C ILE J 14 50.99 6.70 20.73
N LEU J 15 51.71 6.62 19.61
CA LEU J 15 51.39 5.63 18.59
C LEU J 15 51.35 4.22 19.17
N GLY J 16 52.33 3.88 20.00
CA GLY J 16 52.32 2.56 20.60
C GLY J 16 51.07 2.32 21.44
N ASN J 17 50.61 3.34 22.18
CA ASN J 17 49.36 3.21 22.93
C ASN J 17 48.19 3.00 21.98
N GLU J 18 48.17 3.75 20.87
CA GLU J 18 47.07 3.62 19.91
C GLU J 18 47.06 2.23 19.30
N LEU J 19 48.24 1.65 19.05
CA LEU J 19 48.30 0.33 18.44
C LEU J 19 47.79 -0.74 19.40
N ILE J 20 48.04 -0.60 20.70
CA ILE J 20 47.43 -1.49 21.69
C ILE J 20 45.91 -1.38 21.63
N ALA J 21 45.42 -0.14 21.62
CA ALA J 21 43.99 0.10 21.69
C ALA J 21 43.27 -0.43 20.46
N ILE J 22 43.87 -0.25 19.27
CA ILE J 22 43.29 -0.83 18.06
C ILE J 22 42.98 -2.31 18.25
N ASN J 23 43.98 -3.08 18.70
CA ASN J 23 43.80 -4.53 18.79
C ASN J 23 42.89 -4.91 19.96
N GLN J 24 43.08 -4.28 21.12
CA GLN J 24 42.25 -4.56 22.29
C GLN J 24 40.76 -4.29 21.95
N TYR J 25 40.49 -3.14 21.35
CA TYR J 25 39.11 -2.79 21.04
C TYR J 25 38.56 -3.67 19.94
N PHE J 26 39.38 -4.03 18.94
CA PHE J 26 38.88 -4.89 17.89
C PHE J 26 38.52 -6.26 18.42
N LEU J 27 39.38 -6.82 19.28
CA LEU J 27 39.08 -8.13 19.82
C LEU J 27 37.85 -8.08 20.73
N HIS J 28 37.75 -7.05 21.57
CA HIS J 28 36.57 -6.91 22.42
C HIS J 28 35.30 -6.80 21.57
N SER J 29 35.38 -6.04 20.48
CA SER J 29 34.24 -5.92 19.56
C SER J 29 33.79 -7.29 19.08
N ARG J 30 34.73 -8.10 18.59
CA ARG J 30 34.38 -9.37 18.00
C ARG J 30 33.95 -10.39 19.05
N MET J 31 34.49 -10.29 20.26
CA MET J 31 33.96 -11.11 21.35
C MET J 31 32.51 -10.77 21.64
N TRP J 32 32.20 -9.48 21.72
CA TRP J 32 30.83 -9.09 22.01
C TRP J 32 29.88 -9.56 20.91
N ASN J 33 30.32 -9.46 19.64
CA ASN J 33 29.50 -9.95 18.54
C ASN J 33 29.29 -11.45 18.64
N ASP J 34 30.34 -12.21 18.96
CA ASP J 34 30.22 -13.65 19.13
C ASP J 34 29.20 -14.00 20.20
N TRP J 35 29.15 -13.21 21.28
CA TRP J 35 28.20 -13.42 22.38
C TRP J 35 26.80 -12.90 22.10
N GLY J 36 26.56 -12.31 20.93
CA GLY J 36 25.25 -11.76 20.60
C GLY J 36 24.98 -10.41 21.18
N LEU J 37 26.01 -9.71 21.65
CA LEU J 37 25.86 -8.35 22.17
C LEU J 37 26.30 -7.37 21.08
N LYS J 38 25.48 -7.34 20.02
CA LYS J 38 25.88 -6.70 18.78
C LYS J 38 25.96 -5.19 18.88
N ARG J 39 25.18 -4.56 19.77
CA ARG J 39 25.29 -3.12 19.88
C ARG J 39 26.62 -2.73 20.53
N LEU J 40 27.03 -3.48 21.54
CA LEU J 40 28.37 -3.30 22.12
C LEU J 40 29.43 -3.59 21.08
N GLY J 41 29.23 -4.66 20.31
CA GLY J 41 30.21 -5.03 19.31
C GLY J 41 30.37 -3.95 18.25
N ALA J 42 29.26 -3.36 17.81
CA ALA J 42 29.33 -2.28 16.82
C ALA J 42 30.03 -1.05 17.39
N HIS J 43 29.64 -0.65 18.61
CA HIS J 43 30.23 0.55 19.18
C HIS J 43 31.73 0.36 19.42
N GLU J 44 32.11 -0.83 19.86
CA GLU J 44 33.53 -1.11 20.13
C GLU J 44 34.32 -1.17 18.82
N TYR J 45 33.70 -1.69 17.77
CA TYR J 45 34.30 -1.64 16.45
C TYR J 45 34.62 -0.21 16.06
N HIS J 46 33.67 0.70 16.28
CA HIS J 46 33.92 2.08 15.86
C HIS J 46 35.02 2.73 16.72
N GLU J 47 35.12 2.35 18.00
CA GLU J 47 36.24 2.82 18.82
C GLU J 47 37.57 2.33 18.24
N SER J 48 37.62 1.07 17.80
CA SER J 48 38.85 0.58 17.19
CA SER J 48 38.87 0.60 17.20
C SER J 48 39.18 1.37 15.92
N ILE J 49 38.17 1.66 15.10
CA ILE J 49 38.40 2.43 13.88
C ILE J 49 38.93 3.81 14.21
N ASP J 50 38.39 4.45 15.24
CA ASP J 50 38.86 5.78 15.58
C ASP J 50 40.33 5.76 15.97
N GLU J 51 40.75 4.70 16.67
CA GLU J 51 42.15 4.59 17.07
C GLU J 51 43.04 4.33 15.86
N MET J 52 42.52 3.56 14.90
CA MET J 52 43.22 3.40 13.62
C MET J 52 43.44 4.75 12.95
N LYS J 53 42.45 5.64 12.99
CA LYS J 53 42.61 6.93 12.33
C LYS J 53 43.63 7.79 13.06
N HIS J 54 43.64 7.72 14.40
CA HIS J 54 44.67 8.44 15.16
C HIS J 54 46.05 7.89 14.86
N ALA J 55 46.19 6.57 14.83
CA ALA J 55 47.46 5.95 14.49
C ALA J 55 47.95 6.44 13.14
N ASP J 56 47.05 6.47 12.16
CA ASP J 56 47.40 7.00 10.85
C ASP J 56 48.01 8.40 10.97
N LYS J 57 47.33 9.30 11.67
CA LYS J 57 47.80 10.68 11.72
C LYS J 57 49.15 10.79 12.41
N LEU J 58 49.38 9.98 13.44
CA LEU J 58 50.68 9.99 14.12
C LEU J 58 51.78 9.46 13.21
N ILE J 59 51.52 8.36 12.51
CA ILE J 59 52.46 7.84 11.52
C ILE J 59 52.82 8.92 10.51
N GLU J 60 51.83 9.61 9.96
CA GLU J 60 52.11 10.61 8.96
C GLU J 60 52.96 11.74 9.53
N ARG J 61 52.63 12.20 10.73
CA ARG J 61 53.37 13.30 11.36
C ARG J 61 54.82 12.87 11.65
N ILE J 62 55.01 11.65 12.14
CA ILE J 62 56.37 11.19 12.45
C ILE J 62 57.23 11.17 11.19
N LEU J 63 56.68 10.65 10.08
CA LEU J 63 57.42 10.61 8.82
C LEU J 63 57.72 12.01 8.30
N PHE J 64 56.76 12.94 8.41
CA PHE J 64 57.03 14.31 7.99
C PHE J 64 58.17 14.92 8.78
N LEU J 65 58.25 14.59 10.05
CA LEU J 65 59.30 15.07 10.94
C LEU J 65 60.59 14.28 10.82
N GLU J 66 60.67 13.37 9.85
CA GLU J 66 61.86 12.62 9.48
C GLU J 66 62.24 11.57 10.54
N GLY J 67 61.28 11.16 11.37
CA GLY J 67 61.44 10.02 12.24
C GLY J 67 60.95 8.71 11.62
N LEU J 68 61.17 7.62 12.36
CA LEU J 68 60.70 6.30 11.98
C LEU J 68 59.52 5.92 12.88
N PRO J 69 58.30 5.79 12.34
CA PRO J 69 57.17 5.34 13.17
C PRO J 69 57.33 3.88 13.57
N ASN J 70 57.24 3.61 14.87
CA ASN J 70 57.37 2.24 15.37
C ASN J 70 56.03 1.52 15.34
N LEU J 71 55.83 0.63 14.36
CA LEU J 71 54.68 -0.26 14.31
C LEU J 71 55.06 -1.69 14.69
N GLN J 72 56.29 -1.90 15.18
CA GLN J 72 56.78 -3.24 15.45
C GLN J 72 56.56 -3.67 16.91
N ASP J 73 56.63 -2.74 17.84
CA ASP J 73 56.58 -3.06 19.26
C ASP J 73 55.14 -2.90 19.70
N LEU J 74 54.53 -4.01 20.08
CA LEU J 74 53.16 -4.02 20.56
C LEU J 74 53.17 -4.34 22.05
N GLY J 75 52.70 -3.39 22.85
CA GLY J 75 52.54 -3.59 24.27
C GLY J 75 51.38 -4.51 24.60
N LYS J 76 51.13 -4.60 25.91
CA LYS J 76 50.25 -5.62 26.47
C LYS J 76 48.79 -5.22 26.27
N LEU J 77 48.03 -6.09 25.60
CA LEU J 77 46.60 -5.91 25.49
C LEU J 77 45.93 -6.24 26.82
N LEU J 78 44.95 -5.44 27.22
CA LEU J 78 44.14 -5.70 28.42
C LEU J 78 42.80 -6.27 27.96
N ILE J 79 42.66 -7.59 28.03
CA ILE J 79 41.49 -8.27 27.49
C ILE J 79 40.65 -8.77 28.66
N GLY J 80 39.39 -8.35 28.71
CA GLY J 80 38.50 -8.84 29.74
C GLY J 80 37.88 -10.20 29.41
N GLU J 81 37.27 -10.81 30.43
CA GLU J 81 36.59 -12.08 30.28
C GLU J 81 35.09 -11.97 30.39
N ASN J 82 34.58 -10.78 30.68
CA ASN J 82 33.16 -10.49 30.64
C ASN J 82 32.99 -9.01 30.34
N THR J 83 31.74 -8.59 30.07
CA THR J 83 31.46 -7.21 29.65
C THR J 83 32.00 -6.21 30.67
N GLN J 84 31.79 -6.47 31.93
CA GLN J 84 32.21 -5.51 32.93
C GLN J 84 33.74 -5.35 32.90
N GLU J 85 34.47 -6.46 32.78
CA GLU J 85 35.93 -6.42 32.71
C GLU J 85 36.44 -5.77 31.44
N MET J 86 35.77 -6.02 30.31
CA MET J 86 36.23 -5.46 29.05
C MET J 86 36.15 -3.95 29.05
N LEU J 87 35.03 -3.40 29.55
CA LEU J 87 34.89 -1.97 29.70
C LEU J 87 35.95 -1.41 30.62
N GLN J 88 36.17 -2.06 31.76
CA GLN J 88 37.18 -1.53 32.67
C GLN J 88 38.59 -1.64 32.05
N CYS J 89 38.87 -2.73 31.31
CA CYS J 89 40.18 -2.82 30.65
C CYS J 89 40.38 -1.70 29.65
N ASP J 90 39.32 -1.36 28.89
CA ASP J 90 39.42 -0.22 27.98
C ASP J 90 39.67 1.06 28.78
N LEU J 91 38.97 1.24 29.90
CA LEU J 91 39.11 2.47 30.64
C LEU J 91 40.50 2.58 31.27
N ASN J 92 41.04 1.46 31.76
CA ASN J 92 42.41 1.47 32.27
C ASN J 92 43.40 1.85 31.17
N LEU J 93 43.24 1.30 29.97
CA LEU J 93 44.12 1.66 28.85
C LEU J 93 43.98 3.14 28.48
N GLU J 94 42.74 3.66 28.43
CA GLU J 94 42.55 5.07 28.12
C GLU J 94 43.20 5.98 29.14
N LEU J 95 43.17 5.59 30.42
CA LEU J 95 43.71 6.50 31.43
C LEU J 95 45.23 6.59 31.33
N LYS J 96 45.90 5.50 30.96
CA LYS J 96 47.32 5.58 30.64
C LYS J 96 47.55 6.40 29.37
N ALA J 97 46.68 6.23 28.36
CA ALA J 97 46.83 6.98 27.12
C ALA J 97 46.79 8.48 27.39
N THR J 98 45.88 8.92 28.24
CA THR J 98 45.76 10.35 28.40
C THR J 98 46.91 10.89 29.23
N LYS J 99 47.40 10.10 30.19
CA LYS J 99 48.62 10.50 30.88
C LYS J 99 49.73 10.75 29.88
N ASP J 100 49.97 9.79 29.00
CA ASP J 100 51.06 9.90 28.05
C ASP J 100 50.83 11.08 27.10
N LEU J 101 49.57 11.31 26.69
CA LEU J 101 49.28 12.46 25.83
C LEU J 101 49.63 13.78 26.51
N ARG J 102 49.26 13.91 27.79
CA ARG J 102 49.51 15.17 28.49
C ARG J 102 51.01 15.46 28.57
N GLU J 103 51.81 14.42 28.86
CA GLU J 103 53.26 14.61 28.96
C GLU J 103 53.88 14.94 27.60
N ALA J 104 53.33 14.34 26.52
CA ALA J 104 53.79 14.66 25.17
C ALA J 104 53.48 16.11 24.81
N ILE J 105 52.31 16.62 25.19
CA ILE J 105 51.94 18.00 24.89
C ILE J 105 52.86 18.96 25.64
N VAL J 106 53.16 18.68 26.91
CA VAL J 106 54.10 19.50 27.64
C VAL J 106 55.39 19.67 26.84
N HIS J 107 55.92 18.57 26.32
CA HIS J 107 57.20 18.69 25.65
C HIS J 107 57.07 19.43 24.32
N CYS J 108 56.04 19.10 23.54
CA CYS J 108 55.78 19.84 22.29
C CYS J 108 55.73 21.32 22.57
N GLU J 109 55.02 21.73 23.62
CA GLU J 109 54.93 23.15 23.93
C GLU J 109 56.31 23.71 24.25
N GLN J 110 57.14 22.96 24.98
CA GLN J 110 58.43 23.50 25.41
C GLN J 110 59.34 23.75 24.22
N VAL J 111 59.32 22.89 23.21
CA VAL J 111 60.20 23.03 22.05
C VAL J 111 59.52 23.72 20.88
N HIS J 112 58.30 24.24 21.06
CA HIS J 112 57.60 25.07 20.07
C HIS J 112 57.09 24.28 18.87
N ASP J 113 56.87 22.97 19.04
CA ASP J 113 56.23 22.17 17.98
C ASP J 113 54.73 22.27 18.19
N TYR J 114 54.21 23.42 17.80
CA TYR J 114 52.81 23.72 18.08
C TYR J 114 51.86 22.93 17.19
N VAL J 115 52.30 22.48 16.01
CA VAL J 115 51.44 21.64 15.16
C VAL J 115 51.34 20.22 15.72
N SER J 116 52.45 19.65 16.19
CA SER J 116 52.34 18.36 16.88
C SER J 116 51.45 18.48 18.10
N ARG J 117 51.54 19.60 18.82
CA ARG J 117 50.69 19.77 20.00
C ARG J 117 49.22 19.77 19.62
N ASP J 118 48.86 20.51 18.56
CA ASP J 118 47.47 20.56 18.09
C ASP J 118 46.95 19.18 17.74
N LEU J 119 47.76 18.38 17.05
CA LEU J 119 47.38 17.01 16.74
C LEU J 119 47.11 16.22 18.02
N LEU J 120 48.05 16.27 18.97
CA LEU J 120 47.88 15.54 20.22
C LEU J 120 46.67 16.02 21.00
N LYS J 121 46.41 17.33 20.98
CA LYS J 121 45.25 17.85 21.69
C LYS J 121 43.96 17.29 21.09
N ASP J 122 43.90 17.20 19.76
CA ASP J 122 42.73 16.60 19.10
C ASP J 122 42.57 15.14 19.48
N ILE J 123 43.68 14.38 19.49
CA ILE J 123 43.61 12.99 19.91
C ILE J 123 43.14 12.89 21.35
N LEU J 124 43.65 13.78 22.22
CA LEU J 124 43.26 13.78 23.63
C LEU J 124 41.77 14.07 23.78
N GLU J 125 41.22 14.94 22.93
CA GLU J 125 39.78 15.16 22.98
C GLU J 125 39.01 13.89 22.65
N SER J 126 39.49 13.13 21.64
CA SER J 126 38.84 11.87 21.31
CA SER J 126 38.84 11.87 21.31
C SER J 126 38.96 10.88 22.46
N GLU J 127 40.14 10.81 23.07
CA GLU J 127 40.30 9.85 24.16
C GLU J 127 39.42 10.22 25.36
N GLU J 128 39.30 11.51 25.70
CA GLU J 128 38.41 11.89 26.80
C GLU J 128 36.94 11.60 26.45
N GLU J 129 36.58 11.69 25.17
CA GLU J 129 35.24 11.25 24.79
C GLU J 129 35.06 9.76 25.03
N HIS J 130 36.08 8.95 24.73
CA HIS J 130 36.00 7.54 25.02
C HIS J 130 35.87 7.28 26.52
N ILE J 131 36.67 7.97 27.34
CA ILE J 131 36.55 7.84 28.79
C ILE J 131 35.15 8.16 29.25
N ASP J 132 34.57 9.23 28.71
CA ASP J 132 33.19 9.57 29.03
C ASP J 132 32.28 8.39 28.71
N TYR J 133 32.37 7.83 27.50
CA TYR J 133 31.56 6.67 27.13
C TYR J 133 31.75 5.50 28.11
N LEU J 134 33.00 5.18 28.41
CA LEU J 134 33.29 4.03 29.27
C LEU J 134 32.77 4.23 30.69
N GLU J 135 33.04 5.41 31.28
CA GLU J 135 32.54 5.71 32.62
C GLU J 135 31.01 5.64 32.65
N THR J 136 30.38 6.14 31.59
CA THR J 136 28.92 6.11 31.51
C THR J 136 28.40 4.67 31.43
N GLN J 137 29.07 3.81 30.64
CA GLN J 137 28.62 2.43 30.54
C GLN J 137 28.73 1.75 31.90
N LEU J 138 29.84 1.95 32.61
CA LEU J 138 29.95 1.32 33.91
C LEU J 138 28.90 1.85 34.87
N GLY J 139 28.57 3.14 34.77
CA GLY J 139 27.53 3.69 35.62
C GLY J 139 26.17 3.12 35.26
N LEU J 140 25.92 2.90 33.97
CA LEU J 140 24.62 2.35 33.57
C LEU J 140 24.46 0.91 34.04
N ILE J 141 25.56 0.15 34.02
CA ILE J 141 25.49 -1.21 34.54
C ILE J 141 25.02 -1.20 35.98
N GLN J 142 25.43 -0.18 36.75
CA GLN J 142 24.92 -0.03 38.12
C GLN J 142 23.47 0.40 38.15
N LYS J 143 23.08 1.40 37.34
CA LYS J 143 21.75 1.99 37.46
C LYS J 143 20.64 1.11 36.86
N VAL J 144 20.91 0.41 35.77
CA VAL J 144 19.87 -0.44 35.17
C VAL J 144 20.05 -1.90 35.54
N GLY J 145 21.17 -2.27 36.15
CA GLY J 145 21.46 -3.68 36.46
C GLY J 145 22.11 -4.40 35.29
N LEU J 146 22.91 -5.41 35.61
CA LEU J 146 23.71 -6.02 34.55
C LEU J 146 22.82 -6.70 33.52
N GLU J 147 21.80 -7.45 33.96
CA GLU J 147 20.98 -8.18 32.99
C GLU J 147 20.32 -7.22 32.00
N ASN J 148 19.79 -6.11 32.50
CA ASN J 148 19.16 -5.12 31.64
C ASN J 148 20.19 -4.45 30.72
N TYR J 149 21.35 -4.12 31.26
CA TYR J 149 22.38 -3.49 30.44
C TYR J 149 22.75 -4.39 29.27
N LEU J 150 22.97 -5.67 29.53
CA LEU J 150 23.33 -6.58 28.46
C LEU J 150 22.14 -6.75 27.51
N GLN J 151 20.93 -6.83 28.06
CA GLN J 151 19.74 -6.95 27.23
C GLN J 151 19.66 -5.79 26.26
N SER J 152 19.88 -4.56 26.75
CA SER J 152 19.85 -3.38 25.91
C SER J 152 20.95 -3.36 24.85
N HIS J 153 21.94 -4.25 24.89
CA HIS J 153 23.01 -4.23 23.90
C HIS J 153 23.02 -5.45 23.02
N MET J 154 21.93 -6.22 23.02
CA MET J 154 21.82 -7.37 22.14
C MET J 154 21.61 -6.92 20.70
N HIS J 155 20.65 -6.03 20.47
CA HIS J 155 20.23 -5.68 19.12
C HIS J 155 20.80 -4.33 18.72
N GLU J 156 21.32 -4.28 17.50
CA GLU J 156 21.65 -3.01 16.84
C GLU J 156 20.36 -2.30 16.40
N MET K 1 22.65 -36.92 -16.06
CA MET K 1 24.07 -37.31 -15.97
C MET K 1 24.21 -38.35 -14.86
N LYS K 2 24.68 -39.55 -15.16
CA LYS K 2 24.59 -40.65 -14.20
C LYS K 2 25.55 -40.43 -13.04
N GLY K 3 24.99 -40.28 -11.81
CA GLY K 3 25.82 -40.03 -10.65
C GLY K 3 26.23 -41.30 -9.92
N ASP K 4 27.18 -41.14 -9.02
CA ASP K 4 27.63 -42.21 -8.13
C ASP K 4 26.49 -42.61 -7.20
N LYS K 5 26.23 -43.92 -7.10
CA LYS K 5 25.09 -44.39 -6.32
C LYS K 5 25.19 -43.96 -4.86
N LYS K 6 26.37 -44.10 -4.26
CA LYS K 6 26.49 -43.74 -2.87
C LYS K 6 26.44 -42.22 -2.67
N VAL K 7 26.95 -41.44 -3.62
CA VAL K 7 26.74 -39.99 -3.54
C VAL K 7 25.25 -39.70 -3.41
N ILE K 8 24.45 -40.32 -4.28
CA ILE K 8 23.02 -40.07 -4.28
C ILE K 8 22.39 -40.50 -2.95
N GLN K 9 22.84 -41.61 -2.38
CA GLN K 9 22.33 -42.02 -1.07
C GLN K 9 22.69 -40.99 0.00
N HIS K 10 23.92 -40.47 -0.06
CA HIS K 10 24.32 -39.38 0.82
C HIS K 10 23.42 -38.17 0.62
N LEU K 11 23.17 -37.78 -0.64
CA LEU K 11 22.32 -36.61 -0.89
C LEU K 11 20.92 -36.83 -0.34
N ASN K 12 20.38 -38.04 -0.50
CA ASN K 12 19.07 -38.31 0.05
C ASN K 12 19.08 -38.32 1.57
N LYS K 13 20.19 -38.71 2.19
CA LYS K 13 20.27 -38.64 3.64
C LYS K 13 20.29 -37.20 4.11
N ILE K 14 21.05 -36.33 3.43
CA ILE K 14 21.06 -34.91 3.80
C ILE K 14 19.68 -34.31 3.54
N LEU K 15 19.03 -34.72 2.45
CA LEU K 15 17.68 -34.27 2.16
C LEU K 15 16.72 -34.66 3.27
N GLY K 16 16.81 -35.90 3.76
CA GLY K 16 15.97 -36.31 4.88
C GLY K 16 16.18 -35.46 6.12
N ASN K 17 17.43 -35.11 6.42
CA ASN K 17 17.68 -34.22 7.55
C ASN K 17 17.02 -32.86 7.34
N GLU K 18 17.15 -32.31 6.14
CA GLU K 18 16.57 -31.00 5.85
C GLU K 18 15.05 -31.05 5.97
N LEU K 19 14.44 -32.17 5.56
CA LEU K 19 12.99 -32.27 5.65
C LEU K 19 12.52 -32.27 7.11
N ILE K 20 13.25 -32.94 8.01
CA ILE K 20 12.92 -32.86 9.43
C ILE K 20 13.00 -31.41 9.89
N ALA K 21 14.11 -30.75 9.57
CA ALA K 21 14.35 -29.39 10.01
C ALA K 21 13.29 -28.42 9.52
N ILE K 22 12.88 -28.53 8.24
CA ILE K 22 11.80 -27.68 7.75
C ILE K 22 10.59 -27.73 8.68
N ASN K 23 10.13 -28.94 8.99
CA ASN K 23 8.91 -29.08 9.79
C ASN K 23 9.14 -28.70 11.25
N GLN K 24 10.27 -29.11 11.82
CA GLN K 24 10.56 -28.74 13.20
C GLN K 24 10.62 -27.22 13.37
N TYR K 25 11.40 -26.54 12.51
CA TYR K 25 11.48 -25.09 12.60
C TYR K 25 10.16 -24.41 12.25
N PHE K 26 9.38 -24.94 11.31
CA PHE K 26 8.11 -24.28 11.02
C PHE K 26 7.19 -24.34 12.22
N LEU K 27 7.13 -25.50 12.87
CA LEU K 27 6.29 -25.65 14.05
C LEU K 27 6.80 -24.77 15.18
N HIS K 28 8.11 -24.81 15.45
CA HIS K 28 8.63 -23.93 16.50
C HIS K 28 8.29 -22.48 16.20
N SER K 29 8.43 -22.06 14.96
CA SER K 29 8.09 -20.70 14.58
C SER K 29 6.66 -20.38 14.97
N ARG K 30 5.72 -21.26 14.61
CA ARG K 30 4.32 -20.94 14.82
C ARG K 30 3.95 -21.07 16.29
N MET K 31 4.64 -21.93 17.06
CA MET K 31 4.46 -21.94 18.50
C MET K 31 4.87 -20.60 19.11
N TRP K 32 6.06 -20.12 18.74
CA TRP K 32 6.51 -18.84 19.25
C TRP K 32 5.55 -17.72 18.86
N ASN K 33 5.03 -17.73 17.63
CA ASN K 33 4.10 -16.67 17.26
C ASN K 33 2.83 -16.74 18.11
N ASP K 34 2.31 -17.96 18.30
CA ASP K 34 1.11 -18.15 19.12
C ASP K 34 1.32 -17.64 20.53
N TRP K 35 2.54 -17.78 21.06
CA TRP K 35 2.87 -17.27 22.39
C TRP K 35 3.15 -15.78 22.42
N GLY K 36 3.17 -15.10 21.27
CA GLY K 36 3.47 -13.68 21.27
C GLY K 36 4.94 -13.34 21.25
N LEU K 37 5.78 -14.33 20.99
CA LEU K 37 7.22 -14.08 20.84
C LEU K 37 7.53 -13.96 19.35
N LYS K 38 7.09 -12.85 18.79
CA LYS K 38 7.06 -12.73 17.33
C LYS K 38 8.44 -12.57 16.74
N ARG K 39 9.41 -12.03 17.50
CA ARG K 39 10.74 -11.94 16.91
C ARG K 39 11.36 -13.33 16.76
N LEU K 40 11.16 -14.20 17.74
CA LEU K 40 11.60 -15.60 17.60
C LEU K 40 10.83 -16.31 16.51
N GLY K 41 9.52 -16.12 16.47
CA GLY K 41 8.72 -16.70 15.39
C GLY K 41 9.23 -16.32 14.01
N ALA K 42 9.50 -15.03 13.78
CA ALA K 42 9.96 -14.60 12.47
C ALA K 42 11.32 -15.19 12.14
N HIS K 43 12.25 -15.13 13.10
CA HIS K 43 13.58 -15.70 12.84
C HIS K 43 13.51 -17.18 12.54
N GLU K 44 12.70 -17.92 13.31
CA GLU K 44 12.60 -19.37 13.12
C GLU K 44 11.91 -19.71 11.80
N TYR K 45 10.94 -18.88 11.38
CA TYR K 45 10.36 -19.01 10.05
C TYR K 45 11.42 -18.88 8.97
N HIS K 46 12.29 -17.87 9.08
CA HIS K 46 13.34 -17.72 8.08
C HIS K 46 14.30 -18.89 8.10
N GLU K 47 14.58 -19.49 9.26
CA GLU K 47 15.37 -20.72 9.29
C GLU K 47 14.68 -21.86 8.54
N SER K 48 13.37 -21.98 8.70
CA SER K 48 12.63 -23.04 7.99
CA SER K 48 12.65 -23.05 7.98
C SER K 48 12.69 -22.82 6.48
N ILE K 49 12.46 -21.58 6.03
CA ILE K 49 12.56 -21.24 4.61
C ILE K 49 13.95 -21.59 4.09
N ASP K 50 14.98 -21.27 4.88
CA ASP K 50 16.34 -21.55 4.40
C ASP K 50 16.55 -23.04 4.18
N GLU K 51 15.97 -23.88 5.05
CA GLU K 51 16.09 -25.32 4.87
C GLU K 51 15.29 -25.79 3.67
N MET K 52 14.15 -25.15 3.41
CA MET K 52 13.39 -25.45 2.21
C MET K 52 14.22 -25.19 0.96
N LYS K 53 14.97 -24.09 0.96
CA LYS K 53 15.80 -23.77 -0.19
C LYS K 53 16.93 -24.80 -0.35
N HIS K 54 17.51 -25.24 0.76
CA HIS K 54 18.51 -26.31 0.70
C HIS K 54 17.91 -27.59 0.14
N ALA K 55 16.71 -27.95 0.62
CA ALA K 55 16.07 -29.18 0.16
C ALA K 55 15.81 -29.11 -1.33
N ASP K 56 15.35 -27.95 -1.81
CA ASP K 56 15.14 -27.78 -3.24
C ASP K 56 16.41 -28.07 -4.02
N LYS K 57 17.55 -27.49 -3.59
CA LYS K 57 18.79 -27.71 -4.32
C LYS K 57 19.19 -29.18 -4.32
N LEU K 58 19.00 -29.87 -3.20
CA LEU K 58 19.34 -31.29 -3.12
C LEU K 58 18.46 -32.12 -4.04
N ILE K 59 17.17 -31.81 -4.07
CA ILE K 59 16.24 -32.50 -4.97
C ILE K 59 16.67 -32.30 -6.42
N GLU K 60 17.01 -31.06 -6.76
CA GLU K 60 17.41 -30.74 -8.11
C GLU K 60 18.70 -31.48 -8.48
N ARG K 61 19.66 -31.55 -7.56
CA ARG K 61 20.90 -32.25 -7.83
C ARG K 61 20.66 -33.77 -7.97
N ILE K 62 19.85 -34.36 -7.08
CA ILE K 62 19.59 -35.79 -7.15
C ILE K 62 18.96 -36.14 -8.49
N LEU K 63 17.98 -35.34 -8.94
CA LEU K 63 17.33 -35.64 -10.21
C LEU K 63 18.30 -35.48 -11.36
N PHE K 64 19.16 -34.46 -11.31
CA PHE K 64 20.15 -34.29 -12.36
C PHE K 64 21.05 -35.52 -12.46
N LEU K 65 21.43 -36.06 -11.31
CA LEU K 65 22.29 -37.23 -11.24
C LEU K 65 21.52 -38.55 -11.47
N GLU K 66 20.23 -38.44 -11.79
CA GLU K 66 19.39 -39.55 -12.23
C GLU K 66 19.03 -40.47 -11.07
N GLY K 67 19.05 -39.92 -9.86
CA GLY K 67 18.53 -40.58 -8.68
C GLY K 67 17.08 -40.19 -8.41
N LEU K 68 16.51 -40.83 -7.37
CA LEU K 68 15.13 -40.54 -6.96
C LEU K 68 15.16 -39.81 -5.63
N PRO K 69 14.73 -38.55 -5.56
CA PRO K 69 14.77 -37.83 -4.28
C PRO K 69 13.71 -38.39 -3.37
N ASN K 70 14.06 -38.67 -2.12
CA ASN K 70 13.14 -39.32 -1.18
C ASN K 70 12.47 -38.23 -0.35
N LEU K 71 11.23 -37.89 -0.72
CA LEU K 71 10.43 -36.96 0.08
C LEU K 71 9.40 -37.66 0.92
N GLN K 72 9.44 -39.00 0.96
CA GLN K 72 8.42 -39.82 1.61
C GLN K 72 8.77 -40.13 3.06
N ASP K 73 10.06 -40.31 3.36
CA ASP K 73 10.47 -40.76 4.67
C ASP K 73 10.84 -39.53 5.49
N LEU K 74 10.13 -39.35 6.59
CA LEU K 74 10.30 -38.20 7.46
C LEU K 74 10.68 -38.70 8.84
N GLY K 75 11.90 -38.37 9.28
CA GLY K 75 12.40 -38.78 10.56
C GLY K 75 11.78 -37.99 11.70
N LYS K 76 12.33 -38.20 12.90
CA LYS K 76 11.68 -37.76 14.12
C LYS K 76 11.90 -36.27 14.35
N LEU K 77 10.81 -35.53 14.47
CA LEU K 77 10.86 -34.13 14.84
C LEU K 77 11.23 -34.00 16.32
N LEU K 78 12.13 -33.08 16.61
CA LEU K 78 12.52 -32.76 18.00
C LEU K 78 11.81 -31.46 18.39
N ILE K 79 10.66 -31.58 19.06
CA ILE K 79 9.83 -30.43 19.40
C ILE K 79 9.98 -30.14 20.87
N GLY K 80 10.34 -28.92 21.20
CA GLY K 80 10.44 -28.52 22.58
C GLY K 80 9.12 -28.03 23.13
N GLU K 81 9.08 -27.93 24.45
CA GLU K 81 7.88 -27.48 25.16
C GLU K 81 8.03 -26.07 25.74
N ASN K 82 9.22 -25.48 25.65
CA ASN K 82 9.41 -24.10 26.01
C ASN K 82 10.59 -23.58 25.21
N THR K 83 10.84 -22.27 25.32
CA THR K 83 11.81 -21.62 24.45
C THR K 83 13.18 -22.26 24.58
N GLN K 84 13.64 -22.48 25.81
CA GLN K 84 14.94 -23.10 26.01
C GLN K 84 15.01 -24.47 25.37
N GLU K 85 14.01 -25.30 25.62
CA GLU K 85 13.99 -26.63 25.03
C GLU K 85 13.95 -26.57 23.52
N MET K 86 13.18 -25.65 22.97
CA MET K 86 13.05 -25.56 21.52
C MET K 86 14.38 -25.21 20.87
N LEU K 87 15.08 -24.21 21.42
CA LEU K 87 16.39 -23.85 20.90
C LEU K 87 17.34 -25.03 20.99
N GLN K 88 17.32 -25.77 22.11
CA GLN K 88 18.24 -26.88 22.27
C GLN K 88 17.89 -28.02 21.32
N CYS K 89 16.60 -28.27 21.10
CA CYS K 89 16.19 -29.25 20.09
C CYS K 89 16.70 -28.88 18.71
N ASP K 90 16.58 -27.60 18.32
CA ASP K 90 17.14 -27.15 17.06
C ASP K 90 18.64 -27.42 17.00
N LEU K 91 19.34 -27.15 18.10
CA LEU K 91 20.79 -27.31 18.09
C LEU K 91 21.17 -28.79 17.99
N ASN K 92 20.47 -29.64 18.74
CA ASN K 92 20.68 -31.08 18.62
C ASN K 92 20.52 -31.56 17.19
N LEU K 93 19.48 -31.08 16.50
CA LEU K 93 19.28 -31.47 15.11
C LEU K 93 20.41 -30.97 14.22
N GLU K 94 20.88 -29.74 14.45
CA GLU K 94 21.90 -29.17 13.60
C GLU K 94 23.23 -29.92 13.74
N LEU K 95 23.56 -30.36 14.96
CA LEU K 95 24.80 -31.09 15.16
C LEU K 95 24.76 -32.47 14.48
N LYS K 96 23.59 -33.11 14.43
CA LYS K 96 23.47 -34.31 13.61
C LYS K 96 23.59 -33.98 12.11
N ALA K 97 23.01 -32.86 11.69
CA ALA K 97 23.05 -32.50 10.28
C ALA K 97 24.48 -32.24 9.82
N THR K 98 25.27 -31.54 10.64
CA THR K 98 26.61 -31.22 10.18
C THR K 98 27.49 -32.46 10.14
N LYS K 99 27.31 -33.38 11.09
CA LYS K 99 28.04 -34.65 11.02
C LYS K 99 27.77 -35.36 9.71
N ASP K 100 26.50 -35.45 9.31
CA ASP K 100 26.16 -36.13 8.07
C ASP K 100 26.68 -35.39 6.83
N LEU K 101 26.73 -34.06 6.88
CA LEU K 101 27.26 -33.32 5.75
C LEU K 101 28.76 -33.58 5.58
N ARG K 102 29.50 -33.62 6.69
CA ARG K 102 30.93 -33.89 6.60
C ARG K 102 31.19 -35.26 5.99
N GLU K 103 30.43 -36.28 6.42
CA GLU K 103 30.63 -37.62 5.86
C GLU K 103 30.27 -37.67 4.38
N ALA K 104 29.23 -36.94 3.98
CA ALA K 104 28.87 -36.89 2.57
C ALA K 104 29.96 -36.19 1.75
N ILE K 105 30.55 -35.12 2.28
CA ILE K 105 31.58 -34.40 1.54
C ILE K 105 32.80 -35.30 1.34
N VAL K 106 33.20 -36.03 2.38
CA VAL K 106 34.28 -37.00 2.26
C VAL K 106 34.04 -37.92 1.07
N HIS K 107 32.82 -38.46 0.96
CA HIS K 107 32.60 -39.43 -0.12
C HIS K 107 32.57 -38.74 -1.49
N CYS K 108 31.96 -37.55 -1.59
CA CYS K 108 31.98 -36.81 -2.85
C CYS K 108 33.41 -36.56 -3.31
N GLU K 109 34.29 -36.19 -2.38
CA GLU K 109 35.68 -35.97 -2.73
C GLU K 109 36.31 -37.25 -3.29
N GLN K 110 36.06 -38.39 -2.64
CA GLN K 110 36.71 -39.64 -3.04
C GLN K 110 36.32 -40.06 -4.45
N VAL K 111 35.07 -39.82 -4.85
CA VAL K 111 34.64 -40.23 -6.17
C VAL K 111 34.66 -39.07 -7.16
N HIS K 112 35.22 -37.92 -6.76
CA HIS K 112 35.48 -36.80 -7.66
C HIS K 112 34.20 -36.09 -8.09
N ASP K 113 33.15 -36.14 -7.25
CA ASP K 113 31.92 -35.42 -7.55
C ASP K 113 32.05 -34.06 -6.90
N TYR K 114 32.87 -33.22 -7.54
CA TYR K 114 33.26 -31.96 -6.94
C TYR K 114 32.12 -30.95 -6.89
N VAL K 115 31.18 -31.04 -7.83
CA VAL K 115 30.04 -30.13 -7.79
C VAL K 115 29.12 -30.47 -6.63
N SER K 116 28.83 -31.77 -6.43
CA SER K 116 28.03 -32.16 -5.26
C SER K 116 28.72 -31.73 -3.98
N ARG K 117 30.06 -31.81 -3.93
CA ARG K 117 30.78 -31.37 -2.76
C ARG K 117 30.55 -29.89 -2.50
N ASP K 118 30.62 -29.06 -3.56
CA ASP K 118 30.49 -27.61 -3.39
C ASP K 118 29.09 -27.26 -2.88
N LEU K 119 28.08 -27.95 -3.37
CA LEU K 119 26.72 -27.75 -2.89
C LEU K 119 26.63 -28.06 -1.40
N LEU K 120 27.22 -29.18 -1.00
CA LEU K 120 27.17 -29.58 0.40
C LEU K 120 28.01 -28.67 1.28
N LYS K 121 29.14 -28.16 0.78
CA LYS K 121 29.91 -27.17 1.53
C LYS K 121 29.08 -25.91 1.79
N ASP K 122 28.35 -25.44 0.77
CA ASP K 122 27.49 -24.27 0.93
C ASP K 122 26.40 -24.53 1.96
N ILE K 123 25.80 -25.72 1.94
CA ILE K 123 24.80 -26.04 2.94
C ILE K 123 25.43 -26.11 4.31
N LEU K 124 26.62 -26.72 4.40
CA LEU K 124 27.32 -26.80 5.67
C LEU K 124 27.60 -25.41 6.22
N GLU K 125 27.98 -24.45 5.37
CA GLU K 125 28.19 -23.08 5.84
C GLU K 125 26.91 -22.51 6.44
N SER K 126 25.77 -22.73 5.79
CA SER K 126 24.50 -22.25 6.33
CA SER K 126 24.50 -22.26 6.34
C SER K 126 24.17 -22.92 7.66
N GLU K 127 24.41 -24.23 7.77
CA GLU K 127 24.12 -24.93 9.02
C GLU K 127 25.06 -24.48 10.14
N GLU K 128 26.34 -24.22 9.85
CA GLU K 128 27.21 -23.69 10.90
C GLU K 128 26.75 -22.31 11.33
N GLU K 129 26.22 -21.52 10.39
CA GLU K 129 25.68 -20.22 10.79
C GLU K 129 24.48 -20.40 11.71
N HIS K 130 23.65 -21.40 11.45
CA HIS K 130 22.54 -21.66 12.34
C HIS K 130 23.03 -22.13 13.72
N ILE K 131 24.05 -22.98 13.75
CA ILE K 131 24.63 -23.36 15.03
C ILE K 131 25.09 -22.13 15.79
N ASP K 132 25.76 -21.19 15.10
CA ASP K 132 26.20 -19.96 15.75
C ASP K 132 25.02 -19.23 16.38
N TYR K 133 23.96 -19.05 15.61
CA TYR K 133 22.79 -18.36 16.13
C TYR K 133 22.27 -19.06 17.38
N LEU K 134 22.14 -20.39 17.31
CA LEU K 134 21.54 -21.15 18.41
C LEU K 134 22.41 -21.11 19.67
N GLU K 135 23.72 -21.32 19.53
CA GLU K 135 24.60 -21.25 20.69
C GLU K 135 24.56 -19.86 21.31
N THR K 136 24.44 -18.84 20.47
CA THR K 136 24.41 -17.47 20.95
C THR K 136 23.14 -17.21 21.73
N GLN K 137 21.98 -17.66 21.24
CA GLN K 137 20.74 -17.47 21.99
C GLN K 137 20.80 -18.19 23.34
N LEU K 138 21.30 -19.42 23.35
CA LEU K 138 21.37 -20.14 24.62
C LEU K 138 22.29 -19.40 25.59
N GLY K 139 23.38 -18.80 25.09
CA GLY K 139 24.25 -18.02 25.96
C GLY K 139 23.61 -16.74 26.45
N LEU K 140 22.85 -16.06 25.57
CA LEU K 140 22.15 -14.84 25.97
C LEU K 140 21.14 -15.11 27.07
N ILE K 141 20.44 -16.24 27.00
CA ILE K 141 19.50 -16.58 28.06
C ILE K 141 20.21 -16.61 29.39
N GLN K 142 21.40 -17.21 29.45
CA GLN K 142 22.14 -17.23 30.71
C GLN K 142 22.58 -15.84 31.13
N LYS K 143 22.99 -15.00 30.16
CA LYS K 143 23.56 -13.69 30.46
C LYS K 143 22.49 -12.70 30.89
N VAL K 144 21.34 -12.67 30.22
CA VAL K 144 20.34 -11.64 30.50
C VAL K 144 19.17 -12.19 31.30
N GLY K 145 19.10 -13.49 31.51
CA GLY K 145 17.98 -14.10 32.19
C GLY K 145 16.85 -14.40 31.22
N LEU K 146 16.09 -15.45 31.52
CA LEU K 146 15.04 -15.89 30.60
C LEU K 146 13.98 -14.81 30.40
N GLU K 147 13.55 -14.17 31.48
CA GLU K 147 12.46 -13.19 31.33
C GLU K 147 12.87 -12.05 30.41
N ASN K 148 14.07 -11.48 30.60
CA ASN K 148 14.55 -10.49 29.65
C ASN K 148 14.71 -11.06 28.25
N TYR K 149 15.27 -12.27 28.12
CA TYR K 149 15.48 -12.81 26.78
C TYR K 149 14.15 -12.90 26.02
N LEU K 150 13.13 -13.41 26.69
CA LEU K 150 11.80 -13.50 26.07
C LEU K 150 11.22 -12.12 25.81
N GLN K 151 11.35 -11.19 26.76
CA GLN K 151 10.92 -9.81 26.52
C GLN K 151 11.49 -9.26 25.22
N SER K 152 12.79 -9.50 24.99
CA SER K 152 13.46 -8.98 23.82
C SER K 152 13.00 -9.64 22.54
N HIS K 153 12.18 -10.68 22.61
CA HIS K 153 11.72 -11.39 21.42
C HIS K 153 10.21 -11.33 21.25
N MET K 154 9.57 -10.38 21.94
CA MET K 154 8.13 -10.17 21.79
C MET K 154 7.81 -9.45 20.50
N HIS K 155 8.55 -8.39 20.19
CA HIS K 155 8.28 -7.50 19.07
C HIS K 155 9.31 -7.71 17.97
N GLU K 156 8.86 -7.70 16.71
CA GLU K 156 9.81 -7.74 15.60
C GLU K 156 10.59 -6.42 15.48
N MET L 1 -2.74 67.53 -7.42
CA MET L 1 -3.19 68.30 -8.64
C MET L 1 -4.55 68.92 -8.34
N LYS L 2 -4.72 70.22 -8.57
CA LYS L 2 -5.89 70.92 -8.05
C LYS L 2 -7.10 70.56 -8.90
N GLY L 3 -8.05 69.86 -8.33
CA GLY L 3 -9.26 69.50 -9.05
C GLY L 3 -10.33 70.59 -9.03
N ASP L 4 -11.28 70.41 -9.93
CA ASP L 4 -12.49 71.23 -10.00
C ASP L 4 -13.35 70.96 -8.77
N LYS L 5 -13.82 72.03 -8.12
CA LYS L 5 -14.52 71.89 -6.85
C LYS L 5 -15.78 71.05 -7.00
N LYS L 6 -16.56 71.29 -8.04
CA LYS L 6 -17.78 70.54 -8.21
C LYS L 6 -17.53 69.09 -8.62
N VAL L 7 -16.45 68.80 -9.38
CA VAL L 7 -16.09 67.40 -9.62
C VAL L 7 -15.88 66.68 -8.30
N ILE L 8 -15.06 67.25 -7.43
CA ILE L 8 -14.78 66.64 -6.14
C ILE L 8 -16.06 66.43 -5.34
N GLN L 9 -16.99 67.39 -5.41
CA GLN L 9 -18.27 67.22 -4.74
C GLN L 9 -19.07 66.06 -5.34
N HIS L 10 -19.04 65.92 -6.66
CA HIS L 10 -19.66 64.75 -7.28
C HIS L 10 -18.97 63.48 -6.85
N LEU L 11 -17.63 63.48 -6.82
CA LEU L 11 -16.93 62.26 -6.45
C LEU L 11 -17.27 61.87 -5.02
N ASN L 12 -17.41 62.85 -4.14
CA ASN L 12 -17.80 62.56 -2.78
C ASN L 12 -19.22 62.03 -2.71
N LYS L 13 -20.10 62.51 -3.59
CA LYS L 13 -21.47 61.98 -3.58
C LYS L 13 -21.49 60.53 -4.02
N ILE L 14 -20.71 60.19 -5.05
CA ILE L 14 -20.59 58.80 -5.49
C ILE L 14 -19.98 57.95 -4.38
N LEU L 15 -18.92 58.46 -3.74
CA LEU L 15 -18.33 57.77 -2.60
C LEU L 15 -19.37 57.49 -1.51
N GLY L 16 -20.18 58.50 -1.18
CA GLY L 16 -21.25 58.30 -0.22
C GLY L 16 -22.17 57.16 -0.58
N ASN L 17 -22.55 57.06 -1.86
CA ASN L 17 -23.39 55.96 -2.30
C ASN L 17 -22.69 54.63 -2.13
N GLU L 18 -21.39 54.57 -2.45
CA GLU L 18 -20.66 53.31 -2.32
C GLU L 18 -20.57 52.89 -0.85
N LEU L 19 -20.42 53.85 0.06
CA LEU L 19 -20.32 53.53 1.47
C LEU L 19 -21.63 52.96 1.99
N ILE L 20 -22.76 53.48 1.51
CA ILE L 20 -24.05 52.85 1.82
C ILE L 20 -24.07 51.42 1.32
N ALA L 21 -23.70 51.21 0.05
CA ALA L 21 -23.82 49.88 -0.55
C ALA L 21 -22.91 48.87 0.14
N ILE L 22 -21.68 49.28 0.50
CA ILE L 22 -20.79 48.38 1.24
C ILE L 22 -21.51 47.76 2.42
N ASN L 23 -22.06 48.62 3.31
CA ASN L 23 -22.68 48.13 4.54
C ASN L 23 -23.98 47.38 4.29
N GLN L 24 -24.83 47.91 3.40
CA GLN L 24 -26.07 47.24 3.04
C GLN L 24 -25.80 45.85 2.50
N TYR L 25 -24.88 45.74 1.54
CA TYR L 25 -24.61 44.43 0.97
C TYR L 25 -23.94 43.52 1.99
N PHE L 26 -23.07 44.07 2.83
CA PHE L 26 -22.42 43.22 3.81
C PHE L 26 -23.43 42.69 4.81
N LEU L 27 -24.35 43.53 5.27
CA LEU L 27 -25.37 43.04 6.19
C LEU L 27 -26.27 42.00 5.52
N HIS L 28 -26.77 42.29 4.31
CA HIS L 28 -27.56 41.31 3.58
C HIS L 28 -26.82 39.99 3.43
N SER L 29 -25.52 40.05 3.08
CA SER L 29 -24.71 38.83 2.98
C SER L 29 -24.79 38.02 4.26
N ARG L 30 -24.53 38.66 5.40
CA ARG L 30 -24.45 37.93 6.65
C ARG L 30 -25.83 37.47 7.12
N MET L 31 -26.88 38.23 6.79
CA MET L 31 -28.23 37.77 7.01
C MET L 31 -28.50 36.47 6.24
N TRP L 32 -28.16 36.45 4.95
CA TRP L 32 -28.38 35.27 4.14
C TRP L 32 -27.56 34.07 4.65
N ASN L 33 -26.32 34.31 5.11
CA ASN L 33 -25.55 33.21 5.68
C ASN L 33 -26.21 32.70 6.95
N ASP L 34 -26.66 33.61 7.81
CA ASP L 34 -27.33 33.22 9.03
C ASP L 34 -28.55 32.35 8.73
N TRP L 35 -29.28 32.65 7.65
CA TRP L 35 -30.48 31.88 7.32
C TRP L 35 -30.17 30.61 6.56
N GLY L 36 -28.91 30.35 6.23
CA GLY L 36 -28.57 29.13 5.52
C GLY L 36 -28.63 29.23 4.02
N LEU L 37 -28.78 30.44 3.48
CA LEU L 37 -28.80 30.66 2.04
C LEU L 37 -27.39 31.11 1.60
N LYS L 38 -26.48 30.13 1.66
CA LYS L 38 -25.05 30.45 1.58
C LYS L 38 -24.63 30.91 0.19
N ARG L 39 -25.34 30.50 -0.85
CA ARG L 39 -24.95 30.94 -2.17
C ARG L 39 -25.27 32.41 -2.36
N LEU L 40 -26.41 32.85 -1.82
CA LEU L 40 -26.73 34.27 -1.79
C LEU L 40 -25.76 35.02 -0.89
N GLY L 41 -25.43 34.43 0.25
CA GLY L 41 -24.54 35.12 1.17
C GLY L 41 -23.18 35.37 0.56
N ALA L 42 -22.66 34.38 -0.17
CA ALA L 42 -21.36 34.51 -0.82
C ALA L 42 -21.41 35.52 -1.94
N HIS L 43 -22.44 35.46 -2.77
CA HIS L 43 -22.53 36.39 -3.88
C HIS L 43 -22.61 37.82 -3.38
N GLU L 44 -23.42 38.05 -2.34
CA GLU L 44 -23.60 39.39 -1.80
C GLU L 44 -22.35 39.90 -1.12
N TYR L 45 -21.60 38.99 -0.48
CA TYR L 45 -20.28 39.36 0.02
C TYR L 45 -19.39 39.89 -1.08
N HIS L 46 -19.36 39.20 -2.22
CA HIS L 46 -18.53 39.68 -3.32
C HIS L 46 -19.03 41.00 -3.89
N GLU L 47 -20.35 41.23 -3.90
CA GLU L 47 -20.85 42.54 -4.28
C GLU L 47 -20.36 43.61 -3.31
N SER L 48 -20.38 43.33 -2.01
CA SER L 48 -19.89 44.30 -1.03
CA SER L 48 -19.90 44.33 -1.07
C SER L 48 -18.42 44.62 -1.26
N ILE L 49 -17.59 43.59 -1.46
CA ILE L 49 -16.16 43.80 -1.69
C ILE L 49 -15.93 44.66 -2.93
N ASP L 50 -16.68 44.41 -3.99
CA ASP L 50 -16.54 45.23 -5.20
C ASP L 50 -16.82 46.71 -4.93
N GLU L 51 -17.83 47.01 -4.10
CA GLU L 51 -18.11 48.39 -3.72
C GLU L 51 -16.98 48.96 -2.86
N MET L 52 -16.40 48.14 -2.00
CA MET L 52 -15.22 48.56 -1.26
C MET L 52 -14.10 49.00 -2.20
N LYS L 53 -13.87 48.23 -3.28
CA LYS L 53 -12.82 48.58 -4.22
C LYS L 53 -13.13 49.89 -4.96
N HIS L 54 -14.39 50.08 -5.38
CA HIS L 54 -14.76 51.35 -5.99
C HIS L 54 -14.56 52.51 -5.02
N ALA L 55 -14.95 52.33 -3.76
CA ALA L 55 -14.73 53.39 -2.78
C ALA L 55 -13.26 53.72 -2.66
N ASP L 56 -12.40 52.70 -2.61
CA ASP L 56 -10.96 52.92 -2.60
C ASP L 56 -10.53 53.81 -3.76
N LYS L 57 -10.97 53.49 -4.99
CA LYS L 57 -10.54 54.25 -6.14
C LYS L 57 -11.03 55.69 -6.06
N LEU L 58 -12.25 55.89 -5.56
CA LEU L 58 -12.77 57.24 -5.42
C LEU L 58 -11.99 58.04 -4.39
N ILE L 59 -11.69 57.43 -3.24
CA ILE L 59 -10.89 58.08 -2.20
C ILE L 59 -9.55 58.51 -2.74
N GLU L 60 -8.91 57.59 -3.47
CA GLU L 60 -7.61 57.88 -4.06
C GLU L 60 -7.69 59.05 -5.04
N ARG L 61 -8.72 59.06 -5.91
CA ARG L 61 -8.88 60.15 -6.87
C ARG L 61 -9.11 61.48 -6.16
N ILE L 62 -10.02 61.51 -5.19
CA ILE L 62 -10.29 62.74 -4.44
C ILE L 62 -9.02 63.30 -3.81
N LEU L 63 -8.21 62.44 -3.18
CA LEU L 63 -7.00 62.94 -2.54
C LEU L 63 -6.01 63.45 -3.57
N PHE L 64 -5.89 62.76 -4.71
CA PHE L 64 -5.01 63.24 -5.77
C PHE L 64 -5.44 64.62 -6.25
N LEU L 65 -6.76 64.86 -6.33
CA LEU L 65 -7.30 66.14 -6.76
C LEU L 65 -7.33 67.17 -5.64
N GLU L 66 -6.76 66.84 -4.48
CA GLU L 66 -6.58 67.77 -3.37
C GLU L 66 -7.91 68.12 -2.69
N GLY L 67 -8.86 67.19 -2.69
CA GLY L 67 -10.04 67.30 -1.87
C GLY L 67 -9.96 66.40 -0.66
N LEU L 68 -11.04 66.41 0.14
CA LEU L 68 -11.14 65.59 1.33
C LEU L 68 -12.20 64.54 1.10
N PRO L 69 -11.86 63.26 1.10
CA PRO L 69 -12.89 62.23 0.90
C PRO L 69 -13.77 62.12 2.15
N ASN L 70 -15.07 62.17 1.95
CA ASN L 70 -16.02 62.14 3.07
C ASN L 70 -16.32 60.68 3.41
N LEU L 71 -15.67 60.17 4.46
CA LEU L 71 -16.03 58.87 5.00
C LEU L 71 -16.82 58.96 6.29
N GLN L 72 -17.33 60.15 6.63
CA GLN L 72 -18.00 60.38 7.90
C GLN L 72 -19.51 60.30 7.79
N ASP L 73 -20.06 60.80 6.69
CA ASP L 73 -21.50 60.86 6.49
C ASP L 73 -21.97 59.58 5.80
N LEU L 74 -22.76 58.79 6.50
CA LEU L 74 -23.31 57.55 5.96
C LEU L 74 -24.81 57.73 5.79
N GLY L 75 -25.29 57.60 4.57
CA GLY L 75 -26.68 57.72 4.26
C GLY L 75 -27.46 56.51 4.73
N LYS L 76 -28.72 56.45 4.31
CA LYS L 76 -29.67 55.47 4.83
C LYS L 76 -29.46 54.12 4.16
N LEU L 77 -29.15 53.09 4.95
CA LEU L 77 -29.16 51.73 4.48
C LEU L 77 -30.58 51.26 4.17
N LEU L 78 -30.75 50.53 3.05
CA LEU L 78 -32.03 49.94 2.67
C LEU L 78 -31.96 48.43 2.95
N ILE L 79 -32.47 48.02 4.11
CA ILE L 79 -32.35 46.64 4.56
C ILE L 79 -33.69 45.95 4.35
N GLY L 80 -33.70 44.84 3.60
CA GLY L 80 -34.91 44.06 3.43
C GLY L 80 -35.14 43.11 4.61
N GLU L 81 -36.36 42.57 4.69
CA GLU L 81 -36.71 41.65 5.76
C GLU L 81 -36.89 40.22 5.27
N ASN L 82 -36.76 39.99 3.97
CA ASN L 82 -36.75 38.65 3.40
C ASN L 82 -36.01 38.76 2.06
N THR L 83 -35.77 37.61 1.43
CA THR L 83 -34.86 37.57 0.28
C THR L 83 -35.35 38.49 -0.85
N GLN L 84 -36.63 38.43 -1.18
CA GLN L 84 -37.14 39.28 -2.26
C GLN L 84 -36.96 40.75 -1.96
N GLU L 85 -37.27 41.18 -0.73
CA GLU L 85 -37.11 42.58 -0.36
C GLU L 85 -35.66 42.99 -0.39
N MET L 86 -34.76 42.12 0.09
CA MET L 86 -33.35 42.50 0.15
C MET L 86 -32.83 42.74 -1.26
N LEU L 87 -33.22 41.87 -2.19
CA LEU L 87 -32.77 42.04 -3.57
C LEU L 87 -33.35 43.33 -4.14
N GLN L 88 -34.63 43.61 -3.83
CA GLN L 88 -35.25 44.86 -4.29
CA GLN L 88 -35.23 44.85 -4.32
C GLN L 88 -34.59 46.08 -3.66
N CYS L 89 -34.23 45.97 -2.37
CA CYS L 89 -33.52 47.07 -1.75
C CYS L 89 -32.19 47.33 -2.41
N ASP L 90 -31.46 46.26 -2.76
CA ASP L 90 -30.20 46.45 -3.47
C ASP L 90 -30.47 47.14 -4.81
N LEU L 91 -31.52 46.71 -5.51
CA LEU L 91 -31.80 47.27 -6.83
C LEU L 91 -32.16 48.75 -6.72
N ASN L 92 -33.02 49.09 -5.75
CA ASN L 92 -33.36 50.50 -5.54
C ASN L 92 -32.11 51.32 -5.33
N LEU L 93 -31.21 50.86 -4.46
CA LEU L 93 -29.96 51.59 -4.24
C LEU L 93 -29.15 51.72 -5.52
N GLU L 94 -29.05 50.65 -6.31
CA GLU L 94 -28.25 50.72 -7.53
C GLU L 94 -28.82 51.74 -8.52
N LEU L 95 -30.14 51.84 -8.63
CA LEU L 95 -30.74 52.77 -9.59
C LEU L 95 -30.46 54.21 -9.19
N LYS L 96 -30.51 54.51 -7.89
CA LYS L 96 -30.06 55.82 -7.43
C LYS L 96 -28.58 56.03 -7.73
N ALA L 97 -27.76 54.98 -7.60
CA ALA L 97 -26.32 55.15 -7.78
C ALA L 97 -25.98 55.50 -9.23
N THR L 98 -26.59 54.80 -10.18
CA THR L 98 -26.29 55.06 -11.58
C THR L 98 -26.80 56.45 -11.99
N LYS L 99 -28.00 56.82 -11.52
CA LYS L 99 -28.46 58.19 -11.74
C LYS L 99 -27.38 59.19 -11.36
N ASP L 100 -26.83 59.04 -10.14
CA ASP L 100 -25.82 59.99 -9.69
C ASP L 100 -24.54 59.86 -10.50
N LEU L 101 -24.18 58.65 -10.91
CA LEU L 101 -22.97 58.49 -11.72
C LEU L 101 -23.10 59.27 -13.04
N ARG L 102 -24.25 59.16 -13.70
CA ARG L 102 -24.47 59.84 -14.96
C ARG L 102 -24.31 61.34 -14.81
N GLU L 103 -24.89 61.94 -13.75
CA GLU L 103 -24.77 63.37 -13.54
C GLU L 103 -23.32 63.77 -13.25
N ALA L 104 -22.59 62.96 -12.49
CA ALA L 104 -21.17 63.24 -12.25
C ALA L 104 -20.38 63.23 -13.55
N ILE L 105 -20.63 62.25 -14.41
CA ILE L 105 -19.91 62.19 -15.69
C ILE L 105 -20.23 63.41 -16.53
N VAL L 106 -21.50 63.81 -16.60
CA VAL L 106 -21.86 65.03 -17.32
C VAL L 106 -20.95 66.17 -16.91
N HIS L 107 -20.80 66.39 -15.61
CA HIS L 107 -20.03 67.55 -15.17
C HIS L 107 -18.53 67.35 -15.41
N CYS L 108 -18.01 66.12 -15.24
CA CYS L 108 -16.61 65.89 -15.56
C CYS L 108 -16.32 66.22 -17.02
N GLU L 109 -17.22 65.80 -17.93
CA GLU L 109 -17.06 66.07 -19.34
C GLU L 109 -17.03 67.57 -19.60
N GLN L 110 -17.91 68.33 -18.94
CA GLN L 110 -18.00 69.77 -19.16
C GLN L 110 -16.72 70.49 -18.75
N VAL L 111 -16.09 70.09 -17.63
CA VAL L 111 -14.90 70.78 -17.16
C VAL L 111 -13.61 70.09 -17.59
N HIS L 112 -13.71 69.08 -18.46
CA HIS L 112 -12.57 68.45 -19.14
C HIS L 112 -11.76 67.55 -18.21
N ASP L 113 -12.40 67.04 -17.16
CA ASP L 113 -11.76 66.07 -16.26
C ASP L 113 -12.03 64.67 -16.80
N TYR L 114 -11.33 64.37 -17.89
CA TYR L 114 -11.56 63.12 -18.62
C TYR L 114 -11.13 61.88 -17.85
N VAL L 115 -10.13 61.99 -16.98
CA VAL L 115 -9.70 60.83 -16.20
C VAL L 115 -10.72 60.49 -15.12
N SER L 116 -11.23 61.51 -14.40
CA SER L 116 -12.34 61.25 -13.48
C SER L 116 -13.53 60.67 -14.22
N ARG L 117 -13.83 61.17 -15.43
CA ARG L 117 -14.91 60.57 -16.22
C ARG L 117 -14.68 59.08 -16.44
N ASP L 118 -13.47 58.71 -16.86
CA ASP L 118 -13.14 57.31 -17.16
C ASP L 118 -13.32 56.44 -15.93
N LEU L 119 -12.86 56.91 -14.76
CA LEU L 119 -13.07 56.16 -13.53
C LEU L 119 -14.56 55.96 -13.25
N LEU L 120 -15.34 57.02 -13.36
CA LEU L 120 -16.77 56.92 -13.13
C LEU L 120 -17.45 56.03 -14.15
N LYS L 121 -16.99 56.02 -15.41
CA LYS L 121 -17.58 55.13 -16.42
C LYS L 121 -17.32 53.67 -16.07
N ASP L 122 -16.11 53.36 -15.61
CA ASP L 122 -15.80 52.01 -15.14
C ASP L 122 -16.67 51.60 -13.96
N ILE L 123 -16.85 52.49 -12.98
CA ILE L 123 -17.75 52.19 -11.86
C ILE L 123 -19.17 51.99 -12.37
N LEU L 124 -19.64 52.86 -13.27
CA LEU L 124 -20.98 52.70 -13.83
C LEU L 124 -21.17 51.35 -14.49
N GLU L 125 -20.15 50.88 -15.22
CA GLU L 125 -20.22 49.57 -15.85
C GLU L 125 -20.39 48.47 -14.80
N SER L 126 -19.68 48.56 -13.69
CA SER L 126 -19.86 47.59 -12.61
CA SER L 126 -19.87 47.57 -12.63
C SER L 126 -21.26 47.67 -12.02
N GLU L 127 -21.77 48.89 -11.80
CA GLU L 127 -23.11 49.00 -11.22
C GLU L 127 -24.20 48.51 -12.19
N GLU L 128 -24.04 48.72 -13.52
CA GLU L 128 -25.04 48.16 -14.43
C GLU L 128 -24.95 46.64 -14.43
N GLU L 129 -23.75 46.08 -14.28
CA GLU L 129 -23.64 44.64 -14.11
C GLU L 129 -24.40 44.17 -12.86
N HIS L 130 -24.31 44.92 -11.76
CA HIS L 130 -25.07 44.54 -10.57
C HIS L 130 -26.57 44.62 -10.82
N ILE L 131 -27.02 45.66 -11.48
CA ILE L 131 -28.44 45.78 -11.82
C ILE L 131 -28.89 44.58 -12.66
N ASP L 132 -28.08 44.15 -13.63
CA ASP L 132 -28.43 42.97 -14.42
C ASP L 132 -28.60 41.75 -13.52
N TYR L 133 -27.64 41.52 -12.63
CA TYR L 133 -27.74 40.39 -11.71
C TYR L 133 -29.04 40.46 -10.91
N LEU L 134 -29.32 41.64 -10.34
CA LEU L 134 -30.51 41.79 -9.48
C LEU L 134 -31.81 41.59 -10.26
N GLU L 135 -31.95 42.25 -11.41
CA GLU L 135 -33.16 42.06 -12.20
C GLU L 135 -33.32 40.60 -12.57
N THR L 136 -32.21 39.91 -12.83
CA THR L 136 -32.27 38.50 -13.20
C THR L 136 -32.77 37.65 -12.03
N GLN L 137 -32.25 37.89 -10.81
CA GLN L 137 -32.69 37.13 -9.66
C GLN L 137 -34.17 37.34 -9.39
N LEU L 138 -34.63 38.60 -9.47
CA LEU L 138 -36.04 38.87 -9.20
C LEU L 138 -36.93 38.21 -10.23
N GLY L 139 -36.49 38.18 -11.50
CA GLY L 139 -37.19 37.43 -12.52
C GLY L 139 -37.15 35.93 -12.28
N LEU L 140 -36.03 35.41 -11.76
CA LEU L 140 -35.96 33.97 -11.51
C LEU L 140 -36.94 33.57 -10.41
N ILE L 141 -37.12 34.44 -9.40
CA ILE L 141 -38.09 34.14 -8.35
C ILE L 141 -39.47 33.92 -8.96
N GLN L 142 -39.83 34.77 -9.93
CA GLN L 142 -41.11 34.62 -10.63
C GLN L 142 -41.15 33.34 -11.44
N LYS L 143 -40.06 33.02 -12.13
CA LYS L 143 -40.09 31.89 -13.06
C LYS L 143 -40.03 30.54 -12.36
N VAL L 144 -39.23 30.40 -11.30
CA VAL L 144 -39.06 29.09 -10.67
C VAL L 144 -39.84 28.96 -9.37
N GLY L 145 -40.42 30.03 -8.87
CA GLY L 145 -41.09 30.06 -7.58
C GLY L 145 -40.12 30.39 -6.46
N LEU L 146 -40.64 31.01 -5.41
CA LEU L 146 -39.77 31.46 -4.33
C LEU L 146 -39.10 30.27 -3.64
N GLU L 147 -39.85 29.19 -3.40
CA GLU L 147 -39.28 28.05 -2.68
C GLU L 147 -38.13 27.43 -3.47
N ASN L 148 -38.33 27.18 -4.76
CA ASN L 148 -37.24 26.68 -5.61
C ASN L 148 -36.08 27.66 -5.66
N TYR L 149 -36.34 28.95 -5.80
CA TYR L 149 -35.26 29.92 -5.85
C TYR L 149 -34.42 29.86 -4.58
N LEU L 150 -35.08 29.83 -3.41
CA LEU L 150 -34.34 29.78 -2.16
C LEU L 150 -33.58 28.46 -2.04
N GLN L 151 -34.21 27.35 -2.44
CA GLN L 151 -33.55 26.06 -2.40
C GLN L 151 -32.25 26.10 -3.19
N SER L 152 -32.27 26.74 -4.36
CA SER L 152 -31.11 26.82 -5.24
C SER L 152 -30.00 27.69 -4.69
N HIS L 153 -30.24 28.44 -3.62
CA HIS L 153 -29.19 29.27 -3.03
C HIS L 153 -28.82 28.83 -1.61
N MET L 154 -29.18 27.60 -1.24
CA MET L 154 -28.78 27.06 0.06
C MET L 154 -27.31 26.71 0.07
N HIS L 155 -26.85 25.97 -0.93
CA HIS L 155 -25.49 25.44 -0.98
C HIS L 155 -24.63 26.22 -1.98
N GLU L 156 -23.35 26.36 -1.63
CA GLU L 156 -22.32 26.87 -2.54
C GLU L 156 -21.73 25.77 -3.45
FE FE2 M . 13.98 -5.52 31.21
C18 KTG N . 18.33 46.92 36.24
C19 KTG N . 18.95 45.77 36.81
C20 KTG N . 18.33 44.51 36.74
C21 KTG N . 17.11 44.42 36.04
C02 KTG N . 16.19 43.21 35.76
C04 KTG N . 15.19 45.09 34.79
C05 KTG N . 16.50 45.54 35.47
C06 KTG N . 17.12 46.81 35.56
C08 KTG N . 17.12 49.17 34.54
N03 KTG N . 15.06 43.67 35.02
N07 KTG N . 16.44 47.94 34.94
O01 KTG N . 16.37 42.09 36.08
O22 KTG N . 14.38 45.76 34.20
CHA HEM O . 17.06 28.26 23.43
CHB HEM O . 20.07 27.04 27.02
CHC HEM O . 18.21 30.54 29.76
CHD HEM O . 15.23 31.82 26.20
C1A HEM O . 18.07 27.66 24.15
C2A HEM O . 18.97 26.63 23.66
C3A HEM O . 19.80 26.29 24.65
C4A HEM O . 19.44 27.08 25.81
CMA HEM O . 20.92 25.25 24.60
CAA HEM O . 18.99 26.03 22.23
CBA HEM O . 19.82 26.98 21.36
CGA HEM O . 19.96 26.46 19.95
O1A HEM O . 20.64 25.43 19.75
O2A HEM O . 19.41 27.09 19.04
C1B HEM O . 19.84 27.89 28.07
C2B HEM O . 20.52 27.84 29.34
C3B HEM O . 20.02 28.85 30.10
C4B HEM O . 18.98 29.49 29.35
CMB HEM O . 21.66 26.84 29.60
CAB HEM O . 20.38 29.24 31.54
CBB HEM O . 20.71 28.25 32.37
C1C HEM O . 17.27 31.19 29.02
C2C HEM O . 16.50 32.29 29.52
C3C HEM O . 15.67 32.65 28.55
C4C HEM O . 15.88 31.76 27.42
CMC HEM O . 16.76 32.84 30.95
CAC HEM O . 14.61 33.75 28.45
CBC HEM O . 14.30 34.56 29.46
C1D HEM O . 15.46 30.96 25.14
C2D HEM O . 14.69 30.92 23.91
C3D HEM O . 15.18 29.94 23.15
C4D HEM O . 16.27 29.30 23.87
CMD HEM O . 13.52 31.86 23.61
CAD HEM O . 14.66 29.53 21.75
CBD HEM O . 13.73 28.33 21.93
CGD HEM O . 13.07 27.96 20.63
O1D HEM O . 13.46 26.94 20.02
O2D HEM O . 12.14 28.68 20.17
NA HEM O . 18.39 27.91 25.46
NB HEM O . 18.89 28.89 28.12
NC HEM O . 16.87 30.87 27.74
ND HEM O . 16.41 29.97 25.08
FE HEM O . 17.63 29.43 26.63
O1 PG4 P . 0.31 37.66 25.41
C1 PG4 P . -1.07 37.31 25.18
C2 PG4 P . -1.53 37.79 23.79
O2 PG4 P . -1.00 39.08 23.47
C3 PG4 P . -1.72 39.75 22.42
C4 PG4 P . -1.06 41.06 22.03
O3 PG4 P . -0.67 41.87 23.13
C5 PG4 P . 0.09 43.00 22.70
C6 PG4 P . 1.41 43.11 23.47
O4 PG4 P . 2.27 42.03 23.12
C7 PG4 P . 3.07 41.49 24.19
C8 PG4 P . 2.21 40.93 25.33
O5 PG4 P . 0.88 40.45 24.97
O1 PG4 Q . -8.01 20.46 28.52
C1 PG4 Q . -7.82 21.84 28.13
C2 PG4 Q . -6.39 22.00 27.60
O2 PG4 Q . -5.51 21.27 28.47
C3 PG4 Q . -4.13 21.47 28.20
C4 PG4 Q . -3.36 21.04 29.45
O3 PG4 Q . -3.82 19.77 29.89
C5 PG4 Q . -2.88 19.13 30.76
C6 PG4 Q . -3.42 17.87 31.37
O4 PG4 Q . -3.82 17.01 30.31
C7 PG4 Q . -4.28 15.74 30.75
C8 PG4 Q . -5.39 15.23 29.81
O5 PG4 Q . -6.55 16.09 29.85
FE FE2 R . -37.42 21.58 -6.42
C10 KTG S . -10.80 1.64 37.86
C11 KTG S . -9.59 2.54 38.19
C12 KTG S . -8.58 2.07 39.02
C13 KTG S . -7.48 2.88 39.30
C14 KTG S . -7.39 4.16 38.74
C16 KTG S . -8.39 4.62 37.89
C17 KTG S . -9.48 3.82 37.62
C18 KTG S . -16.15 0.53 37.43
C19 KTG S . -17.34 0.32 36.71
C20 KTG S . -17.76 1.26 35.77
C21 KTG S . -17.00 2.43 35.55
C02 KTG S . -17.18 3.63 34.60
C04 KTG S . -15.19 3.96 35.83
C05 KTG S . -15.82 2.62 36.27
C06 KTG S . -15.39 1.68 37.22
C08 KTG S . -13.22 0.94 38.36
C09 KTG S . -11.93 1.59 38.90
N03 KTG S . -16.07 4.49 34.83
N07 KTG S . -14.15 1.97 37.93
O01 KTG S . -18.02 3.86 33.81
O15 KTG S . -6.26 4.96 39.04
O22 KTG S . -14.18 4.52 36.17
C10 KTG T . -22.86 -28.29 -25.76
C11 KTG T . -21.71 -28.90 -24.93
C12 KTG T . -20.96 -29.96 -25.43
C13 KTG T . -19.91 -30.48 -24.69
C14 KTG T . -19.59 -29.94 -23.44
C16 KTG T . -20.33 -28.86 -22.94
C17 KTG T . -21.38 -28.35 -23.69
C18 KTG T . -27.78 -26.52 -26.96
C19 KTG T . -28.76 -25.52 -27.15
C20 KTG T . -28.95 -24.52 -26.19
C21 KTG T . -28.17 -24.50 -25.03
C02 KTG T . -28.10 -23.55 -23.80
C04 KTG T . -26.45 -25.22 -23.49
C05 KTG T . -27.18 -25.49 -24.83
C06 KTG T . -26.98 -26.50 -25.80
C08 KTG T . -25.26 -28.26 -26.52
C09 KTG T . -24.16 -29.09 -25.84
N03 KTG T . -27.08 -24.06 -22.95
N07 KTG T . -25.95 -27.48 -25.51
O01 KTG T . -28.73 -22.58 -23.53
O15 KTG T . -18.53 -30.47 -22.70
O22 KTG T . -25.55 -25.80 -22.94
CHA HEM U . -20.75 -5.71 -20.65
CHB HEM U . -25.00 -4.81 -22.83
CHC HEM U . -26.27 -9.42 -21.99
CHD HEM U . -22.02 -10.33 -19.85
C1A HEM U . -21.76 -5.09 -21.34
C2A HEM U . -21.71 -3.74 -21.89
C3A HEM U . -22.89 -3.49 -22.49
C4A HEM U . -23.72 -4.66 -22.34
CMA HEM U . -23.33 -2.22 -23.22
CAA HEM U . -20.51 -2.80 -21.79
CBA HEM U . -19.50 -3.20 -22.87
CGA HEM U . -18.37 -2.19 -22.94
O1A HEM U . -18.55 -1.05 -23.46
O2A HEM U . -17.28 -2.53 -22.45
C1B HEM U . -25.69 -6.00 -22.81
C2B HEM U . -27.01 -6.20 -23.38
C3B HEM U . -27.37 -7.48 -23.14
C4B HEM U . -26.28 -8.12 -22.41
CMB HEM U . -27.76 -5.06 -24.11
CAB HEM U . -28.66 -8.22 -23.51
CBB HEM U . -29.79 -7.55 -23.73
C1C HEM U . -25.25 -10.08 -21.35
C2C HEM U . -25.28 -11.45 -20.93
C3C HEM U . -24.11 -11.72 -20.34
C4C HEM U . -23.30 -10.50 -20.36
CMC HEM U . -26.54 -12.35 -21.20
CAC HEM U . -23.56 -12.99 -19.67
CBC HEM U . -24.20 -14.16 -19.70
C1D HEM U . -21.32 -9.15 -19.84
C2D HEM U . -20.05 -8.89 -19.19
C3D HEM U . -19.71 -7.61 -19.44
C4D HEM U . -20.75 -7.02 -20.21
CMD HEM U . -19.29 -9.98 -18.39
CAD HEM U . -18.47 -6.81 -18.97
CBD HEM U . -18.70 -6.44 -17.53
CGD HEM U . -17.42 -5.80 -17.01
O1D HEM U . -17.25 -4.58 -17.25
O2D HEM U . -16.61 -6.49 -16.36
NA HEM U . -23.00 -5.61 -21.63
NB HEM U . -25.29 -7.18 -22.22
NC HEM U . -24.03 -9.51 -20.99
ND HEM U . -21.70 -7.97 -20.44
FE HEM U . -23.52 -7.58 -21.32
O1 PG4 V . -17.30 -19.65 -7.39
C1 PG4 V . -17.22 -18.99 -6.11
C2 PG4 V . -15.75 -18.69 -5.81
O2 PG4 V . -15.00 -19.90 -5.93
C3 PG4 V . -13.60 -19.73 -6.08
C4 PG4 V . -12.96 -21.06 -6.48
O3 PG4 V . -13.68 -21.70 -7.55
C5 PG4 V . -12.88 -22.70 -8.17
C6 PG4 V . -13.58 -23.41 -9.32
O4 PG4 V . -13.55 -22.57 -10.49
C7 PG4 V . -14.43 -22.96 -11.55
O1 PG4 W . -23.74 -7.27 5.68
C1 PG4 W . -23.03 -7.83 4.55
C2 PG4 W . -23.35 -7.15 3.21
O2 PG4 W . -24.76 -6.98 3.05
C3 PG4 W . -25.20 -6.17 1.94
C4 PG4 W . -26.72 -6.05 1.95
O3 PG4 W . -27.13 -4.69 1.86
C5 PG4 W . -28.04 -4.22 2.86
C6 PG4 W . -27.96 -2.71 2.93
O4 PG4 W . -27.87 -2.24 4.28
FE FE2 X . 2.78 -28.37 -33.13
C18 KTG Y . 54.69 -19.50 -29.68
C19 KTG Y . 53.82 -20.07 -30.62
C20 KTG Y . 52.54 -20.49 -30.21
C21 KTG Y . 52.15 -20.33 -28.86
C02 KTG Y . 50.85 -20.68 -28.12
C04 KTG Y . 52.32 -19.71 -26.58
C05 KTG Y . 53.02 -19.77 -27.95
C06 KTG Y . 54.30 -19.35 -28.34
C08 KTG Y . 56.33 -17.96 -27.73
N03 KTG Y . 51.02 -20.29 -26.75
N07 KTG Y . 55.18 -18.75 -27.34
O01 KTG Y . 49.88 -21.17 -28.60
O22 KTG Y . 52.77 -19.30 -25.54
CHA HEM Z . 33.20 -12.38 -27.86
CHB HEM Z . 33.14 -14.87 -32.03
CHC HEM Z . 37.13 -17.27 -30.68
CHD HEM Z . 37.22 -14.77 -26.52
C1A HEM Z . 32.85 -12.79 -29.14
C2A HEM Z . 31.78 -12.26 -29.98
C3A HEM Z . 31.78 -12.95 -31.13
C4A HEM Z . 32.82 -13.96 -31.06
CMA HEM Z . 30.83 -12.72 -32.32
CAA HEM Z . 30.84 -11.08 -29.65
CBA HEM Z . 31.66 -9.85 -29.32
CGA HEM Z . 30.85 -8.58 -29.57
O1A HEM Z . 29.80 -8.63 -30.26
O2A HEM Z . 31.29 -7.51 -29.07
C1B HEM Z . 34.22 -15.72 -32.04
C2B HEM Z . 34.60 -16.61 -33.10
C3B HEM Z . 35.70 -17.27 -32.73
C4B HEM Z . 36.04 -16.83 -31.40
CMB HEM Z . 33.82 -16.72 -34.44
CAB HEM Z . 36.49 -18.36 -33.49
CBB HEM Z . 35.85 -19.26 -34.21
C1C HEM Z . 37.51 -16.79 -29.45
C2C HEM Z . 38.67 -17.22 -28.71
C3C HEM Z . 38.71 -16.53 -27.55
C4C HEM Z . 37.55 -15.65 -27.54
CMC HEM Z . 39.64 -18.28 -29.29
CAC HEM Z . 39.71 -16.57 -26.37
CBC HEM Z . 40.74 -17.40 -26.24
C1D HEM Z . 36.12 -13.93 -26.50
C2D HEM Z . 35.71 -13.08 -25.39
C3D HEM Z . 34.60 -12.42 -25.76
C4D HEM Z . 34.26 -12.82 -27.11
CMD HEM Z . 36.42 -12.98 -24.02
CAD HEM Z . 33.80 -11.42 -24.90
CBD HEM Z . 32.85 -12.16 -23.94
CGD HEM Z . 32.04 -11.14 -23.21
O1D HEM Z . 31.21 -10.45 -23.85
O2D HEM Z . 32.22 -11.01 -21.97
NA HEM Z . 33.45 -13.83 -29.83
NB HEM Z . 35.13 -15.89 -31.00
NC HEM Z . 36.85 -15.83 -28.71
ND HEM Z . 35.22 -13.74 -27.52
FE HEM Z . 35.12 -14.83 -29.30
O1 PG4 AA . 23.27 -26.56 -6.93
C1 PG4 AA . 24.62 -27.02 -7.12
C2 PG4 AA . 25.46 -25.99 -7.91
O2 PG4 AA . 25.89 -26.57 -9.14
C3 PG4 AA . 25.95 -25.69 -10.26
C4 PG4 AA . 26.04 -26.53 -11.53
O3 PG4 AA . 24.83 -27.29 -11.68
C5 PG4 AA . 24.93 -28.31 -12.66
C6 PG4 AA . 23.55 -28.73 -13.11
O4 PG4 AA . 22.74 -28.91 -11.95
C7 PG4 AA . 21.38 -29.19 -12.27
C8 PG4 AA . 20.57 -29.16 -10.97
O5 PG4 AA . 21.47 -29.28 -9.83
O2 PG4 BA . 19.11 -14.28 -37.00
C3 PG4 BA . 20.48 -14.60 -36.73
C4 PG4 BA . 21.31 -14.46 -38.02
O3 PG4 BA . 20.85 -15.42 -38.98
C5 PG4 BA . 21.40 -15.27 -40.29
C6 PG4 BA . 20.76 -16.31 -41.22
O4 PG4 BA . 19.39 -15.95 -41.46
C7 PG4 BA . 18.58 -16.98 -42.07
C8 PG4 BA . 17.13 -16.50 -42.21
O5 PG4 BA . 17.00 -15.40 -43.11
C10 KTG CA . -37.67 5.90 15.27
C11 KTG CA . -38.03 5.47 13.84
C12 KTG CA . -39.14 6.00 13.19
C13 KTG CA . -39.46 5.61 11.89
C14 KTG CA . -38.65 4.68 11.23
C16 KTG CA . -37.53 4.16 11.88
C17 KTG CA . -37.22 4.55 13.17
C18 KTG CA . -36.82 5.80 20.46
C19 KTG CA . -36.00 5.83 21.62
C20 KTG CA . -34.80 5.11 21.66
C21 KTG CA . -34.40 4.35 20.56
C02 KTG CA . -33.15 3.48 20.29
C04 KTG CA . -34.51 3.41 18.35
C05 KTG CA . -35.20 4.32 19.40
C06 KTG CA . -36.42 5.04 19.35
C08 KTG CA . -38.29 5.84 17.77
C09 KTG CA . -38.70 5.49 16.34
N03 KTG CA . -33.30 2.96 18.96
N07 KTG CA . -37.19 4.95 18.12
O01 KTG CA . -32.22 3.25 20.99
O15 KTG CA . -38.96 4.27 9.92
O22 KTG CA . -34.82 3.11 17.23
CHA HEM DA . -14.58 7.17 15.65
CHB HEM DA . -18.87 4.87 15.85
CHC HEM DA . -19.03 5.61 20.65
CHD HEM DA . -14.76 7.85 20.44
C1A HEM DA . -15.71 6.45 15.33
C2A HEM DA . -16.01 5.96 13.99
C3A HEM DA . -17.19 5.31 14.05
C4A HEM DA . -17.68 5.40 15.40
CMA HEM DA . -17.90 4.59 12.87
CAA HEM DA . -15.07 6.14 12.79
CBA HEM DA . -14.08 4.98 12.81
CGA HEM DA . -13.23 4.97 11.56
O1A HEM DA . -13.79 4.73 10.45
O2A HEM DA . -11.98 5.17 11.69
C1B HEM DA . -19.29 4.87 17.16
C2B HEM DA . -20.53 4.30 17.65
C3B HEM DA . -20.56 4.51 18.98
C4B HEM DA . -19.36 5.23 19.37
CMB HEM DA . -21.55 3.56 16.73
CAB HEM DA . -21.65 4.12 19.99
CBB HEM DA . -22.91 3.92 19.58
C1C HEM DA . -17.89 6.27 21.01
C2C HEM DA . -17.54 6.65 22.35
C3C HEM DA . -16.37 7.29 22.29
C4C HEM DA . -15.93 7.30 20.91
CMC HEM DA . -18.48 6.36 23.53
CAC HEM DA . -15.51 7.94 23.39
CBC HEM DA . -15.84 7.97 24.68
C1D HEM DA . -14.35 7.89 19.13
C2D HEM DA . -13.19 8.58 18.63
C3D HEM DA . -13.15 8.39 17.30
C4D HEM DA . -14.28 7.59 16.92
CMD HEM DA . -12.18 9.39 19.49
CAD HEM DA . -12.11 8.92 16.30
CBD HEM DA . -12.67 10.16 15.64
CGD HEM DA . -11.57 10.86 14.87
O1D HEM DA . -11.69 10.89 13.64
O2D HEM DA . -10.56 11.34 15.45
NA HEM DA . -16.74 6.11 16.16
NB HEM DA . -18.62 5.44 18.24
NC HEM DA . -16.89 6.66 20.15
ND HEM DA . -14.98 7.31 18.05
FE HEM DA . -16.81 6.38 18.15
O1 PG4 EA . -8.93 -18.48 10.12
C1 PG4 EA . -10.03 -17.95 9.30
C2 PG4 EA . -10.00 -16.42 9.46
O2 PG4 EA . -10.04 -16.09 10.84
C3 PG4 EA . -9.73 -14.76 11.22
C4 PG4 EA . -9.85 -14.69 12.75
O3 PG4 EA . -8.87 -15.53 13.35
C5 PG4 EA . -8.99 -15.54 14.76
C6 PG4 EA . -7.68 -15.87 15.47
O4 PG4 EA . -6.79 -16.48 14.55
C7 PG4 EA . -5.81 -17.31 15.17
C8 PG4 EA . -4.98 -18.02 14.09
O5 PG4 EA . -5.84 -18.79 13.20
C4 PG4 FA . -2.47 10.32 25.36
O3 PG4 FA . -1.95 10.31 26.69
C5 PG4 FA . -2.61 11.21 27.58
C6 PG4 FA . -2.10 11.02 29.01
O4 PG4 FA . -0.67 11.25 29.07
C7 PG4 FA . -0.06 10.81 30.29
C8 PG4 FA . 1.26 11.58 30.48
O5 PG4 FA . 2.25 11.18 29.51
C10 KTG GA . 4.70 -29.13 22.00
C11 KTG GA . 3.89 -27.97 22.62
C12 KTG GA . 4.02 -27.67 23.97
C13 KTG GA . 3.32 -26.62 24.52
C14 KTG GA . 2.45 -25.87 23.73
C16 KTG GA . 2.30 -26.17 22.37
C17 KTG GA . 3.02 -27.21 21.82
C18 KTG GA . 6.14 -33.46 19.65
C19 KTG GA . 6.58 -34.23 18.54
C20 KTG GA . 6.02 -34.06 17.26
C21 KTG GA . 5.01 -33.09 17.11
C02 KTG GA . 4.21 -32.66 15.87
C04 KTG GA . 3.46 -31.36 17.72
C05 KTG GA . 4.57 -32.32 18.21
C06 KTG GA . 5.14 -32.50 19.48
C08 KTG GA . 5.21 -31.62 21.90
C09 KTG GA . 4.53 -30.49 22.68
N03 KTG GA . 3.32 -31.63 16.31
N07 KTG GA . 4.62 -31.68 20.57
O01 KTG GA . 4.31 -33.06 14.76
O15 KTG GA . 1.73 -24.82 24.33
O22 KTG GA . 2.81 -30.51 18.29
CHA HEM HA . 8.18 -21.11 0.67
CHB HEM HA . 10.17 -25.37 -0.54
CHC HEM HA . 7.67 -27.51 3.06
CHD HEM HA . 5.68 -23.26 4.22
C1A HEM HA . 8.96 -22.08 0.07
C2A HEM HA . 9.92 -21.85 -0.98
C3A HEM HA . 10.46 -23.03 -1.32
C4A HEM HA . 9.86 -24.04 -0.50
CMA HEM HA . 11.54 -23.29 -2.39
CAA HEM HA . 10.24 -20.48 -1.59
CBA HEM HA . 11.28 -19.80 -0.69
CGA HEM HA . 11.76 -18.51 -1.31
O1A HEM HA . 12.51 -18.56 -2.33
O2A HEM HA . 11.41 -17.43 -0.79
C1B HEM HA . 9.65 -26.32 0.34
C2B HEM HA . 9.95 -27.73 0.29
C3B HEM HA . 9.27 -28.31 1.29
C4B HEM HA . 8.50 -27.30 1.98
CMB HEM HA . 10.93 -28.37 -0.72
CAB HEM HA . 9.23 -29.80 1.66
CBB HEM HA . 9.29 -30.72 0.68
C1C HEM HA . 6.92 -26.56 3.69
C2C HEM HA . 6.07 -26.79 4.85
C3C HEM HA . 5.51 -25.60 5.14
C4C HEM HA . 6.01 -24.61 4.21
CMC HEM HA . 5.92 -28.20 5.46
CAC HEM HA . 4.48 -25.19 6.22
CBC HEM HA . 3.93 -26.06 7.05
C1D HEM HA . 6.15 -22.30 3.37
C2D HEM HA . 5.77 -20.90 3.31
C3D HEM HA . 6.45 -20.31 2.32
C4D HEM HA . 7.29 -21.31 1.71
CMD HEM HA . 4.72 -20.24 4.20
CAD HEM HA . 6.37 -18.84 1.85
CBD HEM HA . 5.34 -18.78 0.71
CGD HEM HA . 5.06 -17.33 0.36
O1D HEM HA . 5.61 -16.87 -0.67
O2D HEM HA . 4.32 -16.63 1.08
NA HEM HA . 8.94 -23.44 0.35
NB HEM HA . 8.76 -26.08 1.37
NC HEM HA . 6.88 -25.22 3.34
ND HEM HA . 7.09 -22.51 2.37
FE HEM HA . 7.90 -24.32 1.84
C10 KTG IA . -19.10 35.88 -56.40
C11 KTG IA . -18.20 34.74 -56.95
C12 KTG IA . -17.42 35.00 -58.05
C13 KTG IA . -16.59 34.01 -58.57
C14 KTG IA . -16.56 32.75 -57.97
C16 KTG IA . -17.36 32.47 -56.84
C17 KTG IA . -18.18 33.48 -56.34
C18 KTG IA . -23.45 38.24 -54.92
C19 KTG IA . -24.33 38.73 -53.93
C20 KTG IA . -24.72 37.91 -52.87
C21 KTG IA . -24.23 36.59 -52.81
C02 KTG IA . -24.46 35.48 -51.78
C04 KTG IA . -22.98 34.64 -53.43
C05 KTG IA . -23.36 36.11 -53.78
C06 KTG IA . -22.96 36.94 -54.85
C08 KTG IA . -21.23 37.21 -56.70
C09 KTG IA . -20.21 36.29 -57.37
N03 KTG IA . -23.69 34.37 -52.20
N07 KTG IA . -22.06 36.39 -55.84
O01 KTG IA . -25.12 35.51 -50.80
O15 KTG IA . -15.72 31.77 -58.53
O22 KTG IA . -22.27 33.86 -54.01
O1 PG4 JA . -18.19 16.71 -47.80
C1 PG4 JA . -18.38 15.48 -47.07
C2 PG4 JA . -17.02 14.79 -46.90
O2 PG4 JA . -16.34 14.82 -48.15
C3 PG4 JA . -14.93 14.62 -48.06
C4 PG4 JA . -14.30 14.77 -49.43
O3 PG4 JA . -14.64 16.03 -50.00
C5 PG4 JA . -13.56 16.49 -50.82
C6 PG4 JA . -14.02 17.56 -51.81
O4 PG4 JA . -13.69 18.92 -51.48
C7 PG4 JA . -14.15 19.32 -50.18
C8 PG4 JA . -14.88 20.65 -50.21
O5 PG4 JA . -16.24 20.41 -49.77
C10 KTG KA . 39.25 -13.50 27.13
C18 KTG KA . 44.35 -12.10 27.00
C19 KTG KA . 45.48 -11.39 26.56
C20 KTG KA . 45.76 -11.31 25.19
C21 KTG KA . 44.91 -11.96 24.27
C02 KTG KA . 44.93 -12.07 22.73
C04 KTG KA . 43.03 -13.26 23.51
C05 KTG KA . 43.78 -12.67 24.73
C06 KTG KA . 43.50 -12.74 26.10
C08 KTG KA . 41.70 -13.50 27.77
C09 KTG KA . 40.42 -14.32 27.68
N03 KTG KA . 43.80 -12.85 22.37
N07 KTG KA . 42.32 -13.51 26.46
O01 KTG KA . 45.69 -11.60 21.97
O22 KTG KA . 42.02 -13.93 23.42
CHA HEM LA . 39.80 0.27 8.45
CHB HEM LA . 44.17 1.90 9.81
CHC HEM LA . 44.82 -2.26 12.21
CHD HEM LA . 40.50 -3.88 10.88
C1A HEM LA . 40.88 1.07 8.63
C2A HEM LA . 41.03 2.44 8.16
C3A HEM LA . 42.24 2.89 8.56
C4A HEM LA . 42.91 1.82 9.24
CMA HEM LA . 42.86 4.27 8.34
CAA HEM LA . 39.94 3.24 7.40
CBA HEM LA . 39.17 4.09 8.41
CGA HEM LA . 38.14 4.98 7.73
O1A HEM LA . 38.44 6.13 7.34
O2A HEM LA . 36.99 4.53 7.59
C1B HEM LA . 44.74 0.92 10.58
C2B HEM LA . 46.06 0.97 11.18
C3B HEM LA . 46.22 -0.17 11.87
C4B HEM LA . 45.05 -1.00 11.68
CMB HEM LA . 46.97 2.19 11.06
CAB HEM LA . 47.44 -0.65 12.68
CBB HEM LA . 48.65 -0.19 12.37
C1C HEM LA . 43.71 -3.07 12.08
C2C HEM LA . 43.53 -4.39 12.67
C3C HEM LA . 42.33 -4.85 12.29
C4C HEM LA . 41.73 -3.83 11.45
CMC HEM LA . 44.61 -5.04 13.55
CAC HEM LA . 41.56 -6.17 12.56
CBC HEM LA . 42.03 -7.17 13.31
C1D HEM LA . 39.96 -2.89 10.08
C2D HEM LA . 38.69 -2.99 9.39
C3D HEM LA . 38.49 -1.84 8.71
C4D HEM LA . 39.62 -0.99 8.95
CMD HEM LA . 37.79 -4.22 9.45
CAD HEM LA . 37.28 -1.46 7.81
CBD HEM LA . 37.52 -2.03 6.41
CGD HEM LA . 36.36 -1.68 5.48
O1D HEM LA . 36.38 -0.58 4.89
O2D HEM LA . 35.43 -2.51 5.34
NA HEM LA . 42.05 0.74 9.29
NB HEM LA . 44.17 -0.29 10.89
NC HEM LA . 42.58 -2.76 11.34
ND HEM LA . 40.48 -1.66 9.80
FE HEM LA . 42.32 -0.99 10.34
O1 PG4 MA . 41.41 -18.06 -10.78
C1 PG4 MA . 40.20 -18.23 -10.01
C2 PG4 MA . 40.38 -17.62 -8.64
O2 PG4 MA . 41.41 -16.64 -8.68
C3 PG4 MA . 41.22 -15.61 -7.71
C4 PG4 MA . 42.58 -15.02 -7.37
O3 PG4 MA . 43.45 -15.14 -8.49
C5 PG4 MA . 44.79 -14.98 -8.04
C6 PG4 MA . 45.67 -14.36 -9.10
O4 PG4 MA . 45.28 -14.86 -10.36
C7 PG4 MA . 45.98 -14.20 -11.40
C8 PG4 MA . 45.46 -14.61 -12.80
O5 PG4 MA . 44.58 -15.77 -12.76
C4 PG4 NA . 48.58 12.04 1.51
O3 PG4 NA . 49.98 12.05 1.79
C5 PG4 NA . 50.39 13.01 2.76
C6 PG4 NA . 51.86 13.36 2.53
O4 PG4 NA . 51.95 14.43 1.58
C7 PG4 NA . 53.27 14.76 1.14
C8 PG4 NA . 53.23 16.07 0.35
O5 PG4 NA . 52.76 15.84 -1.00
C10 KTG OA . -43.32 0.43 -21.63
C11 KTG OA . -43.12 1.84 -22.20
C12 KTG OA . -43.97 2.89 -21.83
C13 KTG OA . -43.75 4.16 -22.32
C14 KTG OA . -42.69 4.41 -23.20
C16 KTG OA . -41.83 3.37 -23.57
C17 KTG OA . -42.04 2.09 -23.06
C18 KTG OA . -43.66 -4.84 -21.75
C19 KTG OA . -43.13 -6.13 -21.68
C20 KTG OA . -42.00 -6.49 -22.41
C21 KTG OA . -41.37 -5.53 -23.22
C02 KTG OA . -40.11 -5.59 -24.13
C04 KTG OA . -41.02 -3.39 -24.24
C05 KTG OA . -41.90 -4.23 -23.30
C06 KTG OA . -43.05 -3.88 -22.56
C08 KTG OA . -44.45 -1.86 -21.76
C09 KTG OA . -44.54 -0.37 -22.12
N03 KTG OA . -39.99 -4.27 -24.70
N07 KTG OA . -43.52 -2.51 -22.69
O01 KTG OA . -39.35 -6.49 -24.37
O15 KTG OA . -42.50 5.71 -23.70
O22 KTG OA . -41.12 -2.24 -24.57
O1 PG4 PA . -27.42 5.81 -34.74
C1 PG4 PA . -26.69 6.02 -35.96
C2 PG4 PA . -26.13 7.43 -35.96
O2 PG4 PA . -26.96 8.25 -35.13
C3 PG4 PA . -26.59 9.62 -35.30
C4 PG4 PA . -27.23 10.46 -34.23
O3 PG4 PA . -28.58 10.07 -34.04
C5 PG4 PA . -29.15 10.93 -33.07
C6 PG4 PA . -30.58 10.51 -32.79
O4 PG4 PA . -30.63 9.77 -31.56
C7 PG4 PA . -30.37 8.42 -31.88
C8 PG4 PA . -30.58 7.46 -30.73
O5 PG4 PA . -30.08 6.21 -31.22
C4 PG4 QA . -11.32 -18.49 -17.17
O3 PG4 QA . -11.26 -19.90 -17.28
C5 PG4 QA . -12.26 -20.58 -16.50
C6 PG4 QA . -12.00 -22.09 -16.52
O4 PG4 QA . -10.60 -22.38 -16.35
C7 PG4 QA . -10.24 -23.72 -16.75
C8 PG4 QA . -8.95 -24.11 -16.04
O5 PG4 QA . -7.80 -23.58 -16.71
C10 KTG RA . 62.62 2.76 6.47
C11 KTG RA . 62.76 4.18 5.91
C12 KTG RA . 63.70 4.47 4.90
C13 KTG RA . 63.81 5.75 4.39
C14 KTG RA . 62.99 6.77 4.88
C16 KTG RA . 62.06 6.50 5.88
C17 KTG RA . 61.94 5.21 6.38
C18 KTG RA . 62.36 -1.30 9.86
C19 KTG RA . 61.74 -2.29 10.65
C20 KTG RA . 60.62 -1.96 11.43
C21 KTG RA . 60.15 -0.63 11.43
C02 KTG RA . 58.97 0.03 12.15
C04 KTG RA . 60.04 1.68 10.84
C05 KTG RA . 60.77 0.34 10.64
C06 KTG RA . 61.88 0.02 9.86
C08 KTG RA . 63.48 0.94 8.04
C09 KTG RA . 63.75 2.34 7.43
N03 KTG RA . 58.96 1.43 11.77
N07 KTG RA . 62.48 1.11 9.09
O01 KTG RA . 58.22 -0.49 12.89
O15 KTG RA . 63.11 8.07 4.37
O22 KTG RA . 60.29 2.74 10.33
O1 PG4 SA . 48.72 17.40 12.29
C1 PG4 SA . 47.90 18.47 12.83
C2 PG4 SA . 47.47 19.34 11.64
O2 PG4 SA . 48.61 19.60 10.82
C3 PG4 SA . 48.30 20.27 9.59
C4 PG4 SA . 49.63 20.60 8.94
O3 PG4 SA . 50.36 19.40 8.67
C5 PG4 SA . 51.47 19.63 7.81
C6 PG4 SA . 52.41 18.43 7.74
O4 PG4 SA . 51.70 17.34 7.17
C7 PG4 SA . 52.41 16.11 7.21
C8 PG4 SA . 51.49 15.05 7.83
O5 PG4 SA . 51.40 15.22 9.27
O1 PG4 TA . 23.73 2.90 41.10
C1 PG4 TA . 22.32 2.88 41.38
C2 PG4 TA . 21.96 4.07 42.26
O2 PG4 TA . 22.19 5.28 41.51
C3 PG4 TA . 21.76 6.41 42.26
C4 PG4 TA . 21.88 7.62 41.37
O3 PG4 TA . 23.24 7.87 41.08
C5 PG4 TA . 23.36 9.18 40.52
C6 PG4 TA . 24.83 9.53 40.36
O4 PG4 TA . 25.47 8.65 39.44
C7 PG4 TA . 26.85 9.00 39.35
C8 PG4 TA . 27.39 8.60 37.99
O5 PG4 TA . 27.53 7.18 38.00
C10 KTG UA . 9.26 -41.34 -10.55
C11 KTG UA . 10.31 -41.04 -11.62
C12 KTG UA . 10.17 -41.58 -12.88
C13 KTG UA . 11.12 -41.29 -13.86
C14 KTG UA . 12.20 -40.47 -13.57
C16 KTG UA . 12.33 -39.92 -12.29
C17 KTG UA . 11.39 -40.20 -11.32
C18 KTG UA . 7.40 -42.93 -5.89
C19 KTG UA . 6.95 -42.75 -4.57
C20 KTG UA . 7.62 -41.89 -3.69
C21 KTG UA . 8.76 -41.20 -4.13
C02 KTG UA . 9.72 -40.20 -3.45
C04 KTG UA . 10.47 -40.53 -5.67
C05 KTG UA . 9.22 -41.40 -5.45
C06 KTG UA . 8.54 -42.26 -6.33
C08 KTG UA . 8.34 -42.92 -8.79
C09 KTG UA . 9.23 -42.79 -10.03
N03 KTG UA . 10.72 -39.85 -4.43
N07 KTG UA . 9.08 -42.39 -7.67
O01 KTG UA . 9.70 -39.76 -2.34
O15 KTG UA . 13.15 -40.19 -14.56
O22 KTG UA . 11.14 -40.40 -6.66
O1 PG4 VA . 33.94 -18.36 7.44
C1 PG4 VA . 33.76 -18.78 6.08
C2 PG4 VA . 32.30 -18.61 5.66
O2 PG4 VA . 31.48 -19.39 6.52
C3 PG4 VA . 30.10 -19.04 6.59
C4 PG4 VA . 29.47 -19.82 7.75
O3 PG4 VA . 29.87 -19.22 8.99
C5 PG4 VA . 29.51 -19.96 10.16
C6 PG4 VA . 29.55 -19.08 11.39
O4 PG4 VA . 30.54 -18.06 11.22
C7 PG4 VA . 30.85 -17.35 12.43
C8 PG4 VA . 32.03 -16.42 12.19
O5 PG4 VA . 33.03 -17.04 11.33
C10 KTG WA . -7.22 65.90 7.01
C11 KTG WA . -6.21 66.17 5.88
C12 KTG WA . -5.12 66.99 6.11
C13 KTG WA . -4.20 67.23 5.10
C14 KTG WA . -4.36 66.63 3.85
C16 KTG WA . -5.45 65.80 3.61
C17 KTG WA . -6.38 65.57 4.63
C18 KTG WA . -11.76 65.15 9.45
C19 KTG WA . -12.86 64.43 9.91
C20 KTG WA . -13.56 63.57 9.06
C21 KTG WA . -13.14 63.41 7.73
C02 KTG WA . -13.65 62.56 6.55
C04 KTG WA . -11.80 63.77 5.80
C05 KTG WA . -12.03 64.13 7.28
C06 KTG WA . -11.34 65.00 8.12
C08 KTG WA . -9.27 66.54 8.34
C09 KTG WA . -8.17 67.04 7.39
N03 KTG WA . -12.81 62.82 5.42
N07 KTG WA . -10.19 65.71 7.57
O01 KTG WA . -14.58 61.80 6.54
O15 KTG WA . -3.42 66.87 2.84
O22 KTG WA . -10.93 64.19 5.09
CHA HEM XA . -11.71 43.63 2.29
CHB HEM XA . -15.36 43.67 5.50
CHC HEM XA . -15.86 48.47 4.91
CHD HEM XA . -12.19 48.46 1.73
C1A HEM XA . -12.62 43.23 3.24
C2A HEM XA . -12.73 41.91 3.82
C3A HEM XA . -13.73 41.91 4.70
C4A HEM XA . -14.30 43.24 4.72
CMA HEM XA . -14.20 40.71 5.56
CAA HEM XA . -11.83 40.71 3.45
CBA HEM XA . -10.76 40.51 4.51
CGA HEM XA . -9.89 39.34 4.11
O1A HEM XA . -10.39 38.18 4.17
O2A HEM XA . -8.72 39.56 3.71
C1B HEM XA . -15.81 44.96 5.61
C2B HEM XA . -16.92 45.40 6.43
C3B HEM XA . -17.06 46.72 6.29
C4B HEM XA . -16.05 47.17 5.33
CMB HEM XA . -17.71 44.39 7.29
CAB HEM XA . -18.09 47.68 6.92
CBB HEM XA . -19.28 47.27 7.37
C1C HEM XA . -14.91 48.89 4.00
C2C HEM XA . -14.75 50.24 3.51
C3C HEM XA . -13.73 50.24 2.62
C4C HEM XA . -13.23 48.89 2.52
CMC HEM XA . -15.66 51.38 4.03
CAC HEM XA . -13.08 51.38 1.78
CBC HEM XA . -13.56 52.62 1.67
C1D HEM XA . -11.77 47.15 1.56
C2D HEM XA . -10.76 46.67 0.63
C3D HEM XA . -10.63 45.35 0.79
C4D HEM XA . -11.54 44.93 1.83
CMD HEM XA . -9.98 47.55 -0.37
CAD HEM XA . -9.69 44.41 0.03
CBD HEM XA . -10.51 43.64 -1.00
CGD HEM XA . -9.60 42.91 -1.95
O1D HEM XA . -9.10 41.81 -1.59
O2D HEM XA . -9.37 43.43 -3.07
NA HEM XA . -13.60 44.01 3.81
NB HEM XA . -15.30 46.07 4.95
NC HEM XA . -13.97 48.09 3.37
ND HEM XA . -12.22 46.05 2.27
FE HEM XA . -13.78 46.00 3.61
O1 PG4 YA . -8.44 56.80 -12.09
C1 PG4 YA . -8.71 56.57 -13.47
C2 PG4 YA . -7.36 56.33 -14.15
O2 PG4 YA . -6.35 56.87 -13.31
C3 PG4 YA . -5.05 56.80 -13.90
C4 PG4 YA . -4.29 58.09 -13.63
O3 PG4 YA . -4.20 58.31 -12.23
C5 PG4 YA . -3.47 59.48 -11.89
C6 PG4 YA . -3.08 59.44 -10.43
O4 PG4 YA . -4.27 59.23 -9.69
C7 PG4 YA . -3.98 58.87 -8.35
C8 PG4 YA . -5.28 58.64 -7.59
O5 PG4 YA . -6.36 58.19 -8.46
#